data_8XFC
#
_entry.id   8XFC
#
_cell.length_a   1.00
_cell.length_b   1.00
_cell.length_c   1.00
_cell.angle_alpha   90.00
_cell.angle_beta   90.00
_cell.angle_gamma   90.00
#
_symmetry.space_group_name_H-M   'P 1'
#
loop_
_entity.id
_entity.type
_entity.pdbx_description
1 polymer 'Probable dipeptide-transport integral membrane protein ABC transporter DppB'
2 polymer 'Probable dipeptide-transport integral membrane protein ABC transporter DppC'
3 polymer 'Probable dipeptide-transport ATP-binding protein ABC transporter DppD'
4 polymer 'Probable periplasmic dipeptide-binding lipoprotein DppA'
5 non-polymer "ADENOSINE-5'-TRIPHOSPHATE"
#
loop_
_entity_poly.entity_id
_entity_poly.type
_entity_poly.pdbx_seq_one_letter_code
_entity_poly.pdbx_strand_id
1 'polypeptide(L)'
;MGWYVARRVAVMVPVFLGATLLIYGMVFLLPGDPVAALAGDRPLTPAVAAQLRSHYHLDDPFLVQYLRYLGGILHGDLGR
AYSGLPVSAVLAHAFPVTIRLALIALAVEAVLGIGFGVIAGLRQGGIFDSAVLVTGLVIIAIPIFVLGFLAQFLFGVQLE
IAPVTVGERASVGRLLLPGIVLGAMSFAYVVRLTRSAVAANAHADYVRTATAKGLSRPRVVTVHILRNSLIPVVTFLGAD
LGALMGGAIVTEGIFNIHGVGGVLYQAVTRQETPTVVSIVTVLVLIYLITNLLVDLLYAALDPRIRYG
;
B
2 'polypeptide(L)'
;MAEHTGFWLDAWRGLRRRPKFVIAAALILLILVVAAFPSLFTAADPTYADPSQSMLAPSAAHWFGTDLQGHDIYSRTVYG
ARASVTVGLGATLAVFVVGGALGALAGFYGSWIDAVVSRVTDVFLGLPLLLAAIVLMQVMHHRTVWTVIAILALFGWPQV
ARIARGAVLEVRASDYVLAAKALGLNRFQILLRHALPNAVGPVIAVATVALGIFIVTEATLSYLGVGLPTSVVSWGGDIN
VAQTRLRSGSPILFYPAGALAITVLAFMMMGDALRDALDPASRAWRA
;
C
3 'polypeptide(L)'
;MSVPAAPLLSVEGLEVTFGTDAPAVCGVDLAVRSGQTVAVVGESGSGKSTTAAAILGLLPAGGRITAGRVVFDGRDITGA
DAKRLRSIRGREIGYVPQDPMTNLNPVWKVGFQVTEALRANTDGRAARRRAVELLAEAGLPDPAKQAGRYPHQLSGGMCQ
RALIAIGLAGRPRLLIADQPTSALDVTVQRQVLDHLQGLTDELGTALLLITHDLALAAQRAEAVVVVRRGVVVESGAAQS
ILQSPQHEYTRRLVAAAPSLTARSRRPPESRSRATTQAGDILVVSELTKIYRESRGAPWRRVESRAVDGVSFRLPRASTL
AIVGESGSGKSTLARMVLGLLQPTSGTVVFDGTYDVGALARDQVLAFRRRVQPVFQNPYSSLDPMYSVFRAIEEPLRVHH
VGDRRQRQRAVRELVDQVALPSSILGRRPRELSGGQRQRVAIARALALRPEVLVCDQAVSALDVLVQAQILDLLADLQAD
LGLTYLFISHDLAVIRQIADDVLVMRAGRVVEHASTEEVFSRPRHEYTRQLLQAIPGAPSAPRKVGNL
;
D
4 'polypeptide(L)'
;CGGGVLSPDVVLVNGGEPPNPLIPTGTNDSNGGRIIDRLFAGLMSYDAVGKPSLEVAQSIESADNVNYRITVKPGWKFTD
GSPVTAHSFVDAWNYGALSTNAQLQQHFFSPIEGFDDVAGAPGDKSRTTMSGLRVVNDLEFTVRLKAPTIDFTLRLGHSS
FYPLPDSAFRDMAAFGRNPIGNGPYKLADGPAGPAWEHNVRIDLVPNPDYHGNRKPRNKGLRFEFYANLDTAYADLLSGN
LDVLDTIPPSALTVYQRDLGDHATSGPAAINQTLDTPLRLPHFGGEEGRLRRLALSAAINRPQICQQIFAGTRSPARDFT
ARSLPGFDPNLPGNEVLDYDPQRARRLWAQADAISPWSGRYAIAYNADAGHRDWVDAVANSIKNVLGIDAVAAPQPTFAG
FRTQITNRAIDSAFRAGWRGAYPSMIEFLAPLFTAGAGSNDVGYINPEFDAALAAAEAAPTLTESHELVNDAQRILFHDM
PVVPLWDYISVVGWSSQVSNVTVTWNGLPDYENIVKA
;
A
#
loop_
_chem_comp.id
_chem_comp.type
_chem_comp.name
_chem_comp.formula
ATP non-polymer ADENOSINE-5'-TRIPHOSPHATE 'C10 H16 N5 O13 P3'
#
# COMPACT_ATOMS: atom_id res chain seq x y z
N MET A 1 -3.32 10.72 31.68
CA MET A 1 -4.38 10.91 30.71
C MET A 1 -4.39 12.36 30.23
N GLY A 2 -4.86 13.25 31.08
CA GLY A 2 -4.88 14.66 30.74
C GLY A 2 -3.51 15.23 30.47
N TRP A 3 -2.53 14.86 31.29
CA TRP A 3 -1.15 15.29 31.08
C TRP A 3 -0.43 14.40 30.07
N TYR A 4 -1.05 13.31 29.64
CA TYR A 4 -0.52 12.52 28.55
C TYR A 4 -0.88 13.08 27.19
N VAL A 5 -2.15 13.46 27.00
CA VAL A 5 -2.55 14.03 25.72
C VAL A 5 -1.85 15.36 25.49
N ALA A 6 -1.55 16.07 26.57
CA ALA A 6 -0.79 17.31 26.45
C ALA A 6 0.60 17.10 25.89
N ARG A 7 1.07 15.85 25.95
CA ARG A 7 2.40 15.46 25.41
C ARG A 7 2.22 14.86 24.01
N ARG A 8 1.15 14.07 23.82
CA ARG A 8 0.86 13.44 22.54
C ARG A 8 0.49 14.46 21.48
N VAL A 9 -0.07 15.59 21.86
CA VAL A 9 -0.35 16.66 20.90
C VAL A 9 0.91 17.46 20.60
N ALA A 10 1.63 17.86 21.65
CA ALA A 10 2.82 18.70 21.46
C ALA A 10 3.90 17.97 20.67
N VAL A 11 3.89 16.65 20.66
CA VAL A 11 4.91 15.90 19.94
C VAL A 11 4.51 15.81 18.47
N MET A 12 3.31 16.31 18.14
CA MET A 12 2.79 16.19 16.80
C MET A 12 2.93 17.44 15.95
N VAL A 13 2.75 18.63 16.53
CA VAL A 13 2.90 19.87 15.75
C VAL A 13 4.19 19.89 14.94
N PRO A 14 5.36 19.56 15.50
CA PRO A 14 6.57 19.51 14.66
C PRO A 14 6.45 18.53 13.51
N VAL A 15 5.76 17.40 13.70
CA VAL A 15 5.55 16.47 12.60
C VAL A 15 4.80 17.15 11.46
N PHE A 16 3.75 17.89 11.79
CA PHE A 16 2.96 18.57 10.78
C PHE A 16 3.79 19.61 10.04
N LEU A 17 4.46 20.49 10.80
CA LEU A 17 5.32 21.48 10.16
C LEU A 17 6.35 20.83 9.26
N GLY A 18 7.01 19.77 9.75
CA GLY A 18 8.05 19.14 8.96
C GLY A 18 7.53 18.51 7.69
N ALA A 19 6.40 17.78 7.79
CA ALA A 19 5.84 17.15 6.61
C ALA A 19 5.44 18.20 5.57
N THR A 20 4.77 19.26 6.01
CA THR A 20 4.33 20.27 5.05
C THR A 20 5.52 20.99 4.44
N LEU A 21 6.55 21.27 5.24
CA LEU A 21 7.75 21.90 4.69
C LEU A 21 8.42 21.00 3.68
N LEU A 22 8.47 19.69 3.96
CA LEU A 22 9.08 18.77 3.01
C LEU A 22 8.31 18.75 1.70
N ILE A 23 6.99 18.74 1.77
CA ILE A 23 6.17 18.81 0.55
C ILE A 23 6.50 20.09 -0.22
N TYR A 24 6.32 21.24 0.42
CA TYR A 24 6.55 22.51 -0.25
C TYR A 24 8.02 22.75 -0.60
N GLY A 25 8.92 21.86 -0.19
CA GLY A 25 10.30 22.00 -0.56
C GLY A 25 10.70 21.17 -1.76
N MET A 26 10.33 19.88 -1.74
CA MET A 26 10.70 19.02 -2.86
C MET A 26 10.25 19.60 -4.19
N VAL A 27 9.05 20.14 -4.23
CA VAL A 27 8.65 21.08 -5.27
C VAL A 27 9.04 22.46 -4.77
N PHE A 28 9.41 23.34 -5.70
CA PHE A 28 9.83 24.72 -5.47
C PHE A 28 11.27 24.83 -4.96
N LEU A 29 11.99 23.72 -4.73
CA LEU A 29 13.41 23.82 -4.49
C LEU A 29 14.22 23.13 -5.58
N LEU A 30 13.91 21.87 -5.88
CA LEU A 30 14.79 21.04 -6.69
C LEU A 30 14.84 21.43 -8.16
N PRO A 31 13.71 21.44 -8.90
CA PRO A 31 13.82 21.50 -10.36
C PRO A 31 14.12 22.89 -10.91
N GLY A 32 15.13 23.55 -10.35
CA GLY A 32 15.51 24.88 -10.77
C GLY A 32 14.32 25.84 -10.79
N ASP A 33 13.94 26.28 -11.97
CA ASP A 33 12.72 27.07 -12.11
C ASP A 33 11.51 26.17 -11.96
N PRO A 34 10.66 26.37 -10.94
CA PRO A 34 9.51 25.48 -10.77
C PRO A 34 8.48 25.60 -11.88
N VAL A 35 8.46 26.72 -12.61
CA VAL A 35 7.50 26.89 -13.69
C VAL A 35 7.77 25.91 -14.83
N ALA A 36 8.97 25.36 -14.90
CA ALA A 36 9.26 24.36 -15.93
C ALA A 36 8.52 23.06 -15.65
N ALA A 37 8.41 22.67 -14.38
CA ALA A 37 7.74 21.43 -14.04
C ALA A 37 6.25 21.63 -13.77
N LEU A 38 5.84 22.82 -13.33
CA LEU A 38 4.44 23.07 -13.04
C LEU A 38 3.57 23.17 -14.28
N ALA A 39 4.15 23.10 -15.47
CA ALA A 39 3.38 23.18 -16.71
C ALA A 39 2.73 21.86 -17.08
N GLY A 40 3.30 20.74 -16.66
CA GLY A 40 2.72 19.46 -17.03
C GLY A 40 2.94 19.16 -18.50
N ASP A 41 1.85 19.05 -19.25
CA ASP A 41 1.89 18.68 -20.65
C ASP A 41 1.63 19.85 -21.60
N ARG A 42 0.64 20.68 -21.31
CA ARG A 42 0.25 21.75 -22.20
C ARG A 42 1.42 22.72 -22.41
N PRO A 43 1.51 23.34 -23.58
CA PRO A 43 2.62 24.25 -23.85
C PRO A 43 2.60 25.43 -22.91
N LEU A 44 3.78 26.02 -22.72
CA LEU A 44 3.96 27.15 -21.82
C LEU A 44 3.81 28.45 -22.60
N THR A 45 2.92 29.31 -22.14
CA THR A 45 2.70 30.63 -22.73
C THR A 45 2.74 31.67 -21.64
N PRO A 46 3.12 32.91 -21.99
CA PRO A 46 3.13 33.98 -20.98
C PRO A 46 1.74 34.26 -20.43
N ALA A 47 0.71 33.85 -21.17
CA ALA A 47 -0.66 34.00 -20.72
C ALA A 47 -1.00 33.13 -19.51
N VAL A 48 -0.41 31.94 -19.42
CA VAL A 48 -0.57 31.09 -18.25
C VAL A 48 0.62 31.18 -17.31
N ALA A 49 1.80 31.55 -17.82
CA ALA A 49 3.01 31.69 -17.01
C ALA A 49 2.94 32.85 -16.02
N ALA A 50 1.84 33.61 -16.02
CA ALA A 50 1.69 34.72 -15.10
C ALA A 50 0.61 34.52 -14.05
N GLN A 51 -0.41 33.70 -14.32
CA GLN A 51 -1.46 33.50 -13.32
C GLN A 51 -0.97 32.68 -12.14
N LEU A 52 -0.16 31.66 -12.39
CA LEU A 52 0.40 30.86 -11.31
C LEU A 52 1.47 31.61 -10.53
N ARG A 53 2.13 32.58 -11.16
CA ARG A 53 3.06 33.42 -10.42
C ARG A 53 2.33 34.23 -9.35
N SER A 54 1.18 34.81 -9.69
CA SER A 54 0.43 35.58 -8.72
C SER A 54 -0.22 34.70 -7.65
N HIS A 55 -0.59 33.47 -8.02
CA HIS A 55 -1.19 32.55 -7.06
C HIS A 55 -0.18 31.89 -6.14
N TYR A 56 1.06 31.73 -6.59
CA TYR A 56 2.10 31.11 -5.79
C TYR A 56 3.11 32.08 -5.22
N HIS A 57 3.21 33.28 -5.79
CA HIS A 57 4.13 34.31 -5.31
C HIS A 57 5.58 33.80 -5.33
N LEU A 58 6.06 33.53 -6.53
CA LEU A 58 7.39 32.99 -6.74
C LEU A 58 8.46 34.06 -6.91
N ASP A 59 8.24 35.24 -6.32
CA ASP A 59 9.17 36.35 -6.43
C ASP A 59 9.88 36.68 -5.12
N ASP A 60 9.35 36.23 -3.99
CA ASP A 60 9.83 36.61 -2.67
C ASP A 60 10.41 35.40 -1.95
N PRO A 61 11.04 35.56 -0.76
CA PRO A 61 11.74 34.43 -0.12
C PRO A 61 10.90 33.17 0.09
N PHE A 62 11.61 32.07 0.32
CA PHE A 62 10.97 30.77 0.56
C PHE A 62 9.99 30.81 1.72
N LEU A 63 10.34 31.53 2.78
CA LEU A 63 9.54 31.49 4.01
C LEU A 63 8.16 32.11 3.79
N VAL A 64 8.12 33.28 3.16
CA VAL A 64 6.84 33.98 2.99
C VAL A 64 5.94 33.24 2.02
N GLN A 65 6.50 32.73 0.92
CA GLN A 65 5.67 31.95 0.01
C GLN A 65 5.17 30.68 0.67
N TYR A 66 6.00 30.04 1.51
CA TYR A 66 5.57 28.87 2.25
C TYR A 66 4.38 29.19 3.16
N LEU A 67 4.50 30.26 3.95
CA LEU A 67 3.45 30.56 4.91
C LEU A 67 2.17 31.00 4.21
N ARG A 68 2.34 31.73 3.10
CA ARG A 68 1.18 32.19 2.29
C ARG A 68 0.48 30.95 1.73
N TYR A 69 1.25 29.97 1.25
CA TYR A 69 0.70 28.74 0.72
C TYR A 69 -0.10 28.01 1.80
N LEU A 70 0.45 27.94 3.01
CA LEU A 70 -0.29 27.34 4.12
C LEU A 70 -1.58 28.08 4.38
N GLY A 71 -1.52 29.41 4.39
CA GLY A 71 -2.73 30.19 4.62
C GLY A 71 -3.80 29.93 3.59
N GLY A 72 -3.40 29.88 2.31
CA GLY A 72 -4.35 29.58 1.26
C GLY A 72 -4.95 28.20 1.39
N ILE A 73 -4.11 27.20 1.75
CA ILE A 73 -4.63 25.85 1.94
C ILE A 73 -5.64 25.82 3.08
N LEU A 74 -5.34 26.48 4.18
CA LEU A 74 -6.23 26.42 5.33
C LEU A 74 -7.52 27.20 5.10
N HIS A 75 -7.45 28.31 4.36
CA HIS A 75 -8.64 29.13 4.16
C HIS A 75 -9.65 28.51 3.22
N GLY A 76 -9.33 27.37 2.62
CA GLY A 76 -10.27 26.73 1.71
C GLY A 76 -10.13 27.21 0.28
N ASP A 77 -8.90 27.27 -0.21
CA ASP A 77 -8.60 27.67 -1.59
C ASP A 77 -7.39 26.85 -2.03
N LEU A 78 -7.62 25.93 -2.96
CA LEU A 78 -6.62 24.94 -3.32
C LEU A 78 -6.08 25.13 -4.74
N GLY A 79 -6.58 26.13 -5.47
CA GLY A 79 -6.14 26.38 -6.82
C GLY A 79 -7.30 26.33 -7.80
N ARG A 80 -6.99 25.91 -9.02
CA ARG A 80 -8.00 25.78 -10.06
C ARG A 80 -7.69 24.57 -10.92
N ALA A 81 -8.69 23.71 -11.12
CA ALA A 81 -8.48 22.44 -11.78
C ALA A 81 -8.21 22.65 -13.27
N TYR A 82 -7.99 21.55 -13.98
CA TYR A 82 -7.75 21.61 -15.42
C TYR A 82 -8.99 22.12 -16.15
N SER A 83 -10.16 21.83 -15.61
CA SER A 83 -11.42 22.24 -16.22
C SER A 83 -11.89 23.62 -15.75
N GLY A 84 -11.00 24.46 -15.24
CA GLY A 84 -11.36 25.79 -14.82
C GLY A 84 -12.14 25.87 -13.52
N LEU A 85 -12.45 24.77 -12.90
CA LEU A 85 -13.20 24.80 -11.66
C LEU A 85 -12.28 24.78 -10.46
N PRO A 86 -12.69 25.36 -9.33
CA PRO A 86 -11.87 25.29 -8.13
C PRO A 86 -11.84 23.87 -7.58
N VAL A 87 -10.67 23.46 -7.12
CA VAL A 87 -10.48 22.09 -6.66
C VAL A 87 -11.36 21.79 -5.45
N SER A 88 -11.58 22.80 -4.60
CA SER A 88 -12.39 22.58 -3.40
C SER A 88 -13.77 22.05 -3.74
N ALA A 89 -14.41 22.61 -4.77
CA ALA A 89 -15.74 22.14 -5.13
C ALA A 89 -15.72 20.70 -5.58
N VAL A 90 -14.71 20.32 -6.37
CA VAL A 90 -14.60 18.94 -6.80
C VAL A 90 -14.44 18.01 -5.61
N LEU A 91 -13.59 18.38 -4.66
CA LEU A 91 -13.41 17.54 -3.49
C LEU A 91 -14.71 17.41 -2.69
N ALA A 92 -15.41 18.53 -2.50
CA ALA A 92 -16.65 18.50 -1.74
C ALA A 92 -17.70 17.65 -2.43
N HIS A 93 -17.69 17.63 -3.77
CA HIS A 93 -18.65 16.80 -4.48
C HIS A 93 -18.19 15.37 -4.65
N ALA A 94 -16.94 15.06 -4.31
CA ALA A 94 -16.39 13.73 -4.50
C ALA A 94 -16.20 12.94 -3.20
N PHE A 95 -16.21 13.60 -2.04
CA PHE A 95 -16.05 12.83 -0.81
C PHE A 95 -17.08 11.73 -0.57
N PRO A 96 -18.36 11.92 -0.87
CA PRO A 96 -19.35 10.90 -0.49
C PRO A 96 -19.04 9.49 -0.99
N VAL A 97 -18.74 9.34 -2.28
CA VAL A 97 -18.62 7.99 -2.83
C VAL A 97 -17.36 7.31 -2.33
N THR A 98 -16.27 8.05 -2.19
CA THR A 98 -15.05 7.44 -1.67
C THR A 98 -15.20 7.08 -0.20
N ILE A 99 -15.91 7.90 0.58
CA ILE A 99 -16.20 7.54 1.96
C ILE A 99 -17.04 6.27 2.00
N ARG A 100 -18.03 6.18 1.14
CA ARG A 100 -18.89 5.00 1.13
C ARG A 100 -18.12 3.75 0.75
N LEU A 101 -17.16 3.86 -0.16
CA LEU A 101 -16.35 2.70 -0.53
C LEU A 101 -15.41 2.31 0.60
N ALA A 102 -14.75 3.29 1.20
CA ALA A 102 -13.85 2.99 2.31
C ALA A 102 -14.60 2.37 3.48
N LEU A 103 -15.86 2.76 3.68
CA LEU A 103 -16.64 2.19 4.77
C LEU A 103 -16.82 0.70 4.61
N ILE A 104 -17.28 0.26 3.43
CA ILE A 104 -17.51 -1.17 3.22
C ILE A 104 -16.19 -1.93 3.23
N ALA A 105 -15.13 -1.32 2.69
CA ALA A 105 -13.83 -1.97 2.72
C ALA A 105 -13.38 -2.22 4.17
N LEU A 106 -13.38 -1.18 4.99
CA LEU A 106 -12.99 -1.30 6.38
C LEU A 106 -13.90 -2.27 7.13
N ALA A 107 -15.20 -2.26 6.82
CA ALA A 107 -16.12 -3.13 7.51
C ALA A 107 -15.80 -4.59 7.26
N VAL A 108 -15.71 -4.98 5.99
CA VAL A 108 -15.40 -6.37 5.67
C VAL A 108 -14.05 -6.75 6.27
N GLU A 109 -13.06 -5.86 6.12
CA GLU A 109 -11.75 -6.10 6.73
C GLU A 109 -11.88 -6.45 8.20
N ALA A 110 -12.40 -5.50 8.99
CA ALA A 110 -12.46 -5.67 10.43
C ALA A 110 -13.19 -6.94 10.80
N VAL A 111 -14.42 -7.10 10.31
CA VAL A 111 -15.27 -8.19 10.81
C VAL A 111 -14.70 -9.55 10.40
N LEU A 112 -14.38 -9.71 9.11
CA LEU A 112 -13.87 -11.01 8.67
C LEU A 112 -12.53 -11.33 9.31
N GLY A 113 -11.61 -10.35 9.32
CA GLY A 113 -10.31 -10.59 9.92
C GLY A 113 -10.41 -10.98 11.37
N ILE A 114 -11.12 -10.19 12.17
CA ILE A 114 -11.22 -10.49 13.59
C ILE A 114 -11.89 -11.84 13.81
N GLY A 115 -12.99 -12.10 13.11
CA GLY A 115 -13.67 -13.38 13.29
C GLY A 115 -12.77 -14.56 13.01
N PHE A 116 -12.19 -14.61 11.80
CA PHE A 116 -11.36 -15.75 11.45
C PHE A 116 -10.13 -15.82 12.34
N GLY A 117 -9.57 -14.67 12.73
CA GLY A 117 -8.39 -14.70 13.57
C GLY A 117 -8.66 -15.29 14.93
N VAL A 118 -9.75 -14.87 15.57
CA VAL A 118 -10.03 -15.43 16.90
C VAL A 118 -10.42 -16.90 16.78
N ILE A 119 -11.13 -17.26 15.71
CA ILE A 119 -11.50 -18.67 15.56
C ILE A 119 -10.26 -19.53 15.39
N ALA A 120 -9.25 -19.03 14.67
CA ALA A 120 -8.01 -19.78 14.53
C ALA A 120 -7.17 -19.77 15.79
N GLY A 121 -7.14 -18.66 16.52
CA GLY A 121 -6.31 -18.55 17.70
C GLY A 121 -6.83 -19.35 18.88
N LEU A 122 -8.14 -19.47 19.01
CA LEU A 122 -8.65 -20.24 20.14
C LEU A 122 -8.51 -21.73 19.95
N ARG A 123 -8.20 -22.19 18.74
CA ARG A 123 -7.89 -23.60 18.51
C ARG A 123 -6.69 -23.65 17.56
N GLN A 124 -5.51 -23.66 18.14
CA GLN A 124 -4.29 -23.64 17.34
C GLN A 124 -3.95 -25.05 16.86
N GLY A 125 -2.89 -25.14 16.06
CA GLY A 125 -2.46 -26.39 15.50
C GLY A 125 -3.45 -27.06 14.57
N GLY A 126 -4.60 -26.44 14.34
CA GLY A 126 -5.63 -27.05 13.53
C GLY A 126 -5.40 -26.87 12.04
N ILE A 127 -6.01 -27.79 11.28
CA ILE A 127 -6.01 -27.67 9.83
C ILE A 127 -6.57 -26.32 9.41
N PHE A 128 -7.59 -25.83 10.13
CA PHE A 128 -8.14 -24.53 9.84
C PHE A 128 -7.12 -23.43 10.04
N ASP A 129 -6.35 -23.50 11.13
CA ASP A 129 -5.31 -22.50 11.37
C ASP A 129 -4.27 -22.52 10.26
N SER A 130 -3.79 -23.72 9.89
CA SER A 130 -2.82 -23.81 8.82
C SER A 130 -3.38 -23.22 7.52
N ALA A 131 -4.64 -23.53 7.22
CA ALA A 131 -5.23 -23.07 5.97
C ALA A 131 -5.36 -21.55 5.96
N VAL A 132 -5.82 -20.96 7.05
CA VAL A 132 -5.99 -19.51 7.06
C VAL A 132 -4.63 -18.82 7.03
N LEU A 133 -3.61 -19.41 7.66
CA LEU A 133 -2.29 -18.80 7.60
C LEU A 133 -1.74 -18.82 6.18
N VAL A 134 -1.83 -19.96 5.50
CA VAL A 134 -1.27 -20.04 4.16
C VAL A 134 -2.08 -19.17 3.20
N THR A 135 -3.39 -19.06 3.42
CA THR A 135 -4.21 -18.22 2.55
C THR A 135 -3.86 -16.75 2.74
N GLY A 136 -3.73 -16.29 4.00
CA GLY A 136 -3.28 -14.94 4.22
C GLY A 136 -1.92 -14.68 3.59
N LEU A 137 -1.03 -15.66 3.67
CA LEU A 137 0.30 -15.49 3.09
C LEU A 137 0.22 -15.31 1.58
N VAL A 138 -0.53 -16.18 0.90
CA VAL A 138 -0.58 -16.10 -0.56
C VAL A 138 -1.30 -14.85 -1.00
N ILE A 139 -2.28 -14.39 -0.22
CA ILE A 139 -2.97 -13.14 -0.56
C ILE A 139 -2.04 -11.95 -0.41
N ILE A 140 -1.19 -11.97 0.63
CA ILE A 140 -0.28 -10.85 0.87
C ILE A 140 0.57 -10.55 -0.36
N ALA A 141 0.91 -11.57 -1.13
CA ALA A 141 1.88 -11.40 -2.22
C ALA A 141 1.32 -10.56 -3.36
N ILE A 142 0.12 -10.86 -3.81
CA ILE A 142 -0.41 -10.24 -5.02
C ILE A 142 -0.56 -8.74 -4.80
N PRO A 143 -0.10 -7.89 -5.73
CA PRO A 143 -0.35 -6.46 -5.60
C PRO A 143 -1.83 -6.16 -5.72
N ILE A 144 -2.18 -4.93 -5.34
CA ILE A 144 -3.60 -4.56 -5.30
C ILE A 144 -4.18 -4.50 -6.70
N PHE A 145 -3.46 -3.89 -7.65
CA PHE A 145 -4.02 -3.71 -8.98
C PHE A 145 -4.04 -5.00 -9.78
N VAL A 146 -3.09 -5.91 -9.54
CA VAL A 146 -3.13 -7.21 -10.19
C VAL A 146 -4.36 -7.98 -9.75
N LEU A 147 -4.63 -7.97 -8.44
CA LEU A 147 -5.83 -8.63 -7.94
C LEU A 147 -7.08 -7.96 -8.48
N GLY A 148 -7.05 -6.63 -8.62
CA GLY A 148 -8.19 -5.93 -9.19
C GLY A 148 -8.46 -6.34 -10.62
N PHE A 149 -7.41 -6.44 -11.43
CA PHE A 149 -7.57 -6.92 -12.79
C PHE A 149 -8.14 -8.32 -12.83
N LEU A 150 -7.57 -9.23 -12.03
CA LEU A 150 -8.08 -10.60 -12.00
C LEU A 150 -9.56 -10.60 -11.64
N ALA A 151 -9.93 -9.83 -10.62
CA ALA A 151 -11.32 -9.79 -10.19
C ALA A 151 -12.23 -9.28 -11.28
N GLN A 152 -11.94 -8.08 -11.81
CA GLN A 152 -12.84 -7.50 -12.79
C GLN A 152 -12.95 -8.39 -14.01
N PHE A 153 -11.84 -8.95 -14.48
CA PHE A 153 -11.90 -9.87 -15.60
C PHE A 153 -12.82 -11.03 -15.28
N LEU A 154 -12.44 -11.84 -14.28
CA LEU A 154 -13.13 -13.10 -14.05
C LEU A 154 -14.60 -12.90 -13.74
N PHE A 155 -14.98 -11.78 -13.11
CA PHE A 155 -16.35 -11.60 -12.68
C PHE A 155 -17.14 -10.61 -13.52
N GLY A 156 -16.55 -10.01 -14.55
CA GLY A 156 -17.30 -9.10 -15.38
C GLY A 156 -17.26 -9.45 -16.84
N VAL A 157 -16.19 -10.10 -17.30
CA VAL A 157 -16.05 -10.40 -18.71
C VAL A 157 -16.37 -11.85 -19.02
N GLN A 158 -15.85 -12.78 -18.22
CA GLN A 158 -16.16 -14.18 -18.43
C GLN A 158 -17.63 -14.46 -18.17
N LEU A 159 -18.08 -14.22 -16.94
CA LEU A 159 -19.49 -14.33 -16.58
C LEU A 159 -19.93 -13.00 -15.99
N GLU A 160 -20.97 -12.41 -16.58
CA GLU A 160 -21.40 -11.08 -16.22
C GLU A 160 -22.34 -11.10 -15.03
N ILE A 161 -21.78 -11.19 -13.82
CA ILE A 161 -22.57 -11.20 -12.60
C ILE A 161 -22.37 -9.95 -11.77
N ALA A 162 -21.36 -9.14 -12.07
CA ALA A 162 -21.11 -7.88 -11.40
C ALA A 162 -20.66 -6.87 -12.44
N PRO A 163 -21.02 -5.60 -12.26
CA PRO A 163 -20.70 -4.59 -13.29
C PRO A 163 -19.20 -4.40 -13.43
N VAL A 164 -18.72 -4.50 -14.67
CA VAL A 164 -17.29 -4.29 -14.94
C VAL A 164 -16.92 -2.81 -14.90
N THR A 165 -17.91 -1.92 -14.90
CA THR A 165 -17.64 -0.48 -14.87
C THR A 165 -18.67 0.15 -13.94
N VAL A 166 -18.21 0.71 -12.83
CA VAL A 166 -19.09 1.39 -11.89
C VAL A 166 -19.12 2.85 -12.32
N GLY A 167 -19.97 3.14 -13.31
CA GLY A 167 -20.07 4.49 -13.79
C GLY A 167 -21.21 5.26 -13.14
N GLU A 168 -20.88 6.04 -12.11
CA GLU A 168 -21.74 7.05 -11.49
C GLU A 168 -23.04 6.47 -10.95
N ARG A 169 -23.23 5.16 -11.07
CA ARG A 169 -24.37 4.46 -10.47
C ARG A 169 -23.81 3.68 -9.28
N ALA A 170 -23.70 4.36 -8.14
CA ALA A 170 -22.90 3.89 -7.02
C ALA A 170 -23.73 3.16 -5.97
N SER A 171 -24.74 2.42 -6.41
CA SER A 171 -25.45 1.54 -5.49
C SER A 171 -24.48 0.54 -4.88
N VAL A 172 -24.68 0.27 -3.59
CA VAL A 172 -23.74 -0.56 -2.84
C VAL A 172 -23.63 -1.95 -3.45
N GLY A 173 -24.72 -2.43 -4.07
CA GLY A 173 -24.66 -3.69 -4.77
C GLY A 173 -23.61 -3.71 -5.86
N ARG A 174 -23.34 -2.55 -6.47
CA ARG A 174 -22.30 -2.45 -7.48
C ARG A 174 -20.95 -2.10 -6.90
N LEU A 175 -20.90 -1.50 -5.71
CA LEU A 175 -19.65 -1.18 -5.04
C LEU A 175 -19.10 -2.33 -4.23
N LEU A 176 -19.86 -3.42 -4.09
CA LEU A 176 -19.41 -4.55 -3.29
C LEU A 176 -18.07 -5.09 -3.78
N LEU A 177 -17.99 -5.42 -5.06
CA LEU A 177 -16.76 -6.04 -5.59
C LEU A 177 -15.54 -5.16 -5.38
N PRO A 178 -15.54 -3.88 -5.76
CA PRO A 178 -14.33 -3.06 -5.50
C PRO A 178 -13.99 -2.94 -4.04
N GLY A 179 -14.99 -2.93 -3.16
CA GLY A 179 -14.70 -2.89 -1.73
C GLY A 179 -13.91 -4.11 -1.27
N ILE A 180 -14.37 -5.30 -1.66
CA ILE A 180 -13.64 -6.53 -1.32
C ILE A 180 -12.24 -6.49 -1.90
N VAL A 181 -12.12 -6.07 -3.17
CA VAL A 181 -10.81 -6.03 -3.81
C VAL A 181 -9.87 -5.11 -3.03
N LEU A 182 -10.38 -3.97 -2.58
CA LEU A 182 -9.55 -3.03 -1.84
C LEU A 182 -9.20 -3.54 -0.46
N GLY A 183 -10.13 -4.23 0.20
CA GLY A 183 -9.94 -4.58 1.59
C GLY A 183 -9.25 -5.90 1.86
N ALA A 184 -9.15 -6.77 0.86
CA ALA A 184 -8.54 -8.08 1.08
C ALA A 184 -7.09 -7.98 1.55
N MET A 185 -6.33 -7.06 0.94
CA MET A 185 -4.92 -6.92 1.30
C MET A 185 -4.76 -6.64 2.78
N SER A 186 -5.52 -5.68 3.31
CA SER A 186 -5.45 -5.37 4.72
C SER A 186 -6.05 -6.48 5.58
N PHE A 187 -7.06 -7.17 5.06
CA PHE A 187 -7.67 -8.28 5.81
C PHE A 187 -6.66 -9.37 6.08
N ALA A 188 -5.73 -9.59 5.15
CA ALA A 188 -4.69 -10.61 5.36
C ALA A 188 -3.80 -10.22 6.53
N TYR A 189 -3.24 -9.01 6.50
CA TYR A 189 -2.48 -8.50 7.64
C TYR A 189 -3.25 -8.66 8.94
N VAL A 190 -4.53 -8.29 8.93
CA VAL A 190 -5.31 -8.31 10.16
C VAL A 190 -5.42 -9.72 10.71
N VAL A 191 -5.79 -10.68 9.85
CA VAL A 191 -5.99 -12.04 10.35
C VAL A 191 -4.66 -12.61 10.85
N ARG A 192 -3.55 -12.35 10.14
CA ARG A 192 -2.27 -12.87 10.60
C ARG A 192 -1.91 -12.30 11.97
N LEU A 193 -1.95 -10.98 12.10
CA LEU A 193 -1.58 -10.33 13.34
C LEU A 193 -2.45 -10.80 14.50
N THR A 194 -3.78 -10.82 14.30
CA THR A 194 -4.66 -11.17 15.41
C THR A 194 -4.55 -12.64 15.77
N ARG A 195 -4.31 -13.52 14.79
CA ARG A 195 -4.11 -14.92 15.12
C ARG A 195 -2.88 -15.09 15.99
N SER A 196 -1.77 -14.46 15.60
CA SER A 196 -0.57 -14.55 16.42
C SER A 196 -0.82 -13.98 17.81
N ALA A 197 -1.50 -12.84 17.89
CA ALA A 197 -1.73 -12.20 19.18
C ALA A 197 -2.55 -13.10 20.11
N VAL A 198 -3.63 -13.67 19.59
CA VAL A 198 -4.47 -14.52 20.44
C VAL A 198 -3.73 -15.78 20.83
N ALA A 199 -3.00 -16.39 19.89
CA ALA A 199 -2.29 -17.62 20.21
C ALA A 199 -1.20 -17.39 21.24
N ALA A 200 -0.64 -16.17 21.29
CA ALA A 200 0.37 -15.86 22.30
C ALA A 200 -0.25 -15.37 23.59
N ASN A 201 -1.48 -14.87 23.55
CA ASN A 201 -2.14 -14.33 24.73
C ASN A 201 -2.91 -15.37 25.52
N ALA A 202 -3.36 -16.44 24.87
CA ALA A 202 -4.17 -17.42 25.60
C ALA A 202 -3.36 -18.32 26.51
N HIS A 203 -2.10 -18.01 26.80
CA HIS A 203 -1.29 -18.86 27.67
C HIS A 203 -0.75 -18.13 28.89
N ALA A 204 -1.02 -16.83 29.00
CA ALA A 204 -0.42 -16.04 30.06
C ALA A 204 -0.91 -16.52 31.43
N ASP A 205 -0.29 -16.00 32.48
CA ASP A 205 -0.58 -16.47 33.83
C ASP A 205 -1.90 -15.96 34.36
N TYR A 206 -2.21 -14.67 34.14
CA TYR A 206 -3.45 -14.14 34.69
C TYR A 206 -4.66 -14.88 34.17
N VAL A 207 -4.62 -15.36 32.93
CA VAL A 207 -5.70 -16.19 32.41
C VAL A 207 -5.82 -17.47 33.23
N ARG A 208 -4.68 -18.07 33.60
CA ARG A 208 -4.71 -19.29 34.38
C ARG A 208 -5.31 -19.03 35.76
N THR A 209 -4.80 -18.03 36.46
CA THR A 209 -5.33 -17.74 37.79
C THR A 209 -6.76 -17.23 37.75
N ALA A 210 -7.24 -16.75 36.59
CA ALA A 210 -8.63 -16.38 36.47
C ALA A 210 -9.51 -17.60 36.25
N THR A 211 -9.17 -18.46 35.29
CA THR A 211 -9.95 -19.67 35.11
C THR A 211 -9.89 -20.59 36.31
N ALA A 212 -8.94 -20.40 37.21
CA ALA A 212 -8.85 -21.21 38.42
C ALA A 212 -9.99 -20.93 39.40
N LYS A 213 -10.64 -19.77 39.31
CA LYS A 213 -11.67 -19.40 40.26
C LYS A 213 -13.08 -19.65 39.73
N GLY A 214 -13.23 -20.57 38.77
CA GLY A 214 -14.52 -21.03 38.35
C GLY A 214 -15.27 -20.15 37.37
N LEU A 215 -14.61 -19.15 36.80
CA LEU A 215 -15.27 -18.31 35.80
C LEU A 215 -15.72 -19.14 34.61
N SER A 216 -16.88 -18.79 34.05
CA SER A 216 -17.40 -19.51 32.91
C SER A 216 -16.49 -19.33 31.71
N ARG A 217 -16.48 -20.36 30.85
CA ARG A 217 -15.67 -20.31 29.63
C ARG A 217 -15.89 -19.02 28.85
N PRO A 218 -17.12 -18.64 28.46
CA PRO A 218 -17.25 -17.46 27.61
C PRO A 218 -16.80 -16.19 28.30
N ARG A 219 -17.08 -16.02 29.59
CA ARG A 219 -16.73 -14.78 30.27
C ARG A 219 -15.22 -14.58 30.33
N VAL A 220 -14.50 -15.59 30.83
CA VAL A 220 -13.05 -15.47 30.91
C VAL A 220 -12.47 -15.28 29.52
N VAL A 221 -12.93 -16.10 28.55
CA VAL A 221 -12.42 -15.97 27.19
C VAL A 221 -12.58 -14.54 26.72
N THR A 222 -13.84 -14.06 26.63
CA THR A 222 -14.08 -12.75 26.06
C THR A 222 -13.27 -11.68 26.76
N VAL A 223 -13.45 -11.52 28.07
CA VAL A 223 -12.79 -10.41 28.74
C VAL A 223 -11.28 -10.56 28.63
N HIS A 224 -10.77 -11.61 29.29
CA HIS A 224 -9.35 -11.72 29.55
C HIS A 224 -8.53 -12.07 28.32
N ILE A 225 -9.16 -12.29 27.17
CA ILE A 225 -8.41 -12.53 25.96
C ILE A 225 -8.68 -11.47 24.90
N LEU A 226 -9.95 -11.22 24.59
CA LEU A 226 -10.30 -10.27 23.55
C LEU A 226 -10.42 -8.85 24.07
N ARG A 227 -9.79 -8.52 25.19
CA ARG A 227 -9.35 -7.14 25.39
C ARG A 227 -7.87 -6.97 25.04
N ASN A 228 -7.03 -7.77 25.72
CA ASN A 228 -5.59 -7.66 25.59
C ASN A 228 -5.10 -8.09 24.22
N SER A 229 -5.92 -8.81 23.45
CA SER A 229 -5.49 -9.18 22.11
C SER A 229 -6.06 -8.23 21.07
N LEU A 230 -7.18 -7.58 21.37
CA LEU A 230 -7.79 -6.67 20.42
C LEU A 230 -7.16 -5.29 20.42
N ILE A 231 -6.45 -4.91 21.48
CA ILE A 231 -5.77 -3.61 21.48
C ILE A 231 -4.84 -3.42 20.26
N PRO A 232 -3.81 -4.25 20.08
CA PRO A 232 -2.88 -3.99 18.98
C PRO A 232 -3.54 -4.07 17.63
N VAL A 233 -4.64 -4.81 17.52
CA VAL A 233 -5.38 -4.86 16.27
C VAL A 233 -5.87 -3.48 15.88
N VAL A 234 -6.44 -2.74 16.84
CA VAL A 234 -6.94 -1.42 16.48
C VAL A 234 -5.79 -0.46 16.21
N THR A 235 -4.67 -0.61 16.92
CA THR A 235 -3.51 0.23 16.58
C THR A 235 -3.09 0.03 15.12
N PHE A 236 -2.80 -1.22 14.76
CA PHE A 236 -2.41 -1.50 13.38
C PHE A 236 -3.51 -1.13 12.41
N LEU A 237 -4.77 -1.19 12.83
CA LEU A 237 -5.86 -0.85 11.93
C LEU A 237 -5.81 0.61 11.55
N GLY A 238 -5.64 1.49 12.54
CA GLY A 238 -5.41 2.90 12.22
C GLY A 238 -4.24 3.09 11.27
N ALA A 239 -3.10 2.48 11.61
CA ALA A 239 -1.92 2.64 10.78
C ALA A 239 -2.16 2.20 9.34
N ASP A 240 -2.76 1.02 9.15
CA ASP A 240 -2.91 0.48 7.82
C ASP A 240 -4.03 1.15 7.03
N LEU A 241 -5.05 1.69 7.69
CA LEU A 241 -5.99 2.55 6.97
C LEU A 241 -5.27 3.77 6.42
N GLY A 242 -4.42 4.39 7.25
CA GLY A 242 -3.60 5.47 6.75
C GLY A 242 -2.76 5.05 5.56
N ALA A 243 -2.27 3.81 5.57
CA ALA A 243 -1.48 3.32 4.44
C ALA A 243 -2.32 3.00 3.21
N LEU A 244 -3.58 2.60 3.39
CA LEU A 244 -4.45 2.15 2.32
C LEU A 244 -5.17 3.27 1.59
N MET A 245 -5.30 4.43 2.24
CA MET A 245 -5.88 5.58 1.56
C MET A 245 -5.21 5.82 0.21
N GLY A 246 -3.90 5.58 0.12
CA GLY A 246 -3.17 5.71 -1.11
C GLY A 246 -3.24 4.52 -2.03
N GLY A 247 -3.55 3.34 -1.53
CA GLY A 247 -3.69 2.18 -2.39
C GLY A 247 -5.04 2.21 -3.09
N ALA A 248 -5.96 3.00 -2.53
CA ALA A 248 -7.28 3.13 -3.14
C ALA A 248 -7.24 3.72 -4.55
N ILE A 249 -6.14 4.39 -4.92
CA ILE A 249 -6.11 5.14 -6.17
C ILE A 249 -6.30 4.21 -7.36
N VAL A 250 -5.48 3.17 -7.47
CA VAL A 250 -5.50 2.35 -8.67
C VAL A 250 -6.77 1.50 -8.73
N THR A 251 -7.27 1.04 -7.59
CA THR A 251 -8.51 0.28 -7.59
C THR A 251 -9.71 1.15 -7.90
N GLU A 252 -9.53 2.47 -7.77
CA GLU A 252 -10.58 3.47 -8.10
C GLU A 252 -10.43 3.85 -9.57
N GLY A 253 -9.22 3.74 -10.12
CA GLY A 253 -8.95 4.05 -11.50
C GLY A 253 -9.42 2.96 -12.44
N ILE A 254 -9.10 1.71 -12.11
CA ILE A 254 -9.39 0.60 -13.02
C ILE A 254 -10.86 0.19 -13.03
N PHE A 255 -11.71 0.88 -12.27
CA PHE A 255 -13.14 0.61 -12.30
C PHE A 255 -13.95 1.82 -12.74
N ASN A 256 -13.31 2.95 -13.05
CA ASN A 256 -13.99 4.15 -13.51
C ASN A 256 -15.00 4.64 -12.48
N ILE A 257 -14.56 4.68 -11.23
CA ILE A 257 -15.39 5.17 -10.14
C ILE A 257 -15.17 6.67 -9.98
N HIS A 258 -16.26 7.43 -9.95
CA HIS A 258 -16.21 8.88 -10.01
C HIS A 258 -16.13 9.31 -8.54
N GLY A 259 -14.94 9.11 -7.96
CA GLY A 259 -14.58 9.65 -6.67
C GLY A 259 -13.25 10.37 -6.69
N VAL A 260 -12.75 10.65 -5.48
CA VAL A 260 -11.49 11.37 -5.36
C VAL A 260 -10.33 10.53 -5.88
N GLY A 261 -10.39 9.22 -5.68
CA GLY A 261 -9.34 8.36 -6.23
C GLY A 261 -9.31 8.42 -7.75
N GLY A 262 -10.48 8.41 -8.39
CA GLY A 262 -10.54 8.56 -9.83
C GLY A 262 -10.05 9.92 -10.28
N VAL A 263 -10.39 10.97 -9.53
CA VAL A 263 -9.90 12.31 -9.85
C VAL A 263 -8.38 12.34 -9.82
N LEU A 264 -7.80 11.76 -8.78
CA LEU A 264 -6.35 11.74 -8.66
C LEU A 264 -5.72 10.89 -9.76
N TYR A 265 -6.35 9.77 -10.10
CA TYR A 265 -5.87 8.94 -11.20
C TYR A 265 -5.82 9.73 -12.50
N GLN A 266 -6.90 10.43 -12.81
CA GLN A 266 -6.92 11.30 -13.98
C GLN A 266 -5.77 12.30 -13.92
N ALA A 267 -5.64 13.00 -12.79
CA ALA A 267 -4.67 14.06 -12.67
C ALA A 267 -3.24 13.57 -12.81
N VAL A 268 -2.97 12.33 -12.37
CA VAL A 268 -1.60 11.84 -12.45
C VAL A 268 -1.32 11.24 -13.82
N THR A 269 -2.29 10.55 -14.42
CA THR A 269 -2.05 9.98 -15.74
C THR A 269 -1.95 11.08 -16.80
N ARG A 270 -2.64 12.19 -16.61
CA ARG A 270 -2.53 13.31 -17.53
C ARG A 270 -1.52 14.36 -17.08
N GLN A 271 -0.89 14.17 -15.92
CA GLN A 271 0.24 14.99 -15.47
C GLN A 271 -0.15 16.46 -15.34
N GLU A 272 -1.03 16.72 -14.37
CA GLU A 272 -1.37 18.09 -13.96
C GLU A 272 -0.94 18.24 -12.50
N THR A 273 0.32 18.62 -12.29
CA THR A 273 0.86 18.67 -10.93
C THR A 273 0.16 19.68 -10.04
N PRO A 274 -0.16 20.91 -10.49
CA PRO A 274 -0.77 21.87 -9.55
C PRO A 274 -2.07 21.38 -8.95
N THR A 275 -2.76 20.46 -9.61
CA THR A 275 -3.96 19.86 -9.06
C THR A 275 -3.69 18.53 -8.37
N VAL A 276 -2.42 18.13 -8.27
CA VAL A 276 -2.05 16.90 -7.57
C VAL A 276 -1.44 17.21 -6.21
N VAL A 277 -0.53 18.19 -6.16
CA VAL A 277 0.16 18.47 -4.91
C VAL A 277 -0.82 18.89 -3.82
N SER A 278 -1.85 19.63 -4.19
CA SER A 278 -2.81 20.09 -3.20
C SER A 278 -3.60 18.92 -2.62
N ILE A 279 -4.09 18.05 -3.49
CA ILE A 279 -4.85 16.89 -3.02
C ILE A 279 -3.99 16.03 -2.11
N VAL A 280 -2.72 15.85 -2.48
CA VAL A 280 -1.87 15.00 -1.67
C VAL A 280 -1.60 15.65 -0.32
N THR A 281 -1.41 16.97 -0.29
CA THR A 281 -1.24 17.66 0.97
C THR A 281 -2.45 17.46 1.87
N VAL A 282 -3.65 17.60 1.31
CA VAL A 282 -4.85 17.43 2.11
C VAL A 282 -4.95 16.01 2.66
N LEU A 283 -4.65 15.02 1.81
CA LEU A 283 -4.67 13.64 2.28
C LEU A 283 -3.67 13.41 3.41
N VAL A 284 -2.50 14.04 3.32
CA VAL A 284 -1.49 13.83 4.35
C VAL A 284 -1.95 14.44 5.67
N LEU A 285 -2.54 15.63 5.63
CA LEU A 285 -3.09 16.20 6.86
C LEU A 285 -4.16 15.30 7.46
N ILE A 286 -5.03 14.74 6.62
CA ILE A 286 -6.06 13.84 7.13
C ILE A 286 -5.43 12.63 7.80
N TYR A 287 -4.42 12.04 7.15
CA TYR A 287 -3.68 10.92 7.74
C TYR A 287 -3.13 11.27 9.10
N LEU A 288 -2.51 12.45 9.22
CA LEU A 288 -1.93 12.86 10.49
C LEU A 288 -2.98 13.00 11.58
N ILE A 289 -4.12 13.59 11.24
CA ILE A 289 -5.17 13.77 12.24
C ILE A 289 -5.72 12.42 12.69
N THR A 290 -5.93 11.50 11.74
CA THR A 290 -6.41 10.17 12.12
C THR A 290 -5.39 9.45 13.00
N ASN A 291 -4.10 9.65 12.74
CA ASN A 291 -3.09 9.04 13.61
C ASN A 291 -3.15 9.59 15.01
N LEU A 292 -3.33 10.91 15.13
CA LEU A 292 -3.58 11.50 16.45
C LEU A 292 -4.74 10.81 17.15
N LEU A 293 -5.86 10.67 16.44
CA LEU A 293 -7.05 10.08 17.05
C LEU A 293 -6.79 8.64 17.49
N VAL A 294 -6.13 7.85 16.64
CA VAL A 294 -5.96 6.43 16.98
C VAL A 294 -4.96 6.28 18.13
N ASP A 295 -3.94 7.14 18.18
CA ASP A 295 -3.03 7.09 19.32
C ASP A 295 -3.75 7.43 20.61
N LEU A 296 -4.59 8.48 20.58
CA LEU A 296 -5.38 8.81 21.77
C LEU A 296 -6.25 7.63 22.19
N LEU A 297 -6.92 6.98 21.23
CA LEU A 297 -7.78 5.85 21.57
C LEU A 297 -6.98 4.71 22.16
N TYR A 298 -5.82 4.42 21.58
CA TYR A 298 -4.93 3.40 22.12
C TYR A 298 -4.61 3.68 23.57
N ALA A 299 -4.14 4.88 23.87
CA ALA A 299 -3.79 5.22 25.24
C ALA A 299 -5.01 5.16 26.16
N ALA A 300 -6.19 5.46 25.62
CA ALA A 300 -7.40 5.36 26.43
C ALA A 300 -7.79 3.92 26.72
N LEU A 301 -7.38 2.97 25.89
CA LEU A 301 -7.73 1.58 26.12
C LEU A 301 -6.77 0.86 27.05
N ASP A 302 -5.48 1.16 26.99
CA ASP A 302 -4.50 0.49 27.85
C ASP A 302 -4.00 1.45 28.92
N PRO A 303 -4.21 1.16 30.21
CA PRO A 303 -3.79 2.10 31.25
C PRO A 303 -2.30 2.13 31.49
N ARG A 304 -1.55 1.12 31.06
CA ARG A 304 -0.13 1.04 31.40
C ARG A 304 0.64 2.25 30.86
N ILE A 305 0.48 2.57 29.58
CA ILE A 305 1.10 3.77 29.06
C ILE A 305 0.34 5.02 29.49
N ARG A 306 -0.89 4.86 29.94
CA ARG A 306 -1.71 5.98 30.40
C ARG A 306 -1.39 6.37 31.83
N TYR A 307 -0.13 6.61 32.12
CA TYR A 307 0.30 7.01 33.46
C TYR A 307 0.50 8.51 33.58
N GLY A 308 0.88 9.19 32.51
CA GLY A 308 1.17 10.61 32.55
C GLY A 308 2.36 10.99 31.69
N HIS B 4 27.84 -24.85 20.56
CA HIS B 4 29.12 -25.40 20.12
C HIS B 4 29.81 -24.46 19.14
N THR B 5 29.01 -23.87 18.25
CA THR B 5 29.51 -22.96 17.23
C THR B 5 28.63 -21.72 17.24
N GLY B 6 29.10 -20.65 16.61
CA GLY B 6 28.34 -19.42 16.48
C GLY B 6 26.91 -19.66 16.03
N PHE B 7 25.99 -18.79 16.47
CA PHE B 7 24.57 -18.95 16.18
C PHE B 7 24.31 -18.96 14.68
N TRP B 8 25.27 -18.48 13.90
CA TRP B 8 25.17 -18.47 12.44
C TRP B 8 25.26 -19.87 11.83
N LEU B 9 25.62 -20.89 12.62
CA LEU B 9 25.80 -22.23 12.08
C LEU B 9 24.72 -23.20 12.53
N ASP B 10 24.23 -23.11 13.77
CA ASP B 10 23.17 -23.99 14.21
C ASP B 10 21.82 -23.58 13.63
N ALA B 11 21.63 -22.28 13.40
CA ALA B 11 20.40 -21.80 12.79
C ALA B 11 20.23 -22.36 11.38
N TRP B 12 21.32 -22.51 10.64
CA TRP B 12 21.24 -23.10 9.31
C TRP B 12 20.67 -24.51 9.33
N ARG B 13 21.16 -25.32 10.27
CA ARG B 13 20.67 -26.72 10.45
C ARG B 13 19.21 -26.66 10.88
N GLY B 14 18.89 -25.82 11.86
CA GLY B 14 17.52 -25.69 12.31
C GLY B 14 16.55 -25.25 11.22
N LEU B 15 17.06 -24.55 10.21
CA LEU B 15 16.23 -24.12 9.09
C LEU B 15 16.41 -24.99 7.86
N ARG B 16 17.50 -25.74 7.77
CA ARG B 16 17.74 -26.61 6.63
C ARG B 16 16.56 -27.53 6.36
N ARG B 17 15.83 -27.93 7.40
CA ARG B 17 14.71 -28.85 7.30
C ARG B 17 13.36 -28.12 7.27
N ARG B 18 13.31 -26.96 6.63
CA ARG B 18 12.07 -26.19 6.55
C ARG B 18 11.59 -26.13 5.11
N PRO B 19 10.46 -26.77 4.79
CA PRO B 19 9.99 -26.76 3.40
C PRO B 19 9.72 -25.37 2.87
N LYS B 20 9.10 -24.51 3.68
CA LYS B 20 8.89 -23.13 3.29
C LYS B 20 10.20 -22.48 2.88
N PHE B 21 11.22 -22.64 3.71
CA PHE B 21 12.50 -21.99 3.45
C PHE B 21 13.15 -22.53 2.19
N VAL B 22 13.16 -23.85 2.01
CA VAL B 22 13.86 -24.40 0.85
C VAL B 22 13.15 -24.01 -0.44
N ILE B 23 11.80 -24.02 -0.42
CA ILE B 23 11.06 -23.59 -1.60
C ILE B 23 11.38 -22.13 -1.92
N ALA B 24 11.31 -21.26 -0.92
CA ALA B 24 11.60 -19.86 -1.16
C ALA B 24 13.01 -19.67 -1.69
N ALA B 25 13.96 -20.45 -1.17
CA ALA B 25 15.35 -20.30 -1.61
C ALA B 25 15.51 -20.72 -3.06
N ALA B 26 14.89 -21.84 -3.44
CA ALA B 26 14.97 -22.28 -4.84
C ALA B 26 14.40 -21.22 -5.77
N LEU B 27 13.21 -20.71 -5.43
CA LEU B 27 12.59 -19.71 -6.30
C LEU B 27 13.43 -18.44 -6.36
N ILE B 28 14.00 -18.04 -5.23
CA ILE B 28 14.81 -16.82 -5.22
C ILE B 28 16.06 -17.00 -6.06
N LEU B 29 16.70 -18.16 -5.98
CA LEU B 29 17.88 -18.42 -6.79
C LEU B 29 17.53 -18.38 -8.28
N LEU B 30 16.40 -18.99 -8.65
CA LEU B 30 15.99 -18.96 -10.05
C LEU B 30 15.74 -17.52 -10.52
N ILE B 31 15.06 -16.72 -9.69
CA ILE B 31 14.81 -15.34 -10.07
C ILE B 31 16.12 -14.58 -10.22
N LEU B 32 17.05 -14.79 -9.30
CA LEU B 32 18.33 -14.09 -9.38
C LEU B 32 19.09 -14.46 -10.64
N VAL B 33 19.10 -15.74 -11.01
CA VAL B 33 19.89 -16.14 -12.18
C VAL B 33 19.22 -15.65 -13.46
N VAL B 34 17.89 -15.65 -13.52
CA VAL B 34 17.25 -15.17 -14.73
C VAL B 34 17.40 -13.65 -14.84
N ALA B 35 17.41 -12.94 -13.73
CA ALA B 35 17.62 -11.50 -13.77
C ALA B 35 19.07 -11.16 -14.12
N ALA B 36 20.02 -12.00 -13.70
CA ALA B 36 21.42 -11.73 -13.98
C ALA B 36 21.76 -12.03 -15.43
N PHE B 37 21.39 -13.21 -15.93
CA PHE B 37 21.73 -13.66 -17.27
C PHE B 37 20.46 -13.89 -18.08
N PRO B 38 19.91 -12.84 -18.69
CA PRO B 38 18.67 -13.02 -19.46
C PRO B 38 18.88 -13.77 -20.75
N SER B 39 19.93 -13.46 -21.49
CA SER B 39 20.12 -13.94 -22.86
C SER B 39 20.36 -15.44 -22.94
N LEU B 40 20.33 -16.12 -21.80
CA LEU B 40 20.64 -17.54 -21.79
C LEU B 40 19.46 -18.39 -22.26
N PHE B 41 18.26 -18.06 -21.79
CA PHE B 41 17.10 -18.90 -22.06
C PHE B 41 16.75 -18.97 -23.54
N THR B 42 16.58 -17.83 -24.21
CA THR B 42 16.42 -17.80 -25.66
C THR B 42 17.40 -16.79 -26.23
N ALA B 43 17.29 -16.57 -27.54
CA ALA B 43 18.18 -15.65 -28.23
C ALA B 43 17.46 -14.53 -28.95
N ALA B 44 16.12 -14.50 -28.95
CA ALA B 44 15.39 -13.44 -29.60
C ALA B 44 15.59 -12.13 -28.86
N ASP B 45 15.27 -11.04 -29.53
CA ASP B 45 15.40 -9.69 -29.00
C ASP B 45 14.03 -9.12 -28.67
N PRO B 46 13.87 -8.54 -27.48
CA PRO B 46 12.54 -8.09 -27.04
C PRO B 46 12.01 -6.83 -27.71
N THR B 47 12.87 -5.98 -28.26
CA THR B 47 12.40 -4.75 -28.86
C THR B 47 12.16 -4.86 -30.35
N TYR B 48 12.26 -6.06 -30.93
CA TYR B 48 11.92 -6.27 -32.33
C TYR B 48 10.41 -6.23 -32.51
N ALA B 49 9.94 -5.36 -33.40
CA ALA B 49 8.52 -5.08 -33.56
C ALA B 49 8.08 -5.49 -34.96
N ASP B 50 7.38 -6.59 -35.07
CA ASP B 50 6.82 -7.03 -36.34
C ASP B 50 5.33 -6.77 -36.37
N PRO B 51 4.84 -5.85 -37.21
CA PRO B 51 3.40 -5.58 -37.23
C PRO B 51 2.58 -6.60 -38.00
N SER B 52 3.22 -7.62 -38.59
CA SER B 52 2.47 -8.65 -39.31
C SER B 52 1.66 -9.49 -38.35
N GLN B 53 2.33 -10.16 -37.40
CA GLN B 53 1.63 -10.90 -36.36
C GLN B 53 1.28 -9.97 -35.21
N SER B 54 0.02 -9.98 -34.79
CA SER B 54 -0.44 -9.04 -33.76
C SER B 54 -1.20 -9.69 -32.61
N MET B 55 -1.93 -10.77 -32.86
CA MET B 55 -2.67 -11.43 -31.79
C MET B 55 -2.55 -12.95 -31.94
N LEU B 56 -1.35 -13.42 -32.24
CA LEU B 56 -1.15 -14.86 -32.41
C LEU B 56 -1.36 -15.59 -31.09
N ALA B 57 -1.66 -16.88 -31.17
CA ALA B 57 -1.91 -17.71 -30.02
C ALA B 57 -0.64 -18.43 -29.59
N PRO B 58 -0.58 -18.91 -28.34
CA PRO B 58 0.58 -19.70 -27.92
C PRO B 58 0.82 -20.87 -28.85
N SER B 59 2.09 -21.13 -29.14
CA SER B 59 2.47 -22.21 -30.04
C SER B 59 3.95 -22.52 -29.81
N ALA B 60 4.45 -23.53 -30.51
CA ALA B 60 5.85 -23.88 -30.40
C ALA B 60 6.74 -22.77 -30.95
N ALA B 61 6.26 -22.05 -31.96
CA ALA B 61 7.05 -20.96 -32.52
C ALA B 61 7.15 -19.80 -31.53
N HIS B 62 6.01 -19.23 -31.15
CA HIS B 62 5.94 -18.17 -30.14
C HIS B 62 5.19 -18.73 -28.94
N TRP B 63 5.92 -18.95 -27.86
CA TRP B 63 5.28 -19.56 -26.67
C TRP B 63 4.18 -18.65 -26.15
N PHE B 64 4.54 -17.46 -25.71
CA PHE B 64 3.55 -16.58 -25.12
C PHE B 64 2.85 -15.70 -26.16
N GLY B 65 2.33 -16.33 -27.22
CA GLY B 65 1.63 -15.57 -28.24
C GLY B 65 2.44 -14.38 -28.73
N THR B 66 1.72 -13.29 -29.00
CA THR B 66 2.33 -12.03 -29.41
C THR B 66 1.48 -10.87 -28.90
N ASP B 67 2.13 -9.73 -28.72
CA ASP B 67 1.43 -8.51 -28.33
C ASP B 67 0.96 -7.77 -29.59
N LEU B 68 0.34 -6.61 -29.38
CA LEU B 68 -0.19 -5.81 -30.47
C LEU B 68 0.84 -5.58 -31.58
N GLN B 69 1.96 -4.96 -31.24
CA GLN B 69 2.97 -4.63 -32.24
C GLN B 69 3.86 -5.80 -32.61
N GLY B 70 3.62 -6.98 -32.07
CA GLY B 70 4.31 -8.19 -32.49
C GLY B 70 5.31 -8.74 -31.50
N HIS B 71 5.71 -7.96 -30.49
CA HIS B 71 6.64 -8.47 -29.50
C HIS B 71 6.03 -9.66 -28.77
N ASP B 72 6.64 -10.84 -28.94
CA ASP B 72 6.19 -11.99 -28.18
C ASP B 72 6.45 -11.74 -26.70
N ILE B 73 5.47 -12.07 -25.87
CA ILE B 73 5.54 -11.70 -24.46
C ILE B 73 6.70 -12.39 -23.77
N TYR B 74 7.15 -13.52 -24.32
CA TYR B 74 8.17 -14.34 -23.65
C TYR B 74 9.44 -13.54 -23.40
N SER B 75 10.06 -13.05 -24.47
CA SER B 75 11.30 -12.31 -24.33
C SER B 75 11.08 -10.98 -23.62
N ARG B 76 9.88 -10.41 -23.76
CA ARG B 76 9.57 -9.18 -23.06
C ARG B 76 9.44 -9.38 -21.56
N THR B 77 9.21 -10.60 -21.11
CA THR B 77 9.02 -10.88 -19.70
C THR B 77 10.28 -11.33 -18.99
N VAL B 78 11.46 -10.89 -19.44
CA VAL B 78 12.73 -11.27 -18.83
C VAL B 78 13.53 -10.04 -18.42
N TYR B 79 13.79 -9.13 -19.36
CA TYR B 79 14.49 -7.91 -19.00
C TYR B 79 13.69 -7.06 -18.03
N GLY B 80 12.36 -7.14 -18.08
CA GLY B 80 11.55 -6.52 -17.04
C GLY B 80 11.85 -7.09 -15.67
N ALA B 81 12.03 -8.41 -15.59
CA ALA B 81 12.44 -9.02 -14.33
C ALA B 81 13.78 -8.48 -13.89
N ARG B 82 14.73 -8.38 -14.82
CA ARG B 82 16.04 -7.81 -14.48
C ARG B 82 15.88 -6.43 -13.85
N ALA B 83 15.10 -5.56 -14.49
CA ALA B 83 14.95 -4.20 -13.99
C ALA B 83 14.30 -4.19 -12.62
N SER B 84 13.17 -4.88 -12.46
CA SER B 84 12.47 -4.88 -11.18
C SER B 84 13.36 -5.42 -10.08
N VAL B 85 14.08 -6.51 -10.33
CA VAL B 85 14.89 -7.12 -9.29
C VAL B 85 16.05 -6.21 -8.90
N THR B 86 16.71 -5.58 -9.88
CA THR B 86 17.81 -4.70 -9.50
C THR B 86 17.30 -3.51 -8.69
N VAL B 87 16.14 -2.96 -9.08
CA VAL B 87 15.54 -1.88 -8.29
C VAL B 87 15.34 -2.32 -6.85
N GLY B 88 14.63 -3.43 -6.66
CA GLY B 88 14.34 -3.88 -5.32
C GLY B 88 15.59 -4.14 -4.50
N LEU B 89 16.56 -4.84 -5.10
CA LEU B 89 17.76 -5.21 -4.37
C LEU B 89 18.57 -3.99 -3.95
N GLY B 90 18.79 -3.06 -4.88
CA GLY B 90 19.55 -1.87 -4.53
C GLY B 90 18.86 -1.06 -3.44
N ALA B 91 17.56 -0.82 -3.60
CA ALA B 91 16.84 -0.05 -2.60
C ALA B 91 16.90 -0.73 -1.24
N THR B 92 16.76 -2.06 -1.20
CA THR B 92 16.76 -2.77 0.07
C THR B 92 18.12 -2.71 0.73
N LEU B 93 19.21 -2.89 -0.03
CA LEU B 93 20.54 -2.80 0.55
C LEU B 93 20.77 -1.42 1.15
N ALA B 94 20.47 -0.37 0.38
CA ALA B 94 20.69 0.99 0.88
C ALA B 94 19.86 1.26 2.13
N VAL B 95 18.58 0.89 2.08
CA VAL B 95 17.69 1.19 3.21
C VAL B 95 18.11 0.40 4.43
N PHE B 96 18.56 -0.84 4.24
CA PHE B 96 19.05 -1.62 5.38
C PHE B 96 20.22 -0.91 6.03
N VAL B 97 21.22 -0.54 5.23
CA VAL B 97 22.40 0.12 5.79
C VAL B 97 21.99 1.36 6.58
N VAL B 98 21.25 2.27 5.95
CA VAL B 98 20.96 3.56 6.57
C VAL B 98 20.08 3.38 7.80
N GLY B 99 18.97 2.66 7.66
CA GLY B 99 18.06 2.48 8.78
C GLY B 99 18.70 1.78 9.95
N GLY B 100 19.43 0.69 9.69
CA GLY B 100 20.11 0.00 10.77
C GLY B 100 21.10 0.90 11.49
N ALA B 101 21.93 1.62 10.73
CA ALA B 101 22.91 2.50 11.35
C ALA B 101 22.24 3.54 12.23
N LEU B 102 21.21 4.23 11.70
CA LEU B 102 20.60 5.30 12.47
C LEU B 102 19.85 4.76 13.68
N GLY B 103 19.07 3.68 13.51
CA GLY B 103 18.36 3.12 14.64
C GLY B 103 19.30 2.65 15.74
N ALA B 104 20.44 2.06 15.35
CA ALA B 104 21.41 1.65 16.35
C ALA B 104 21.98 2.84 17.09
N LEU B 105 22.48 3.83 16.35
CA LEU B 105 23.09 4.99 17.00
C LEU B 105 22.08 5.73 17.86
N ALA B 106 20.79 5.60 17.56
CA ALA B 106 19.78 6.28 18.36
C ALA B 106 19.44 5.49 19.62
N GLY B 107 19.21 4.19 19.48
CA GLY B 107 18.76 3.41 20.62
C GLY B 107 19.82 3.19 21.67
N PHE B 108 21.08 3.27 21.28
CA PHE B 108 22.15 2.91 22.19
C PHE B 108 22.58 4.07 23.08
N TYR B 109 22.54 5.30 22.58
CA TYR B 109 23.09 6.43 23.31
C TYR B 109 22.05 7.08 24.21
N GLY B 110 20.91 7.47 23.67
CA GLY B 110 19.85 8.00 24.50
C GLY B 110 19.55 9.48 24.30
N SER B 111 19.82 10.28 25.32
CA SER B 111 19.42 11.68 25.31
C SER B 111 20.05 12.43 24.15
N TRP B 112 19.40 13.51 23.73
CA TRP B 112 19.88 14.50 22.78
C TRP B 112 20.29 13.89 21.44
N ILE B 113 20.08 12.60 21.26
CA ILE B 113 20.30 11.93 19.99
C ILE B 113 19.09 11.12 19.58
N ASP B 114 18.63 10.23 20.46
CA ASP B 114 17.42 9.47 20.18
C ASP B 114 16.23 10.42 20.02
N ALA B 115 16.25 11.55 20.72
CA ALA B 115 15.16 12.51 20.58
C ALA B 115 15.08 13.05 19.16
N VAL B 116 16.19 13.57 18.64
CA VAL B 116 16.18 14.14 17.30
C VAL B 116 15.92 13.05 16.26
N VAL B 117 16.44 11.84 16.49
CA VAL B 117 16.20 10.77 15.55
C VAL B 117 14.73 10.38 15.52
N SER B 118 14.10 10.33 16.70
CA SER B 118 12.68 10.05 16.76
C SER B 118 11.88 11.14 16.06
N ARG B 119 12.26 12.40 16.26
CA ARG B 119 11.61 13.49 15.54
C ARG B 119 11.70 13.28 14.04
N VAL B 120 12.90 12.95 13.54
CA VAL B 120 13.09 12.82 12.10
C VAL B 120 12.29 11.65 11.56
N THR B 121 12.35 10.49 12.22
CA THR B 121 11.63 9.35 11.69
C THR B 121 10.12 9.54 11.82
N ASP B 122 9.68 10.32 12.81
CA ASP B 122 8.25 10.61 12.91
C ASP B 122 7.79 11.52 11.79
N VAL B 123 8.60 12.53 11.46
CA VAL B 123 8.29 13.36 10.30
C VAL B 123 8.23 12.51 9.04
N PHE B 124 9.25 11.69 8.81
CA PHE B 124 9.26 10.87 7.61
C PHE B 124 8.22 9.75 7.67
N LEU B 125 7.59 9.55 8.82
CA LEU B 125 6.56 8.54 8.93
C LEU B 125 5.18 9.04 8.51
N GLY B 126 4.95 10.35 8.53
CA GLY B 126 3.66 10.87 8.15
C GLY B 126 3.35 10.77 6.67
N LEU B 127 4.35 10.50 5.85
CA LEU B 127 4.17 10.43 4.40
C LEU B 127 3.97 9.00 3.97
N PRO B 128 2.77 8.61 3.54
CA PRO B 128 2.61 7.30 2.91
C PRO B 128 3.54 7.16 1.71
N LEU B 129 4.22 6.02 1.65
CA LEU B 129 5.28 5.82 0.67
C LEU B 129 4.78 6.09 -0.74
N LEU B 130 3.64 5.49 -1.10
CA LEU B 130 3.14 5.62 -2.46
C LEU B 130 2.87 7.06 -2.83
N LEU B 131 2.18 7.79 -1.94
CA LEU B 131 1.81 9.17 -2.26
C LEU B 131 3.03 10.06 -2.36
N ALA B 132 3.97 9.93 -1.43
CA ALA B 132 5.18 10.74 -1.49
C ALA B 132 5.96 10.47 -2.76
N ALA B 133 6.12 9.19 -3.11
CA ALA B 133 6.81 8.85 -4.35
C ALA B 133 6.11 9.43 -5.56
N ILE B 134 4.77 9.34 -5.59
CA ILE B 134 4.02 9.90 -6.71
C ILE B 134 4.28 11.39 -6.83
N VAL B 135 4.17 12.12 -5.72
CA VAL B 135 4.36 13.56 -5.77
C VAL B 135 5.77 13.90 -6.25
N LEU B 136 6.77 13.18 -5.75
CA LEU B 136 8.13 13.54 -6.10
C LEU B 136 8.49 13.15 -7.54
N MET B 137 7.91 12.09 -8.07
CA MET B 137 8.23 11.65 -9.42
C MET B 137 7.55 12.50 -10.50
N GLN B 138 6.95 13.62 -10.13
CA GLN B 138 6.33 14.51 -11.10
C GLN B 138 7.27 15.57 -11.62
N VAL B 139 8.39 15.81 -10.92
CA VAL B 139 9.27 16.92 -11.24
C VAL B 139 10.56 16.46 -11.90
N MET B 140 10.65 15.19 -12.27
CA MET B 140 11.87 14.63 -12.84
C MET B 140 11.74 14.51 -14.35
N HIS B 141 12.79 14.90 -15.06
CA HIS B 141 12.88 14.67 -16.50
C HIS B 141 13.88 13.57 -16.82
N HIS B 142 14.98 13.50 -16.08
CA HIS B 142 15.94 12.41 -16.21
C HIS B 142 15.44 11.22 -15.41
N ARG B 143 14.48 10.48 -15.95
CA ARG B 143 13.89 9.34 -15.27
C ARG B 143 14.63 8.08 -15.70
N THR B 144 15.53 7.61 -14.84
CA THR B 144 16.28 6.38 -15.02
C THR B 144 16.05 5.49 -13.80
N VAL B 145 16.70 4.33 -13.80
CA VAL B 145 16.52 3.38 -12.71
C VAL B 145 17.13 3.93 -11.42
N TRP B 146 18.27 4.60 -11.52
CA TRP B 146 18.97 5.04 -10.32
C TRP B 146 18.16 6.06 -9.54
N THR B 147 17.49 6.98 -10.24
CA THR B 147 16.66 7.94 -9.53
C THR B 147 15.49 7.27 -8.84
N VAL B 148 14.95 6.20 -9.42
CA VAL B 148 13.89 5.46 -8.74
C VAL B 148 14.41 4.81 -7.48
N ILE B 149 15.59 4.19 -7.55
CA ILE B 149 16.17 3.59 -6.36
C ILE B 149 16.40 4.65 -5.29
N ALA B 150 16.87 5.82 -5.71
CA ALA B 150 17.13 6.90 -4.76
C ALA B 150 15.84 7.34 -4.08
N ILE B 151 14.79 7.61 -4.86
CA ILE B 151 13.57 8.12 -4.26
C ILE B 151 12.93 7.07 -3.36
N LEU B 152 13.07 5.78 -3.72
CA LEU B 152 12.51 4.74 -2.87
C LEU B 152 13.25 4.66 -1.54
N ALA B 153 14.59 4.58 -1.59
CA ALA B 153 15.36 4.51 -0.36
C ALA B 153 15.21 5.77 0.47
N LEU B 154 14.86 6.89 -0.14
CA LEU B 154 14.67 8.11 0.62
C LEU B 154 13.55 7.98 1.64
N PHE B 155 12.52 7.22 1.31
CA PHE B 155 11.35 7.10 2.17
C PHE B 155 11.21 5.73 2.82
N GLY B 156 12.01 4.75 2.42
CA GLY B 156 11.83 3.43 2.98
C GLY B 156 12.35 3.19 4.38
N TRP B 157 13.25 4.04 4.88
CA TRP B 157 13.98 3.72 6.10
C TRP B 157 13.24 3.84 7.42
N PRO B 158 12.30 4.78 7.61
CA PRO B 158 11.71 4.96 8.96
C PRO B 158 11.31 3.69 9.68
N GLN B 159 10.75 2.71 8.96
CA GLN B 159 10.33 1.48 9.63
C GLN B 159 11.52 0.70 10.16
N VAL B 160 12.55 0.49 9.33
CA VAL B 160 13.75 -0.19 9.77
C VAL B 160 14.40 0.58 10.92
N ALA B 161 14.36 1.91 10.85
CA ALA B 161 14.91 2.71 11.93
C ALA B 161 14.20 2.43 13.24
N ARG B 162 12.86 2.43 13.22
CA ARG B 162 12.10 2.14 14.43
C ARG B 162 12.42 0.77 14.97
N ILE B 163 12.48 -0.23 14.09
CA ILE B 163 12.74 -1.59 14.55
C ILE B 163 14.12 -1.69 15.20
N ALA B 164 15.14 -1.14 14.53
CA ALA B 164 16.49 -1.22 15.08
C ALA B 164 16.59 -0.46 16.40
N ARG B 165 15.96 0.70 16.48
CA ARG B 165 15.97 1.45 17.72
C ARG B 165 15.36 0.65 18.85
N GLY B 166 14.18 0.05 18.61
CA GLY B 166 13.57 -0.76 19.65
C GLY B 166 14.45 -1.91 20.08
N ALA B 167 15.01 -2.64 19.11
CA ALA B 167 15.84 -3.80 19.43
C ALA B 167 17.05 -3.40 20.27
N VAL B 168 17.77 -2.36 19.83
CA VAL B 168 18.98 -1.98 20.55
C VAL B 168 18.63 -1.41 21.92
N LEU B 169 17.56 -0.62 22.02
CA LEU B 169 17.15 -0.09 23.31
C LEU B 169 16.82 -1.22 24.27
N GLU B 170 16.27 -2.31 23.75
CA GLU B 170 16.00 -3.46 24.61
C GLU B 170 17.30 -4.14 25.04
N VAL B 171 18.19 -4.43 24.08
CA VAL B 171 19.41 -5.16 24.40
C VAL B 171 20.29 -4.37 25.37
N ARG B 172 20.21 -3.03 25.31
CA ARG B 172 21.03 -2.21 26.19
C ARG B 172 20.70 -2.42 27.65
N ALA B 173 19.56 -3.04 27.96
CA ALA B 173 19.10 -3.22 29.34
C ALA B 173 19.54 -4.56 29.91
N SER B 174 20.69 -5.08 29.47
CA SER B 174 21.21 -6.34 29.96
C SER B 174 22.35 -6.08 30.93
N ASP B 175 22.97 -7.16 31.39
CA ASP B 175 24.07 -7.06 32.34
C ASP B 175 25.43 -7.34 31.73
N TYR B 176 25.50 -8.14 30.66
CA TYR B 176 26.80 -8.35 30.04
C TYR B 176 27.31 -7.07 29.40
N VAL B 177 26.42 -6.26 28.81
CA VAL B 177 26.82 -4.96 28.26
C VAL B 177 27.38 -4.04 29.34
N LEU B 178 26.94 -4.19 30.58
CA LEU B 178 27.49 -3.42 31.69
C LEU B 178 28.80 -3.98 32.19
N ALA B 179 28.86 -5.29 32.44
CA ALA B 179 30.10 -5.94 32.85
C ALA B 179 31.22 -5.71 31.84
N ALA B 180 30.90 -5.62 30.56
CA ALA B 180 31.93 -5.36 29.57
C ALA B 180 32.55 -3.98 29.77
N LYS B 181 31.74 -2.93 29.80
CA LYS B 181 32.26 -1.60 30.03
C LYS B 181 32.89 -1.44 31.41
N ALA B 182 32.56 -2.34 32.34
CA ALA B 182 33.18 -2.30 33.66
C ALA B 182 34.68 -2.55 33.63
N LEU B 183 35.24 -2.90 32.46
CA LEU B 183 36.67 -3.18 32.40
C LEU B 183 37.33 -2.61 31.15
N GLY B 184 36.83 -1.49 30.63
CA GLY B 184 37.39 -0.87 29.44
C GLY B 184 36.34 -0.76 28.35
N LEU B 185 36.80 -0.83 27.10
CA LEU B 185 35.91 -0.88 25.93
C LEU B 185 35.00 0.35 25.92
N ASN B 186 35.61 1.49 25.61
CA ASN B 186 34.91 2.76 25.49
C ASN B 186 33.68 2.61 24.60
N ARG B 187 32.71 3.50 24.79
CA ARG B 187 31.30 3.25 24.47
C ARG B 187 31.06 2.83 23.02
N PHE B 188 32.07 2.93 22.17
CA PHE B 188 31.89 2.59 20.76
C PHE B 188 32.30 1.17 20.43
N GLN B 189 33.48 0.72 20.89
CA GLN B 189 33.91 -0.64 20.59
C GLN B 189 33.00 -1.66 21.26
N ILE B 190 32.58 -1.37 22.50
CA ILE B 190 31.60 -2.21 23.17
C ILE B 190 30.30 -2.26 22.37
N LEU B 191 29.81 -1.10 21.93
CA LEU B 191 28.62 -1.04 21.10
C LEU B 191 28.74 -2.02 19.95
N LEU B 192 29.80 -1.88 19.16
CA LEU B 192 29.98 -2.79 18.03
C LEU B 192 29.95 -4.24 18.51
N ARG B 193 30.97 -4.61 19.29
CA ARG B 193 31.25 -6.01 19.59
C ARG B 193 30.07 -6.72 20.22
N HIS B 194 29.27 -6.03 21.02
CA HIS B 194 28.24 -6.73 21.77
C HIS B 194 26.82 -6.44 21.32
N ALA B 195 26.54 -5.28 20.72
CA ALA B 195 25.20 -4.96 20.31
C ALA B 195 24.95 -5.16 18.82
N LEU B 196 25.98 -5.40 18.00
CA LEU B 196 25.62 -5.70 16.63
C LEU B 196 25.11 -7.12 16.47
N PRO B 197 25.86 -8.14 16.91
CA PRO B 197 25.39 -9.53 16.66
C PRO B 197 24.09 -9.85 17.37
N ASN B 198 24.00 -9.57 18.67
CA ASN B 198 22.84 -9.97 19.44
C ASN B 198 21.56 -9.24 19.05
N ALA B 199 21.61 -8.35 18.06
CA ALA B 199 20.40 -7.66 17.62
C ALA B 199 20.32 -7.53 16.11
N VAL B 200 21.23 -8.14 15.36
CA VAL B 200 21.25 -7.97 13.90
C VAL B 200 20.13 -8.74 13.22
N GLY B 201 19.33 -9.47 14.00
CA GLY B 201 18.29 -10.30 13.45
C GLY B 201 17.05 -9.54 12.97
N PRO B 202 16.39 -8.84 13.89
CA PRO B 202 15.16 -8.12 13.51
C PRO B 202 15.32 -7.22 12.32
N VAL B 203 16.47 -6.54 12.19
CA VAL B 203 16.68 -5.67 11.05
C VAL B 203 16.75 -6.49 9.77
N ILE B 204 17.33 -7.68 9.83
CA ILE B 204 17.38 -8.54 8.65
C ILE B 204 15.97 -8.95 8.25
N ALA B 205 15.13 -9.30 9.23
CA ALA B 205 13.76 -9.69 8.91
C ALA B 205 12.99 -8.54 8.27
N VAL B 206 13.02 -7.36 8.91
CA VAL B 206 12.25 -6.26 8.36
C VAL B 206 12.80 -5.85 6.99
N ALA B 207 14.10 -6.02 6.76
CA ALA B 207 14.66 -5.69 5.47
C ALA B 207 14.19 -6.66 4.39
N THR B 208 14.22 -7.96 4.69
CA THR B 208 13.80 -8.92 3.68
C THR B 208 12.30 -8.90 3.45
N VAL B 209 11.53 -8.23 4.30
CA VAL B 209 10.13 -7.98 3.94
C VAL B 209 9.98 -6.67 3.15
N ALA B 210 10.66 -5.62 3.58
CA ALA B 210 10.64 -4.36 2.86
C ALA B 210 11.14 -4.52 1.43
N LEU B 211 11.94 -5.56 1.16
CA LEU B 211 12.35 -5.85 -0.21
C LEU B 211 11.14 -6.09 -1.10
N GLY B 212 10.31 -7.07 -0.75
CA GLY B 212 9.09 -7.29 -1.51
C GLY B 212 8.19 -6.08 -1.52
N ILE B 213 8.15 -5.35 -0.40
CA ILE B 213 7.36 -4.11 -0.38
C ILE B 213 7.82 -3.16 -1.47
N PHE B 214 9.13 -2.94 -1.57
CA PHE B 214 9.67 -2.00 -2.56
C PHE B 214 9.43 -2.50 -3.96
N ILE B 215 9.53 -3.81 -4.18
CA ILE B 215 9.27 -4.35 -5.51
C ILE B 215 7.84 -4.06 -5.93
N VAL B 216 6.89 -4.32 -5.04
CA VAL B 216 5.49 -4.02 -5.34
C VAL B 216 5.30 -2.55 -5.61
N THR B 217 5.92 -1.69 -4.79
CA THR B 217 5.74 -0.25 -4.97
C THR B 217 6.29 0.21 -6.32
N GLU B 218 7.48 -0.28 -6.69
CA GLU B 218 8.04 0.10 -7.98
C GLU B 218 7.15 -0.36 -9.12
N ALA B 219 6.64 -1.59 -9.04
CA ALA B 219 5.77 -2.08 -10.09
C ALA B 219 4.54 -1.21 -10.24
N THR B 220 3.80 -1.02 -9.15
CA THR B 220 2.58 -0.22 -9.24
C THR B 220 2.83 1.23 -9.60
N LEU B 221 4.03 1.75 -9.33
CA LEU B 221 4.32 3.11 -9.73
C LEU B 221 4.67 3.21 -11.20
N SER B 222 5.45 2.26 -11.72
CA SER B 222 5.74 2.25 -13.14
C SER B 222 4.49 1.94 -13.96
N TYR B 223 3.48 1.31 -13.35
CA TYR B 223 2.24 1.06 -14.07
C TYR B 223 1.53 2.35 -14.44
N LEU B 224 1.49 3.32 -13.53
CA LEU B 224 0.74 4.54 -13.78
C LEU B 224 1.32 5.35 -14.92
N GLY B 225 2.61 5.21 -15.21
CA GLY B 225 3.26 5.95 -16.26
C GLY B 225 4.19 7.03 -15.75
N VAL B 226 4.33 7.16 -14.43
CA VAL B 226 5.22 8.15 -13.85
C VAL B 226 6.45 7.45 -13.30
N GLY B 227 6.61 6.18 -13.65
CA GLY B 227 7.75 5.41 -13.19
C GLY B 227 8.89 5.36 -14.18
N LEU B 228 9.35 4.14 -14.49
CA LEU B 228 10.44 3.97 -15.43
C LEU B 228 10.02 4.44 -16.82
N PRO B 229 10.97 4.91 -17.62
CA PRO B 229 10.63 5.33 -18.99
C PRO B 229 10.30 4.15 -19.88
N THR B 230 9.77 4.41 -21.06
CA THR B 230 9.40 3.35 -21.99
C THR B 230 10.62 2.67 -22.61
N SER B 231 11.82 3.24 -22.46
CA SER B 231 13.00 2.64 -23.04
C SER B 231 13.36 1.30 -22.42
N VAL B 232 12.95 1.07 -21.17
CA VAL B 232 13.26 -0.16 -20.46
C VAL B 232 12.02 -1.03 -20.39
N VAL B 233 12.06 -2.18 -21.06
CA VAL B 233 10.97 -3.14 -20.97
C VAL B 233 10.81 -3.58 -19.53
N SER B 234 9.57 -3.56 -19.04
CA SER B 234 9.35 -3.79 -17.62
C SER B 234 7.89 -4.13 -17.38
N TRP B 235 7.67 -5.05 -16.44
CA TRP B 235 6.33 -5.27 -15.93
C TRP B 235 5.79 -3.97 -15.36
N GLY B 236 4.47 -3.84 -15.37
CA GLY B 236 3.88 -2.58 -14.98
C GLY B 236 4.31 -1.49 -15.94
N GLY B 237 3.82 -1.59 -17.18
CA GLY B 237 4.28 -0.78 -18.27
C GLY B 237 4.26 -1.64 -19.52
N ASP B 238 4.44 -2.95 -19.32
CA ASP B 238 3.88 -3.92 -20.25
C ASP B 238 2.44 -4.25 -19.91
N ILE B 239 2.01 -3.89 -18.70
CA ILE B 239 0.61 -4.04 -18.30
C ILE B 239 -0.22 -2.84 -18.71
N ASN B 240 0.35 -1.64 -18.62
CA ASN B 240 -0.39 -0.43 -18.94
C ASN B 240 -0.93 -0.47 -20.36
N VAL B 241 -0.12 -0.92 -21.31
CA VAL B 241 -0.56 -1.00 -22.70
C VAL B 241 -1.43 -2.22 -22.97
N ALA B 242 -1.73 -3.02 -21.95
CA ALA B 242 -2.50 -4.24 -22.12
C ALA B 242 -3.81 -4.22 -21.35
N GLN B 243 -4.17 -3.07 -20.77
CA GLN B 243 -5.42 -2.98 -20.02
C GLN B 243 -6.63 -2.71 -20.89
N THR B 244 -6.43 -2.21 -22.11
CA THR B 244 -7.55 -2.00 -23.01
C THR B 244 -8.05 -3.31 -23.60
N ARG B 245 -7.14 -4.16 -24.05
CA ARG B 245 -7.50 -5.44 -24.67
C ARG B 245 -7.99 -6.47 -23.67
N LEU B 246 -7.81 -6.21 -22.37
CA LEU B 246 -8.32 -7.14 -21.37
C LEU B 246 -9.84 -7.10 -21.32
N ARG B 247 -10.43 -5.91 -21.39
CA ARG B 247 -11.87 -5.79 -21.36
C ARG B 247 -12.55 -6.42 -22.57
N SER B 248 -11.78 -6.75 -23.62
CA SER B 248 -12.33 -7.43 -24.78
C SER B 248 -12.32 -8.94 -24.63
N GLY B 249 -11.64 -9.48 -23.62
CA GLY B 249 -11.66 -10.90 -23.36
C GLY B 249 -10.44 -11.65 -23.87
N SER B 250 -9.28 -11.00 -23.88
CA SER B 250 -8.03 -11.64 -24.27
C SER B 250 -7.03 -11.54 -23.13
N PRO B 251 -6.68 -12.65 -22.48
CA PRO B 251 -5.82 -12.60 -21.29
C PRO B 251 -4.34 -12.48 -21.61
N ILE B 252 -3.99 -11.44 -22.38
CA ILE B 252 -2.58 -11.13 -22.60
C ILE B 252 -1.95 -10.57 -21.34
N LEU B 253 -2.71 -9.77 -20.59
CA LEU B 253 -2.17 -9.06 -19.44
C LEU B 253 -1.63 -9.99 -18.37
N PHE B 254 -2.16 -11.21 -18.28
CA PHE B 254 -1.87 -12.05 -17.13
C PHE B 254 -0.50 -12.73 -17.19
N TYR B 255 0.21 -12.64 -18.29
CA TYR B 255 1.52 -13.28 -18.32
C TYR B 255 2.58 -12.44 -17.60
N PRO B 256 2.69 -11.12 -17.86
CA PRO B 256 3.64 -10.33 -17.06
C PRO B 256 3.21 -10.24 -15.61
N ALA B 257 1.91 -10.08 -15.38
CA ALA B 257 1.42 -10.07 -14.00
C ALA B 257 1.67 -11.41 -13.33
N GLY B 258 1.62 -12.50 -14.10
CA GLY B 258 1.93 -13.80 -13.53
C GLY B 258 3.35 -13.91 -13.03
N ALA B 259 4.29 -13.28 -13.74
CA ALA B 259 5.67 -13.24 -13.27
C ALA B 259 5.86 -12.27 -12.13
N LEU B 260 5.11 -11.16 -12.12
CA LEU B 260 5.23 -10.20 -11.04
C LEU B 260 4.72 -10.76 -9.72
N ALA B 261 3.61 -11.50 -9.75
CA ALA B 261 3.00 -12.04 -8.54
C ALA B 261 3.74 -13.24 -7.99
N ILE B 262 4.93 -13.55 -8.49
CA ILE B 262 5.68 -14.71 -8.04
C ILE B 262 6.95 -14.32 -7.29
N THR B 263 7.69 -13.32 -7.80
CA THR B 263 8.87 -12.86 -7.09
C THR B 263 8.51 -12.30 -5.73
N VAL B 264 7.47 -11.47 -5.67
CA VAL B 264 7.03 -10.90 -4.41
C VAL B 264 6.64 -12.00 -3.44
N LEU B 265 5.98 -13.05 -3.94
CA LEU B 265 5.62 -14.17 -3.08
C LEU B 265 6.86 -14.87 -2.56
N ALA B 266 7.83 -15.13 -3.44
CA ALA B 266 9.05 -15.79 -3.02
C ALA B 266 9.83 -14.99 -2.00
N PHE B 267 9.71 -13.67 -2.03
CA PHE B 267 10.38 -12.86 -1.01
C PHE B 267 9.58 -12.79 0.29
N MET B 268 8.26 -12.64 0.20
CA MET B 268 7.44 -12.55 1.40
C MET B 268 7.50 -13.84 2.20
N MET B 269 7.29 -14.98 1.55
CA MET B 269 7.24 -16.23 2.29
C MET B 269 8.63 -16.70 2.69
N MET B 270 9.68 -16.00 2.29
CA MET B 270 11.04 -16.21 2.79
C MET B 270 11.32 -15.34 4.00
N GLY B 271 10.93 -14.06 3.94
CA GLY B 271 10.98 -13.22 5.11
C GLY B 271 10.15 -13.78 6.24
N ASP B 272 9.04 -14.43 5.93
CA ASP B 272 8.22 -15.05 6.97
C ASP B 272 9.01 -16.13 7.70
N ALA B 273 9.69 -17.00 6.95
CA ALA B 273 10.47 -18.05 7.57
C ALA B 273 11.61 -17.47 8.41
N LEU B 274 12.34 -16.50 7.85
CA LEU B 274 13.44 -15.91 8.61
C LEU B 274 12.94 -15.25 9.89
N ARG B 275 11.80 -14.56 9.82
CA ARG B 275 11.27 -13.93 11.02
C ARG B 275 10.85 -14.95 12.06
N ASP B 276 10.11 -15.97 11.64
CA ASP B 276 9.69 -17.00 12.58
C ASP B 276 10.86 -17.77 13.15
N ALA B 277 12.01 -17.76 12.48
CA ALA B 277 13.15 -18.48 13.01
C ALA B 277 14.04 -17.62 13.91
N LEU B 278 14.19 -16.33 13.60
CA LEU B 278 15.13 -15.49 14.32
C LEU B 278 14.49 -14.58 15.35
N ASP B 279 13.24 -14.17 15.14
CA ASP B 279 12.61 -13.25 16.13
C ASP B 279 11.12 -13.58 16.23
N PRO B 280 10.73 -14.70 16.87
CA PRO B 280 9.31 -15.07 16.95
C PRO B 280 8.54 -14.18 17.91
N ALA B 281 9.22 -13.67 18.92
CA ALA B 281 8.60 -12.91 20.00
C ALA B 281 7.72 -11.77 19.51
N SER B 282 8.24 -10.97 18.59
CA SER B 282 7.58 -9.74 18.18
C SER B 282 6.49 -9.97 17.14
N ARG B 283 6.03 -11.21 16.97
CA ARG B 283 4.93 -11.49 16.06
C ARG B 283 3.58 -11.12 16.64
N ALA B 284 3.44 -11.14 17.96
CA ALA B 284 2.14 -10.97 18.60
C ALA B 284 1.63 -9.55 18.53
N TRP B 285 2.53 -8.56 18.50
CA TRP B 285 2.11 -7.17 18.53
C TRP B 285 2.69 -6.34 17.39
N ARG B 286 3.35 -6.96 16.41
CA ARG B 286 3.87 -6.23 15.28
C ARG B 286 3.38 -6.88 13.99
N ALA B 287 3.89 -6.44 12.85
CA ALA B 287 3.50 -6.97 11.55
C ALA B 287 1.99 -6.82 11.34
N ALA C 5 -11.96 -40.35 59.66
CA ALA C 5 -11.89 -40.99 58.35
C ALA C 5 -12.06 -39.97 57.22
N ALA C 6 -11.96 -40.47 55.99
CA ALA C 6 -12.09 -39.68 54.78
C ALA C 6 -11.15 -38.47 54.76
N PRO C 7 -9.84 -38.68 54.71
CA PRO C 7 -8.92 -37.55 54.53
C PRO C 7 -9.05 -36.99 53.12
N LEU C 8 -9.01 -35.66 53.05
CA LEU C 8 -9.18 -35.00 51.76
C LEU C 8 -7.93 -35.12 50.91
N LEU C 9 -8.14 -35.25 49.60
CA LEU C 9 -7.09 -35.12 48.60
C LEU C 9 -5.98 -36.16 48.79
N SER C 10 -6.34 -37.42 48.61
CA SER C 10 -5.35 -38.51 48.55
C SER C 10 -5.02 -38.73 47.09
N VAL C 11 -3.78 -38.45 46.71
CA VAL C 11 -3.41 -38.21 45.32
C VAL C 11 -2.43 -39.28 44.84
N GLU C 12 -2.61 -40.50 45.32
CA GLU C 12 -1.66 -41.58 45.06
C GLU C 12 -1.37 -41.75 43.57
N GLY C 13 -0.12 -41.49 43.19
CA GLY C 13 0.42 -41.94 41.92
C GLY C 13 0.27 -41.04 40.72
N LEU C 14 0.57 -39.75 40.84
CA LEU C 14 0.52 -38.88 39.68
C LEU C 14 1.70 -39.14 38.76
N GLU C 15 1.43 -39.25 37.46
CA GLU C 15 2.44 -39.68 36.48
C GLU C 15 2.39 -38.79 35.23
N VAL C 16 2.34 -37.48 35.43
CA VAL C 16 2.21 -36.56 34.30
C VAL C 16 3.46 -36.58 33.43
N THR C 17 3.25 -36.49 32.11
CA THR C 17 4.32 -36.31 31.14
C THR C 17 4.00 -35.12 30.25
N PHE C 18 5.03 -34.58 29.60
CA PHE C 18 4.88 -33.36 28.80
C PHE C 18 5.26 -33.65 27.36
N GLY C 19 4.25 -34.02 26.57
CA GLY C 19 4.44 -34.22 25.15
C GLY C 19 5.42 -35.32 24.79
N THR C 20 5.21 -36.51 25.35
CA THR C 20 6.00 -37.71 25.06
C THR C 20 7.49 -37.52 25.30
N ASP C 21 7.87 -36.66 26.24
CA ASP C 21 9.29 -36.50 26.56
C ASP C 21 9.75 -37.59 27.52
N ALA C 22 9.20 -37.57 28.73
CA ALA C 22 9.55 -38.47 29.82
C ALA C 22 8.62 -38.19 30.99
N PRO C 23 8.48 -39.10 31.94
CA PRO C 23 7.69 -38.79 33.13
C PRO C 23 8.32 -37.66 33.93
N ALA C 24 7.68 -36.49 33.93
CA ALA C 24 8.23 -35.36 34.67
C ALA C 24 7.82 -35.37 36.13
N VAL C 25 6.74 -36.06 36.47
CA VAL C 25 6.36 -36.26 37.87
C VAL C 25 6.09 -37.75 37.95
N CYS C 26 6.96 -38.48 38.64
CA CYS C 26 6.77 -39.91 38.84
C CYS C 26 5.87 -40.14 40.05
N GLY C 27 5.82 -41.38 40.53
CA GLY C 27 4.91 -41.77 41.59
C GLY C 27 5.06 -41.00 42.89
N VAL C 28 4.07 -40.18 43.20
CA VAL C 28 4.05 -39.45 44.47
C VAL C 28 2.78 -39.82 45.21
N ASP C 29 2.62 -39.29 46.43
CA ASP C 29 1.44 -39.57 47.23
C ASP C 29 1.40 -38.60 48.39
N LEU C 30 0.19 -38.36 48.91
CA LEU C 30 -0.01 -37.57 50.12
C LEU C 30 -1.49 -37.66 50.48
N ALA C 31 -1.79 -37.25 51.71
CA ALA C 31 -3.17 -37.30 52.17
C ALA C 31 -3.20 -36.19 53.20
N VAL C 32 -4.06 -35.21 52.98
CA VAL C 32 -4.37 -34.17 53.96
C VAL C 32 -5.52 -34.64 54.81
N ARG C 33 -5.40 -34.46 56.13
CA ARG C 33 -6.39 -34.94 57.09
C ARG C 33 -7.58 -33.99 57.22
N SER C 34 -7.78 -33.12 56.23
CA SER C 34 -8.95 -32.25 56.12
C SER C 34 -8.91 -31.10 57.11
N GLY C 35 -7.97 -31.10 58.03
CA GLY C 35 -7.84 -30.00 58.96
C GLY C 35 -6.42 -29.62 59.27
N GLN C 36 -5.47 -30.32 58.65
CA GLN C 36 -4.06 -30.12 58.93
C GLN C 36 -3.39 -29.38 57.79
N THR C 37 -2.19 -28.90 58.06
CA THR C 37 -1.37 -28.20 57.08
C THR C 37 -0.25 -29.12 56.63
N VAL C 38 -0.06 -29.23 55.31
CA VAL C 38 1.01 -30.03 54.73
C VAL C 38 1.79 -29.17 53.76
N ALA C 39 3.10 -29.06 53.99
CA ALA C 39 3.98 -28.32 53.11
C ALA C 39 4.96 -29.28 52.45
N VAL C 40 4.93 -29.34 51.13
CA VAL C 40 5.90 -30.12 50.37
C VAL C 40 7.06 -29.19 50.03
N VAL C 41 8.26 -29.75 49.99
CA VAL C 41 9.46 -28.98 49.73
C VAL C 41 10.32 -29.72 48.72
N GLY C 42 11.01 -28.95 47.89
CA GLY C 42 11.86 -29.53 46.87
C GLY C 42 12.68 -28.48 46.18
N GLU C 43 13.82 -28.90 45.65
CA GLU C 43 14.68 -28.01 44.90
C GLU C 43 13.99 -27.60 43.61
N SER C 44 14.65 -26.73 42.85
CA SER C 44 14.09 -26.30 41.58
C SER C 44 14.02 -27.47 40.61
N GLY C 45 13.05 -27.40 39.70
CA GLY C 45 12.85 -28.47 38.75
C GLY C 45 12.52 -29.82 39.35
N SER C 46 12.12 -29.87 40.62
CA SER C 46 11.77 -31.12 41.26
C SER C 46 10.36 -31.59 40.95
N GLY C 47 9.52 -30.71 40.42
CA GLY C 47 8.16 -31.11 40.10
C GLY C 47 7.16 -30.93 41.22
N LYS C 48 7.13 -29.72 41.78
CA LYS C 48 6.21 -29.37 42.90
C LYS C 48 5.02 -28.58 42.33
N SER C 49 5.29 -27.53 41.55
CA SER C 49 4.20 -26.73 40.97
C SER C 49 3.41 -27.67 40.05
N THR C 50 4.13 -28.37 39.19
CA THR C 50 3.45 -29.17 38.18
C THR C 50 2.37 -30.04 38.81
N THR C 51 2.71 -30.76 39.87
CA THR C 51 1.74 -31.60 40.54
C THR C 51 0.73 -30.80 41.35
N ALA C 52 1.01 -29.53 41.64
CA ALA C 52 0.02 -28.66 42.27
C ALA C 52 -0.95 -28.07 41.27
N ALA C 53 -0.54 -27.91 40.01
CA ALA C 53 -1.45 -27.47 38.97
C ALA C 53 -2.21 -28.62 38.32
N ALA C 54 -1.65 -29.83 38.33
CA ALA C 54 -2.32 -30.98 37.73
C ALA C 54 -3.54 -31.42 38.52
N ILE C 55 -3.75 -30.90 39.72
CA ILE C 55 -4.92 -31.26 40.49
C ILE C 55 -6.14 -30.50 40.00
N LEU C 56 -5.97 -29.22 39.70
CA LEU C 56 -7.12 -28.40 39.31
C LEU C 56 -7.37 -28.43 37.81
N GLY C 57 -6.69 -29.29 37.07
CA GLY C 57 -6.81 -29.28 35.63
C GLY C 57 -6.19 -28.08 34.96
N LEU C 58 -5.35 -27.32 35.66
CA LEU C 58 -4.67 -26.15 35.11
C LEU C 58 -3.36 -26.50 34.43
N LEU C 59 -3.22 -27.73 33.96
CA LEU C 59 -1.97 -28.15 33.35
C LEU C 59 -1.71 -27.35 32.07
N PRO C 60 -0.47 -27.00 31.79
CA PRO C 60 -0.17 -26.27 30.56
C PRO C 60 -0.37 -27.12 29.32
N ALA C 61 -0.02 -26.57 28.15
CA ALA C 61 -0.39 -27.17 26.88
C ALA C 61 0.02 -28.63 26.78
N GLY C 62 1.25 -28.96 27.18
CA GLY C 62 1.75 -30.31 26.97
C GLY C 62 1.25 -31.34 27.96
N GLY C 63 0.88 -30.88 29.16
CA GLY C 63 0.62 -31.81 30.25
C GLY C 63 -0.57 -32.71 29.97
N ARG C 64 -0.57 -33.83 30.70
CA ARG C 64 -1.68 -34.77 30.72
C ARG C 64 -1.44 -35.79 31.82
N ILE C 65 -2.53 -36.23 32.45
CA ILE C 65 -2.47 -37.28 33.51
C ILE C 65 -2.41 -38.64 32.79
N THR C 66 -1.64 -39.58 33.35
CA THR C 66 -1.48 -40.89 32.71
C THR C 66 -1.86 -42.04 33.65
N ALA C 67 -1.93 -41.82 34.95
CA ALA C 67 -2.29 -42.86 35.90
C ALA C 67 -2.62 -42.18 37.23
N GLY C 68 -2.80 -43.00 38.25
CA GLY C 68 -3.09 -42.47 39.56
C GLY C 68 -4.47 -41.87 39.65
N ARG C 69 -4.83 -41.48 40.87
CA ARG C 69 -6.16 -40.95 41.13
C ARG C 69 -6.03 -39.79 42.11
N VAL C 70 -6.97 -38.86 42.03
CA VAL C 70 -7.07 -37.77 42.99
C VAL C 70 -8.53 -37.65 43.41
N VAL C 71 -8.89 -38.31 44.51
CA VAL C 71 -10.23 -38.25 45.03
C VAL C 71 -10.38 -37.04 45.95
N PHE C 72 -11.62 -36.58 46.09
CA PHE C 72 -11.89 -35.40 46.90
C PHE C 72 -13.24 -35.77 47.49
N ASP C 73 -13.27 -36.01 48.79
CA ASP C 73 -14.41 -36.58 49.50
C ASP C 73 -14.82 -37.94 48.94
N GLY C 74 -14.07 -38.49 47.99
CA GLY C 74 -14.36 -39.81 47.45
C GLY C 74 -14.68 -39.85 45.97
N ARG C 75 -14.57 -38.74 45.23
CA ARG C 75 -14.94 -38.70 43.82
C ARG C 75 -13.73 -38.35 42.99
N ASP C 76 -13.45 -39.17 41.99
CA ASP C 76 -12.31 -38.93 41.10
C ASP C 76 -12.54 -37.67 40.28
N ILE C 77 -11.64 -36.71 40.40
CA ILE C 77 -11.61 -35.56 39.52
C ILE C 77 -10.49 -35.67 38.50
N THR C 78 -9.91 -36.86 38.33
CA THR C 78 -8.95 -37.12 37.26
C THR C 78 -9.56 -36.94 35.89
N GLY C 79 -10.83 -37.31 35.71
CA GLY C 79 -11.54 -37.14 34.46
C GLY C 79 -12.04 -35.72 34.34
N ALA C 80 -11.16 -34.81 33.92
CA ALA C 80 -11.29 -33.36 34.07
C ALA C 80 -12.72 -32.87 33.90
N ASP C 81 -13.39 -33.24 32.81
CA ASP C 81 -14.82 -32.97 32.66
C ASP C 81 -15.15 -31.50 32.92
N ALA C 82 -14.75 -30.60 32.04
CA ALA C 82 -14.91 -29.19 32.33
C ALA C 82 -16.39 -28.80 32.24
N LYS C 83 -17.21 -29.50 33.02
CA LYS C 83 -18.60 -29.14 33.29
C LYS C 83 -18.82 -29.33 34.78
N ARG C 84 -18.04 -30.25 35.36
CA ARG C 84 -18.12 -30.62 36.76
C ARG C 84 -17.14 -29.86 37.63
N LEU C 85 -15.91 -29.66 37.15
CA LEU C 85 -14.93 -28.90 37.92
C LEU C 85 -15.37 -27.46 38.15
N ARG C 86 -16.35 -26.98 37.40
CA ARG C 86 -16.94 -25.69 37.71
C ARG C 86 -17.70 -25.73 39.04
N SER C 87 -18.20 -26.89 39.44
CA SER C 87 -18.88 -27.08 40.71
C SER C 87 -17.90 -27.20 41.87
N ILE C 88 -16.60 -27.12 41.62
CA ILE C 88 -15.59 -27.28 42.64
C ILE C 88 -14.67 -26.06 42.72
N ARG C 89 -14.10 -25.63 41.60
CA ARG C 89 -13.18 -24.51 41.62
C ARG C 89 -13.85 -23.27 42.21
N GLY C 90 -13.22 -22.70 43.23
CA GLY C 90 -13.75 -21.51 43.87
C GLY C 90 -14.70 -21.82 45.00
N ARG C 91 -15.34 -22.98 44.96
CA ARG C 91 -16.30 -23.34 46.00
C ARG C 91 -15.76 -24.34 47.00
N GLU C 92 -14.91 -25.27 46.58
CA GLU C 92 -14.31 -26.22 47.49
C GLU C 92 -12.79 -26.15 47.52
N ILE C 93 -12.15 -25.74 46.44
CA ILE C 93 -10.69 -25.69 46.36
C ILE C 93 -10.30 -24.36 45.75
N GLY C 94 -9.58 -23.54 46.50
CA GLY C 94 -9.09 -22.27 46.01
C GLY C 94 -7.80 -22.44 45.25
N TYR C 95 -7.07 -21.33 45.15
CA TYR C 95 -5.77 -21.30 44.48
C TYR C 95 -5.09 -19.99 44.77
N VAL C 96 -3.76 -20.01 44.83
CA VAL C 96 -2.96 -18.82 45.04
C VAL C 96 -1.74 -18.91 44.13
N PRO C 97 -1.51 -17.94 43.27
CA PRO C 97 -0.38 -18.04 42.33
C PRO C 97 0.95 -17.79 42.99
N GLN C 98 2.02 -17.82 42.21
CA GLN C 98 3.38 -17.64 42.70
C GLN C 98 3.95 -16.27 42.35
N ASP C 99 3.71 -15.80 41.13
CA ASP C 99 4.23 -14.52 40.68
C ASP C 99 3.21 -13.43 40.98
N PRO C 100 3.51 -12.47 41.86
CA PRO C 100 2.52 -11.44 42.17
C PRO C 100 2.42 -10.34 41.11
N MET C 101 3.35 -10.31 40.16
CA MET C 101 3.30 -9.26 39.13
C MET C 101 2.35 -9.65 38.01
N THR C 102 2.59 -10.79 37.38
CA THR C 102 1.90 -11.15 36.14
C THR C 102 0.72 -12.10 36.36
N ASN C 103 0.09 -12.05 37.52
CA ASN C 103 -1.09 -12.86 37.76
C ASN C 103 -2.35 -12.03 37.97
N LEU C 104 -2.35 -10.78 37.55
CA LEU C 104 -3.54 -9.95 37.53
C LEU C 104 -3.67 -9.31 36.15
N ASN C 105 -4.82 -9.55 35.50
CA ASN C 105 -5.09 -8.90 34.21
C ASN C 105 -4.75 -7.45 34.49
N PRO C 106 -3.81 -6.80 33.78
CA PRO C 106 -3.35 -5.47 34.17
C PRO C 106 -4.20 -4.34 33.63
N VAL C 107 -5.36 -4.63 33.08
CA VAL C 107 -6.21 -3.58 32.51
C VAL C 107 -7.61 -3.65 33.09
N TRP C 108 -7.75 -4.17 34.31
CA TRP C 108 -9.11 -4.46 34.75
C TRP C 108 -9.49 -3.97 36.14
N LYS C 109 -8.67 -3.11 36.76
CA LYS C 109 -9.16 -2.40 37.94
C LYS C 109 -9.46 -3.37 39.10
N VAL C 110 -8.37 -3.89 39.67
CA VAL C 110 -8.37 -5.07 40.54
C VAL C 110 -9.60 -5.12 41.46
N GLY C 111 -10.06 -3.96 41.92
CA GLY C 111 -11.33 -3.92 42.61
C GLY C 111 -12.45 -4.58 41.84
N PHE C 112 -12.33 -4.65 40.52
CA PHE C 112 -13.32 -5.33 39.69
C PHE C 112 -12.98 -6.80 39.46
N GLN C 113 -11.70 -7.13 39.32
CA GLN C 113 -11.34 -8.55 39.22
C GLN C 113 -11.73 -9.31 40.48
N VAL C 114 -11.72 -8.64 41.62
CA VAL C 114 -12.17 -9.28 42.85
C VAL C 114 -13.69 -9.39 42.89
N THR C 115 -14.39 -8.36 42.42
CA THR C 115 -15.84 -8.29 42.57
C THR C 115 -16.56 -9.43 41.87
N GLU C 116 -15.90 -10.14 40.97
CA GLU C 116 -16.52 -11.28 40.30
C GLU C 116 -16.03 -12.62 40.82
N ALA C 117 -15.01 -12.62 41.67
CA ALA C 117 -14.56 -13.87 42.30
C ALA C 117 -15.65 -14.48 43.16
N LEU C 118 -16.61 -13.68 43.61
CA LEU C 118 -17.78 -14.14 44.35
C LEU C 118 -19.03 -14.29 43.48
N ARG C 119 -18.83 -14.65 42.21
CA ARG C 119 -19.81 -14.54 41.13
C ARG C 119 -21.22 -14.97 41.54
N ALA C 120 -21.34 -15.79 42.58
CA ALA C 120 -22.65 -16.12 43.11
C ALA C 120 -23.21 -14.96 43.92
N ASN C 121 -23.81 -13.99 43.24
CA ASN C 121 -24.33 -12.78 43.88
C ASN C 121 -25.32 -12.13 42.92
N THR C 122 -25.86 -10.97 43.32
CA THR C 122 -26.87 -10.28 42.52
C THR C 122 -26.28 -9.48 41.36
N ASP C 123 -24.95 -9.33 41.31
CA ASP C 123 -24.14 -8.74 40.24
C ASP C 123 -24.20 -7.22 40.18
N GLY C 124 -25.04 -6.54 40.97
CA GLY C 124 -25.06 -5.09 40.83
C GLY C 124 -25.14 -4.22 42.06
N ARG C 125 -25.41 -4.78 43.25
CA ARG C 125 -25.46 -3.96 44.45
C ARG C 125 -24.51 -4.45 45.55
N ALA C 126 -24.54 -5.74 45.88
CA ALA C 126 -23.78 -6.22 47.02
C ALA C 126 -22.31 -6.43 46.71
N ALA C 127 -21.95 -6.55 45.44
CA ALA C 127 -20.59 -6.90 45.07
C ALA C 127 -19.62 -5.77 45.42
N ARG C 128 -19.92 -4.56 44.96
CA ARG C 128 -18.99 -3.44 45.11
C ARG C 128 -18.65 -3.14 46.56
N ARG C 129 -19.39 -3.69 47.51
CA ARG C 129 -19.18 -3.45 48.93
C ARG C 129 -18.79 -4.66 49.74
N ARG C 130 -19.25 -5.85 49.35
CA ARG C 130 -18.71 -7.09 49.90
C ARG C 130 -17.25 -7.27 49.49
N ALA C 131 -16.87 -6.80 48.30
CA ALA C 131 -15.47 -6.89 47.90
C ALA C 131 -14.59 -5.99 48.75
N VAL C 132 -15.06 -4.79 49.08
CA VAL C 132 -14.31 -3.94 49.98
C VAL C 132 -14.20 -4.58 51.35
N GLU C 133 -15.26 -5.27 51.79
CA GLU C 133 -15.18 -6.01 53.05
C GLU C 133 -14.11 -7.10 52.98
N LEU C 134 -14.05 -7.82 51.86
CA LEU C 134 -13.06 -8.88 51.70
C LEU C 134 -11.65 -8.30 51.73
N LEU C 135 -11.42 -7.22 51.00
CA LEU C 135 -10.10 -6.59 51.04
C LEU C 135 -9.77 -6.06 52.43
N ALA C 136 -10.79 -5.62 53.17
CA ALA C 136 -10.57 -5.17 54.54
C ALA C 136 -10.07 -6.32 55.40
N GLU C 137 -10.74 -7.47 55.32
CA GLU C 137 -10.24 -8.62 56.06
C GLU C 137 -8.98 -9.20 55.44
N ALA C 138 -8.56 -8.70 54.27
CA ALA C 138 -7.29 -9.12 53.69
C ALA C 138 -6.13 -8.35 54.31
N GLY C 139 -6.37 -7.13 54.76
CA GLY C 139 -5.38 -6.42 55.55
C GLY C 139 -4.76 -5.20 54.88
N LEU C 140 -5.22 -4.84 53.69
CA LEU C 140 -4.66 -3.69 53.00
C LEU C 140 -4.88 -2.42 53.83
N PRO C 141 -4.09 -1.37 53.60
CA PRO C 141 -4.24 -0.15 54.43
C PRO C 141 -5.62 0.46 54.35
N ASP C 142 -6.10 0.78 53.16
CA ASP C 142 -7.42 1.37 52.99
C ASP C 142 -8.10 0.76 51.77
N PRO C 143 -8.95 -0.25 51.97
CA PRO C 143 -9.53 -0.98 50.84
C PRO C 143 -10.32 -0.11 49.88
N ALA C 144 -11.04 0.87 50.43
CA ALA C 144 -11.89 1.72 49.60
C ALA C 144 -11.10 2.51 48.57
N LYS C 145 -9.95 3.09 48.94
CA LYS C 145 -9.18 3.87 48.00
C LYS C 145 -8.36 3.01 47.05
N GLN C 146 -7.88 1.86 47.50
CA GLN C 146 -7.05 1.00 46.66
C GLN C 146 -7.88 0.07 45.79
N ALA C 147 -9.20 0.02 46.01
CA ALA C 147 -10.07 -0.76 45.14
C ALA C 147 -10.35 -0.09 43.81
N GLY C 148 -9.63 0.99 43.50
CA GLY C 148 -9.80 1.68 42.24
C GLY C 148 -8.47 1.96 41.57
N ARG C 149 -7.50 1.09 41.83
CA ARG C 149 -6.16 1.23 41.28
C ARG C 149 -5.88 0.05 40.37
N TYR C 150 -5.13 0.30 39.30
CA TYR C 150 -4.76 -0.77 38.40
C TYR C 150 -3.62 -1.58 38.99
N PRO C 151 -3.51 -2.86 38.61
CA PRO C 151 -2.52 -3.73 39.25
C PRO C 151 -1.09 -3.34 38.98
N HIS C 152 -0.87 -2.46 37.99
CA HIS C 152 0.47 -1.98 37.70
C HIS C 152 0.88 -0.84 38.62
N GLN C 153 0.00 -0.41 39.52
CA GLN C 153 0.26 0.69 40.42
C GLN C 153 0.64 0.24 41.82
N LEU C 154 0.26 -0.96 42.22
CA LEU C 154 0.48 -1.43 43.58
C LEU C 154 1.87 -2.03 43.71
N SER C 155 2.37 -2.04 44.94
CA SER C 155 3.65 -2.66 45.22
C SER C 155 3.49 -4.20 45.28
N GLY C 156 4.61 -4.87 45.54
CA GLY C 156 4.56 -6.31 45.67
C GLY C 156 3.82 -6.76 46.92
N GLY C 157 4.00 -6.03 48.02
CA GLY C 157 3.37 -6.37 49.27
C GLY C 157 1.86 -6.32 49.30
N MET C 158 1.25 -5.63 48.34
CA MET C 158 -0.20 -5.58 48.27
C MET C 158 -0.75 -6.52 47.21
N CYS C 159 0.01 -6.77 46.15
CA CYS C 159 -0.44 -7.71 45.12
C CYS C 159 -0.70 -9.08 45.71
N GLN C 160 0.18 -9.54 46.60
CA GLN C 160 -0.01 -10.87 47.17
C GLN C 160 -1.21 -10.88 48.11
N ARG C 161 -1.44 -9.79 48.85
CA ARG C 161 -2.63 -9.72 49.69
C ARG C 161 -3.89 -9.77 48.83
N ALA C 162 -3.89 -9.10 47.69
CA ALA C 162 -5.03 -9.16 46.79
C ALA C 162 -5.24 -10.56 46.26
N LEU C 163 -4.15 -11.24 45.88
CA LEU C 163 -4.25 -12.62 45.41
C LEU C 163 -4.84 -13.52 46.49
N ILE C 164 -4.40 -13.37 47.74
CA ILE C 164 -4.94 -14.19 48.82
C ILE C 164 -6.41 -13.88 49.02
N ALA C 165 -6.79 -12.60 48.94
CA ALA C 165 -8.20 -12.25 49.06
C ALA C 165 -9.03 -12.90 47.97
N ILE C 166 -8.52 -12.91 46.74
CA ILE C 166 -9.21 -13.59 45.65
C ILE C 166 -9.36 -15.08 45.96
N GLY C 167 -8.27 -15.70 46.41
CA GLY C 167 -8.32 -17.11 46.74
C GLY C 167 -9.41 -17.39 47.74
N LEU C 168 -9.43 -16.64 48.84
CA LEU C 168 -10.41 -16.86 49.91
C LEU C 168 -11.63 -16.08 49.46
N ALA C 169 -12.32 -16.55 48.42
CA ALA C 169 -13.57 -15.91 48.01
C ALA C 169 -14.78 -16.69 48.50
N GLY C 170 -14.91 -17.95 48.09
CA GLY C 170 -16.03 -18.76 48.51
C GLY C 170 -15.71 -19.56 49.76
N ARG C 171 -14.75 -19.07 50.55
CA ARG C 171 -14.26 -19.76 51.73
C ARG C 171 -13.98 -21.24 51.41
N PRO C 172 -13.03 -21.51 50.51
CA PRO C 172 -12.81 -22.88 50.06
C PRO C 172 -12.43 -23.83 51.19
N ARG C 173 -12.77 -25.10 51.04
CA ARG C 173 -12.47 -26.10 52.04
C ARG C 173 -11.07 -26.68 51.88
N LEU C 174 -10.29 -26.17 50.92
CA LEU C 174 -8.91 -26.61 50.74
C LEU C 174 -8.21 -25.57 49.87
N LEU C 175 -7.02 -25.16 50.28
CA LEU C 175 -6.26 -24.16 49.56
C LEU C 175 -4.93 -24.74 49.10
N ILE C 176 -4.53 -24.40 47.87
CA ILE C 176 -3.33 -24.96 47.26
C ILE C 176 -2.33 -23.87 46.98
N ALA C 177 -2.23 -22.88 47.88
CA ALA C 177 -1.29 -21.79 47.74
C ALA C 177 0.06 -22.33 47.26
N ASP C 178 0.55 -21.76 46.16
CA ASP C 178 1.70 -22.30 45.44
C ASP C 178 2.85 -21.30 45.51
N GLN C 179 3.77 -21.52 46.45
CA GLN C 179 4.93 -20.65 46.65
C GLN C 179 4.53 -19.17 46.69
N PRO C 180 3.68 -18.78 47.61
CA PRO C 180 3.11 -17.42 47.57
C PRO C 180 4.23 -16.39 47.67
N THR C 181 4.87 -16.36 48.84
CA THR C 181 5.92 -15.38 49.18
C THR C 181 7.28 -15.76 48.58
N SER C 182 7.31 -16.16 47.32
CA SER C 182 8.57 -16.47 46.66
C SER C 182 9.22 -15.27 46.01
N ALA C 183 8.44 -14.30 45.55
CA ALA C 183 8.98 -13.07 45.00
C ALA C 183 8.96 -11.92 46.00
N LEU C 184 8.22 -12.06 47.09
CA LEU C 184 8.22 -11.04 48.12
C LEU C 184 9.54 -11.05 48.88
N ASP C 185 9.72 -10.04 49.71
CA ASP C 185 10.94 -9.85 50.50
C ASP C 185 10.66 -10.04 51.99
N VAL C 186 11.75 -10.21 52.74
CA VAL C 186 11.60 -10.49 54.17
C VAL C 186 11.09 -9.25 54.88
N THR C 187 10.53 -9.46 56.08
CA THR C 187 9.79 -8.50 56.90
C THR C 187 8.47 -8.12 56.23
N VAL C 188 8.22 -8.58 55.01
CA VAL C 188 6.90 -8.59 54.42
C VAL C 188 6.37 -10.01 54.28
N GLN C 189 7.23 -10.94 53.88
CA GLN C 189 6.89 -12.35 53.90
C GLN C 189 6.35 -12.78 55.26
N ARG C 190 7.05 -12.42 56.33
CA ARG C 190 6.64 -12.87 57.66
C ARG C 190 5.27 -12.33 58.02
N GLN C 191 5.01 -11.05 57.74
CA GLN C 191 3.73 -10.47 58.12
C GLN C 191 2.60 -11.02 57.27
N VAL C 192 2.85 -11.22 55.97
CA VAL C 192 1.82 -11.82 55.11
C VAL C 192 1.49 -13.22 55.60
N LEU C 193 2.51 -14.01 55.95
CA LEU C 193 2.25 -15.37 56.40
C LEU C 193 1.55 -15.38 57.76
N ASP C 194 1.90 -14.43 58.63
CA ASP C 194 1.19 -14.33 59.90
C ASP C 194 -0.27 -13.99 59.70
N HIS C 195 -0.57 -13.09 58.75
CA HIS C 195 -1.96 -12.79 58.44
C HIS C 195 -2.66 -14.01 57.84
N LEU C 196 -1.97 -14.75 56.98
CA LEU C 196 -2.55 -15.92 56.35
C LEU C 196 -2.89 -17.00 57.38
N GLN C 197 -1.92 -17.39 58.20
CA GLN C 197 -2.13 -18.39 59.23
C GLN C 197 -3.27 -18.04 60.17
N GLY C 198 -3.53 -16.76 60.39
CA GLY C 198 -4.66 -16.38 61.21
C GLY C 198 -5.96 -16.47 60.42
N LEU C 199 -5.90 -16.11 59.14
CA LEU C 199 -7.08 -16.19 58.30
C LEU C 199 -7.51 -17.62 58.02
N THR C 200 -6.64 -18.60 58.30
CA THR C 200 -6.91 -19.99 57.97
C THR C 200 -7.81 -20.69 58.97
N ASP C 201 -7.39 -20.75 60.25
CA ASP C 201 -8.10 -21.57 61.23
C ASP C 201 -9.55 -21.15 61.40
N GLU C 202 -9.90 -19.94 61.00
CA GLU C 202 -11.28 -19.48 61.18
C GLU C 202 -12.24 -20.24 60.29
N LEU C 203 -11.75 -20.98 59.30
CA LEU C 203 -12.62 -21.73 58.42
C LEU C 203 -12.36 -23.22 58.45
N GLY C 204 -11.18 -23.65 58.88
CA GLY C 204 -10.80 -25.05 58.84
C GLY C 204 -10.07 -25.47 57.59
N THR C 205 -9.71 -24.52 56.73
CA THR C 205 -9.04 -24.85 55.48
C THR C 205 -7.73 -25.57 55.75
N ALA C 206 -7.33 -26.42 54.80
CA ALA C 206 -6.15 -27.27 54.95
C ALA C 206 -4.86 -26.54 54.60
N LEU C 207 -4.90 -25.70 53.56
CA LEU C 207 -3.77 -24.86 53.16
C LEU C 207 -2.49 -25.61 52.74
N LEU C 208 -2.68 -26.49 51.77
CA LEU C 208 -1.53 -27.15 51.17
C LEU C 208 -0.67 -26.11 50.48
N LEU C 209 0.49 -25.81 51.05
CA LEU C 209 1.36 -24.76 50.53
C LEU C 209 2.67 -25.35 50.06
N ILE C 210 3.15 -24.85 48.95
CA ILE C 210 4.42 -25.28 48.39
C ILE C 210 5.49 -24.29 48.79
N THR C 211 6.68 -24.80 49.12
CA THR C 211 7.79 -23.94 49.44
C THR C 211 9.08 -24.71 49.18
N HIS C 212 10.22 -24.03 49.34
CA HIS C 212 11.49 -24.62 48.93
C HIS C 212 12.60 -24.63 49.96
N ASP C 213 12.30 -24.45 51.24
CA ASP C 213 13.34 -24.50 52.26
C ASP C 213 12.79 -25.16 53.52
N LEU C 214 13.67 -25.88 54.22
CA LEU C 214 13.23 -26.68 55.35
C LEU C 214 12.80 -25.82 56.53
N ALA C 215 13.72 -25.00 57.05
CA ALA C 215 13.50 -24.29 58.31
C ALA C 215 12.16 -23.57 58.34
N LEU C 216 11.72 -23.02 57.21
CA LEU C 216 10.44 -22.35 57.16
C LEU C 216 9.30 -23.35 57.17
N ALA C 217 9.37 -24.38 56.31
CA ALA C 217 8.34 -25.39 56.22
C ALA C 217 8.11 -26.12 57.53
N ALA C 218 9.12 -26.26 58.37
CA ALA C 218 8.94 -26.92 59.64
C ALA C 218 8.27 -26.03 60.68
N GLN C 219 8.70 -24.76 60.79
CA GLN C 219 8.08 -23.84 61.73
C GLN C 219 6.69 -23.41 61.31
N ARG C 220 6.33 -23.55 60.04
CA ARG C 220 5.01 -23.13 59.59
C ARG C 220 3.99 -24.27 59.53
N ALA C 221 4.37 -25.42 58.98
CA ALA C 221 3.43 -26.49 58.75
C ALA C 221 3.63 -27.62 59.75
N GLU C 222 2.82 -28.66 59.61
CA GLU C 222 2.85 -29.81 60.50
C GLU C 222 3.48 -31.04 59.88
N ALA C 223 3.16 -31.36 58.63
CA ALA C 223 3.78 -32.46 57.92
C ALA C 223 4.61 -31.91 56.78
N VAL C 224 5.60 -32.69 56.37
CA VAL C 224 6.49 -32.34 55.28
C VAL C 224 6.54 -33.49 54.30
N VAL C 225 6.62 -33.17 53.01
CA VAL C 225 6.74 -34.17 51.96
C VAL C 225 7.85 -33.71 51.03
N VAL C 226 9.00 -34.37 51.11
CA VAL C 226 10.17 -34.01 50.34
C VAL C 226 10.11 -34.71 48.99
N VAL C 227 10.49 -34.00 47.93
CA VAL C 227 10.42 -34.53 46.58
C VAL C 227 11.70 -34.19 45.84
N ARG C 228 12.23 -35.17 45.12
CA ARG C 228 13.40 -34.97 44.25
C ARG C 228 13.12 -35.67 42.93
N ARG C 229 13.24 -34.91 41.83
CA ARG C 229 12.98 -35.43 40.49
C ARG C 229 11.58 -36.03 40.38
N GLY C 230 10.63 -35.38 41.05
CA GLY C 230 9.25 -35.81 41.00
C GLY C 230 8.99 -37.14 41.68
N VAL C 231 9.68 -37.42 42.78
CA VAL C 231 9.51 -38.66 43.51
C VAL C 231 9.44 -38.34 44.99
N VAL C 232 8.40 -38.84 45.66
CA VAL C 232 8.29 -38.65 47.11
C VAL C 232 9.47 -39.34 47.77
N VAL C 233 10.19 -38.60 48.61
CA VAL C 233 11.35 -39.19 49.27
C VAL C 233 11.00 -39.64 50.69
N GLU C 234 10.20 -38.83 51.40
CA GLU C 234 9.90 -39.12 52.79
C GLU C 234 8.68 -38.30 53.21
N SER C 235 8.20 -38.58 54.42
CA SER C 235 7.05 -37.85 54.95
C SER C 235 6.97 -38.08 56.45
N GLY C 236 6.50 -37.07 57.16
CA GLY C 236 6.38 -37.16 58.61
C GLY C 236 6.18 -35.78 59.21
N ALA C 237 6.27 -35.73 60.53
CA ALA C 237 6.13 -34.47 61.24
C ALA C 237 7.34 -33.58 61.00
N ALA C 238 7.19 -32.30 61.35
CA ALA C 238 8.22 -31.32 61.04
C ALA C 238 9.43 -31.48 61.95
N GLN C 239 9.21 -31.50 63.27
CA GLN C 239 10.30 -31.64 64.21
C GLN C 239 11.06 -32.95 63.98
N SER C 240 10.32 -34.05 63.81
CA SER C 240 10.95 -35.35 63.68
C SER C 240 11.74 -35.47 62.39
N ILE C 241 11.39 -34.70 61.37
CA ILE C 241 12.14 -34.75 60.11
C ILE C 241 13.35 -33.83 60.19
N LEU C 242 13.15 -32.57 60.57
CA LEU C 242 14.25 -31.63 60.64
C LEU C 242 15.33 -32.09 61.64
N GLN C 243 14.91 -32.51 62.83
CA GLN C 243 15.85 -32.96 63.84
C GLN C 243 16.40 -34.35 63.55
N SER C 244 15.59 -35.25 62.99
CA SER C 244 16.03 -36.61 62.66
C SER C 244 15.81 -36.87 61.18
N PRO C 245 16.69 -36.38 60.32
CA PRO C 245 16.64 -36.76 58.91
C PRO C 245 17.19 -38.17 58.72
N GLN C 246 16.43 -39.01 58.03
CA GLN C 246 16.84 -40.39 57.82
C GLN C 246 17.51 -40.58 56.47
N HIS C 247 16.82 -40.23 55.40
CA HIS C 247 17.42 -40.35 54.08
C HIS C 247 18.59 -39.39 53.93
N GLU C 248 19.61 -39.84 53.21
CA GLU C 248 20.78 -38.99 52.98
C GLU C 248 20.39 -37.65 52.36
N TYR C 249 19.35 -37.62 51.52
CA TYR C 249 19.02 -36.40 50.82
C TYR C 249 18.53 -35.33 51.77
N THR C 250 17.55 -35.66 52.62
CA THR C 250 17.07 -34.67 53.58
C THR C 250 18.15 -34.29 54.58
N ARG C 251 19.03 -35.23 54.91
CA ARG C 251 20.16 -34.91 55.78
C ARG C 251 21.03 -33.83 55.15
N ARG C 252 21.43 -34.03 53.90
CA ARG C 252 22.17 -33.00 53.19
C ARG C 252 21.40 -31.69 53.13
N LEU C 253 20.09 -31.77 52.88
CA LEU C 253 19.28 -30.57 52.70
C LEU C 253 19.22 -29.75 53.98
N VAL C 254 19.07 -30.38 55.14
CA VAL C 254 19.06 -29.64 56.39
C VAL C 254 20.46 -29.15 56.73
N ALA C 255 21.47 -29.98 56.45
CA ALA C 255 22.84 -29.56 56.69
C ALA C 255 23.25 -28.36 55.84
N ALA C 256 22.55 -28.12 54.73
CA ALA C 256 22.85 -26.97 53.88
C ALA C 256 21.95 -25.78 54.20
N ALA C 257 21.33 -25.75 55.38
CA ALA C 257 20.43 -24.67 55.74
C ALA C 257 21.15 -23.61 56.56
N PRO C 258 21.13 -22.35 56.12
CA PRO C 258 21.86 -21.30 56.83
C PRO C 258 21.13 -20.77 58.06
N SER C 259 21.62 -21.16 59.25
CA SER C 259 21.11 -20.61 60.51
C SER C 259 22.21 -20.22 61.49
N LEU C 260 23.41 -20.79 61.38
CA LEU C 260 24.51 -20.46 62.28
C LEU C 260 25.81 -20.93 61.66
N GLY C 279 47.03 0.58 55.15
CA GLY C 279 46.28 -0.51 55.73
C GLY C 279 44.94 -0.74 55.03
N ASP C 280 43.92 0.00 55.45
CA ASP C 280 42.58 -0.13 54.90
C ASP C 280 42.57 0.54 53.53
N ILE C 281 41.81 -0.02 52.59
CA ILE C 281 41.99 0.28 51.19
C ILE C 281 40.96 1.27 50.65
N LEU C 282 39.75 1.27 51.18
CA LEU C 282 38.67 2.07 50.63
C LEU C 282 37.84 2.66 51.77
N VAL C 283 37.70 3.97 51.78
CA VAL C 283 36.99 4.68 52.83
C VAL C 283 36.12 5.74 52.15
N VAL C 284 34.83 5.42 51.98
CA VAL C 284 33.91 6.41 51.47
C VAL C 284 33.63 7.45 52.54
N SER C 285 33.01 8.55 52.14
CA SER C 285 32.69 9.63 53.06
C SER C 285 31.56 10.45 52.49
N GLU C 286 30.47 10.57 53.26
CA GLU C 286 29.32 11.42 52.97
C GLU C 286 28.91 11.34 51.48
N LEU C 287 28.84 10.11 50.99
CA LEU C 287 28.44 9.87 49.62
C LEU C 287 26.94 10.12 49.50
N THR C 288 26.52 10.74 48.40
CA THR C 288 25.14 11.12 48.21
C THR C 288 24.83 11.20 46.72
N LYS C 289 23.58 10.90 46.34
CA LYS C 289 23.16 10.88 44.94
C LYS C 289 21.66 11.14 44.90
N ILE C 290 21.24 12.06 44.03
CA ILE C 290 19.85 12.43 43.88
C ILE C 290 19.39 12.09 42.47
N TYR C 291 18.07 11.98 42.29
CA TYR C 291 17.47 11.74 40.99
C TYR C 291 16.48 12.85 40.69
N ARG C 292 16.75 13.63 39.64
CA ARG C 292 15.84 14.69 39.22
C ARG C 292 14.68 14.05 38.45
N GLU C 293 13.75 13.49 39.20
CA GLU C 293 12.66 12.73 38.62
C GLU C 293 11.60 13.65 38.03
N SER C 294 10.95 13.17 36.98
CA SER C 294 9.85 13.87 36.33
C SER C 294 8.59 13.01 36.45
N ARG C 295 7.54 13.56 37.06
CA ARG C 295 6.36 12.78 37.41
C ARG C 295 5.08 13.37 36.83
N GLY C 296 5.12 13.91 35.61
CA GLY C 296 3.92 14.48 35.03
C GLY C 296 4.11 15.87 34.48
N ALA C 297 3.42 16.84 35.07
CA ALA C 297 3.48 18.25 34.68
C ALA C 297 4.93 18.70 34.50
N PRO C 298 5.29 19.21 33.32
CA PRO C 298 6.70 19.55 33.07
C PRO C 298 7.27 20.55 34.05
N TRP C 299 6.47 21.50 34.53
CA TRP C 299 6.94 22.46 35.53
C TRP C 299 6.90 21.89 36.94
N ARG C 300 6.49 20.63 37.10
CA ARG C 300 6.35 19.99 38.40
C ARG C 300 7.32 18.81 38.45
N ARG C 301 8.56 19.08 38.86
CA ARG C 301 9.60 18.07 38.91
C ARG C 301 10.05 17.90 40.35
N VAL C 302 9.87 16.71 40.91
CA VAL C 302 10.26 16.40 42.27
C VAL C 302 11.42 15.42 42.23
N GLU C 303 12.37 15.61 43.15
CA GLU C 303 13.57 14.79 43.23
C GLU C 303 13.32 13.59 44.14
N SER C 304 14.13 12.55 43.97
CA SER C 304 14.08 11.34 44.79
C SER C 304 15.50 11.04 45.27
N ARG C 305 15.76 11.31 46.54
CA ARG C 305 17.07 11.08 47.12
C ARG C 305 17.32 9.57 47.23
N ALA C 306 18.32 9.08 46.51
CA ALA C 306 18.60 7.66 46.47
C ALA C 306 19.38 7.18 47.70
N VAL C 307 20.57 7.72 47.92
CA VAL C 307 21.43 7.30 49.02
C VAL C 307 22.19 8.52 49.52
N ASP C 308 22.43 8.57 50.82
CA ASP C 308 23.07 9.74 51.41
C ASP C 308 23.67 9.37 52.76
N GLY C 309 24.60 10.20 53.22
CA GLY C 309 25.14 10.07 54.56
C GLY C 309 25.88 8.78 54.81
N VAL C 310 26.44 8.16 53.78
CA VAL C 310 27.16 6.90 53.93
C VAL C 310 28.65 7.19 54.13
N SER C 311 29.26 6.46 55.04
CA SER C 311 30.70 6.57 55.31
C SER C 311 31.12 5.36 56.14
N PHE C 312 32.19 4.70 55.72
CA PHE C 312 32.68 3.53 56.44
C PHE C 312 34.12 3.27 56.04
N ARG C 313 34.65 2.15 56.53
CA ARG C 313 36.02 1.72 56.24
C ARG C 313 36.01 0.23 55.95
N LEU C 314 36.95 -0.22 55.13
CA LEU C 314 37.03 -1.63 54.74
C LEU C 314 38.44 -2.15 54.91
N PRO C 315 38.69 -3.03 55.88
CA PRO C 315 40.03 -3.61 56.03
C PRO C 315 40.31 -4.64 54.95
N ARG C 316 41.59 -4.86 54.69
CA ARG C 316 42.01 -5.84 53.66
C ARG C 316 41.67 -7.24 54.16
N ALA C 317 41.68 -8.20 53.25
CA ALA C 317 41.52 -9.61 53.59
C ALA C 317 40.33 -9.85 54.51
N SER C 318 39.26 -9.08 54.33
CA SER C 318 38.08 -9.22 55.16
C SER C 318 36.82 -9.25 54.30
N THR C 319 35.65 -9.20 54.94
CA THR C 319 34.39 -9.26 54.23
C THR C 319 33.39 -8.35 54.92
N LEU C 320 33.16 -7.18 54.34
CA LEU C 320 32.12 -6.27 54.79
C LEU C 320 30.96 -6.32 53.82
N ALA C 321 29.76 -6.50 54.35
CA ALA C 321 28.59 -6.76 53.53
C ALA C 321 27.56 -5.67 53.75
N ILE C 322 26.72 -5.44 52.76
CA ILE C 322 25.64 -4.46 52.84
C ILE C 322 24.32 -5.20 52.74
N VAL C 323 23.43 -4.95 53.70
CA VAL C 323 22.15 -5.63 53.77
C VAL C 323 21.06 -4.57 53.82
N GLY C 324 20.04 -4.72 52.99
CA GLY C 324 18.97 -3.74 52.95
C GLY C 324 17.73 -4.33 52.33
N GLU C 325 16.62 -3.63 52.52
CA GLU C 325 15.36 -4.10 51.98
C GLU C 325 15.22 -3.71 50.51
N SER C 326 14.19 -4.26 49.88
CA SER C 326 13.92 -3.98 48.47
C SER C 326 13.60 -2.49 48.30
N GLY C 327 14.50 -1.77 47.64
CA GLY C 327 14.36 -0.34 47.48
C GLY C 327 15.05 0.48 48.54
N SER C 328 16.11 -0.04 49.16
CA SER C 328 16.86 0.71 50.14
C SER C 328 18.03 1.48 49.56
N GLY C 329 18.34 1.29 48.29
CA GLY C 329 19.40 2.05 47.66
C GLY C 329 20.77 1.44 47.85
N LYS C 330 20.90 0.15 47.53
CA LYS C 330 22.17 -0.60 47.68
C LYS C 330 22.83 -0.78 46.30
N SER C 331 22.03 -1.11 45.27
CA SER C 331 22.58 -1.32 43.93
C SER C 331 23.22 -0.05 43.39
N THR C 332 22.55 1.09 43.59
CA THR C 332 23.15 2.36 43.17
C THR C 332 24.44 2.63 43.92
N LEU C 333 24.50 2.26 45.20
CA LEU C 333 25.73 2.45 45.95
C LEU C 333 26.84 1.59 45.37
N ALA C 334 26.53 0.35 45.03
CA ALA C 334 27.52 -0.51 44.40
C ALA C 334 28.01 0.11 43.10
N ARG C 335 27.10 0.59 42.28
CA ARG C 335 27.66 1.18 41.06
C ARG C 335 28.59 2.31 41.50
N MET C 336 28.04 3.30 42.21
CA MET C 336 28.87 4.46 42.52
C MET C 336 30.21 4.07 43.12
N VAL C 337 30.31 2.92 43.75
CA VAL C 337 31.62 2.44 44.19
C VAL C 337 32.44 1.98 43.00
N LEU C 338 31.79 1.30 42.04
CA LEU C 338 32.49 0.80 40.87
C LEU C 338 32.69 1.88 39.80
N GLY C 339 32.49 3.15 40.17
CA GLY C 339 32.75 4.24 39.26
C GLY C 339 31.81 4.35 38.09
N LEU C 340 30.97 3.33 37.83
CA LEU C 340 30.04 3.36 36.72
C LEU C 340 28.90 4.34 36.92
N LEU C 341 28.90 5.07 38.03
CA LEU C 341 27.83 6.01 38.34
C LEU C 341 28.45 7.26 38.95
N GLN C 342 28.19 8.40 38.33
CA GLN C 342 28.80 9.64 38.77
C GLN C 342 28.14 10.11 40.06
N PRO C 343 28.86 10.14 41.18
CA PRO C 343 28.25 10.57 42.44
C PRO C 343 27.87 12.04 42.44
N THR C 344 27.04 12.45 43.40
CA THR C 344 26.69 13.85 43.56
C THR C 344 27.62 14.58 44.53
N SER C 345 27.90 13.99 45.69
CA SER C 345 28.86 14.55 46.62
C SER C 345 29.41 13.41 47.47
N GLY C 346 30.68 13.53 47.85
CA GLY C 346 31.34 12.48 48.59
C GLY C 346 32.58 11.97 47.89
N THR C 347 33.40 11.25 48.66
CA THR C 347 34.70 10.79 48.20
C THR C 347 34.78 9.27 48.33
N VAL C 348 35.32 8.64 47.29
CA VAL C 348 35.37 7.18 47.22
C VAL C 348 36.82 6.77 46.97
N VAL C 349 37.75 7.58 47.48
CA VAL C 349 39.17 7.33 47.26
C VAL C 349 39.53 5.88 47.58
N PHE C 350 40.25 5.25 46.66
CA PHE C 350 40.61 3.83 46.76
C PHE C 350 42.12 3.71 46.93
N ASP C 351 42.54 2.98 47.96
CA ASP C 351 43.94 2.60 48.14
C ASP C 351 44.83 3.81 48.39
N GLY C 352 44.24 4.99 48.46
CA GLY C 352 44.98 6.22 48.65
C GLY C 352 45.45 6.87 47.38
N THR C 353 45.33 6.19 46.25
CA THR C 353 45.80 6.73 44.98
C THR C 353 44.68 6.96 43.98
N TYR C 354 43.87 5.94 43.70
CA TYR C 354 42.82 6.02 42.69
C TYR C 354 41.59 6.69 43.30
N ASP C 355 41.37 7.95 42.91
CA ASP C 355 40.14 8.63 43.28
C ASP C 355 39.03 8.22 42.31
N VAL C 356 37.84 7.95 42.83
CA VAL C 356 36.73 7.53 41.98
C VAL C 356 36.00 8.73 41.39
N GLY C 357 35.98 9.87 42.09
CA GLY C 357 35.25 11.01 41.59
C GLY C 357 35.75 11.49 40.24
N ALA C 358 36.98 11.99 40.20
CA ALA C 358 37.59 12.48 38.96
C ALA C 358 38.76 11.56 38.63
N LEU C 359 38.48 10.47 37.91
CA LEU C 359 39.49 9.52 37.50
C LEU C 359 40.32 10.12 36.37
N ALA C 360 41.63 10.14 36.55
CA ALA C 360 42.52 10.71 35.54
C ALA C 360 42.52 9.83 34.29
N ARG C 361 43.25 10.28 33.27
CA ARG C 361 43.21 9.62 31.97
C ARG C 361 43.76 8.20 32.06
N ASP C 362 45.01 8.04 32.47
CA ASP C 362 45.59 6.70 32.59
C ASP C 362 44.95 5.92 33.72
N GLN C 363 44.36 6.62 34.71
CA GLN C 363 43.86 5.94 35.89
C GLN C 363 42.70 5.01 35.60
N VAL C 364 41.92 5.24 34.54
CA VAL C 364 40.80 4.36 34.25
C VAL C 364 41.29 2.93 34.02
N LEU C 365 42.29 2.76 33.15
CA LEU C 365 42.83 1.43 32.89
C LEU C 365 43.88 1.01 33.90
N ALA C 366 44.42 1.95 34.69
CA ALA C 366 45.24 1.56 35.83
C ALA C 366 44.40 1.08 37.01
N PHE C 367 43.09 1.34 36.98
CA PHE C 367 42.20 1.01 38.09
C PHE C 367 41.24 -0.13 37.80
N ARG C 368 40.75 -0.27 36.57
CA ARG C 368 39.81 -1.34 36.29
C ARG C 368 40.39 -2.73 36.55
N ARG C 369 41.72 -2.86 36.66
CA ARG C 369 42.33 -4.16 36.85
C ARG C 369 42.62 -4.49 38.30
N ARG C 370 42.02 -3.75 39.24
CA ARG C 370 42.11 -4.09 40.65
C ARG C 370 40.76 -4.26 41.30
N VAL C 371 39.67 -3.95 40.61
CA VAL C 371 38.31 -4.15 41.11
C VAL C 371 37.50 -4.77 39.99
N GLN C 372 36.67 -5.75 40.33
CA GLN C 372 35.85 -6.41 39.34
C GLN C 372 34.49 -6.74 39.94
N PRO C 373 33.42 -6.63 39.15
CA PRO C 373 32.09 -6.96 39.66
C PRO C 373 31.67 -8.38 39.35
N VAL C 374 30.60 -8.80 40.03
CA VAL C 374 29.90 -10.04 39.73
C VAL C 374 28.41 -9.74 39.87
N PHE C 375 27.68 -9.87 38.77
CA PHE C 375 26.35 -9.29 38.69
C PHE C 375 25.29 -10.27 39.20
N GLN C 376 24.02 -9.88 39.08
CA GLN C 376 22.96 -10.48 39.88
C GLN C 376 22.51 -11.82 39.32
N ASN C 377 21.95 -11.83 38.11
CA ASN C 377 21.41 -13.11 37.70
C ASN C 377 22.35 -13.84 36.77
N PRO C 378 22.29 -15.18 36.73
CA PRO C 378 23.17 -15.93 35.83
C PRO C 378 22.68 -16.01 34.40
N TYR C 379 21.46 -15.55 34.11
CA TYR C 379 20.85 -15.77 32.81
C TYR C 379 21.10 -14.64 31.83
N SER C 380 21.43 -13.44 32.29
CA SER C 380 21.46 -12.28 31.41
C SER C 380 22.72 -11.45 31.59
N SER C 381 23.87 -12.09 31.78
CA SER C 381 25.13 -11.37 31.92
C SER C 381 26.25 -12.12 31.23
N LEU C 382 25.97 -12.69 30.06
CA LEU C 382 26.97 -13.55 29.44
C LEU C 382 27.11 -13.37 27.93
N ASP C 383 26.42 -12.39 27.34
CA ASP C 383 26.52 -12.16 25.90
C ASP C 383 26.23 -13.44 25.12
N PRO C 384 24.97 -13.85 25.05
CA PRO C 384 24.62 -15.23 24.64
C PRO C 384 25.29 -15.75 23.37
N MET C 385 25.87 -14.88 22.55
CA MET C 385 26.53 -15.30 21.33
C MET C 385 28.01 -15.57 21.52
N TYR C 386 28.47 -15.71 22.76
CA TYR C 386 29.88 -15.90 23.07
C TYR C 386 30.16 -17.33 23.47
N SER C 387 31.30 -17.85 23.05
CA SER C 387 31.78 -19.13 23.54
C SER C 387 32.42 -18.95 24.90
N VAL C 388 32.15 -19.91 25.80
CA VAL C 388 32.61 -19.82 27.18
C VAL C 388 34.09 -19.51 27.29
N PHE C 389 34.89 -19.83 26.29
CA PHE C 389 36.29 -19.45 26.24
C PHE C 389 36.45 -18.03 25.73
N ARG C 390 35.71 -17.65 24.70
CA ARG C 390 35.83 -16.31 24.14
C ARG C 390 35.39 -15.23 25.09
N ALA C 391 34.47 -15.54 26.01
CA ALA C 391 34.07 -14.60 27.04
C ALA C 391 35.09 -14.47 28.15
N ILE C 392 35.64 -15.59 28.62
CA ILE C 392 36.65 -15.55 29.66
C ILE C 392 37.89 -14.82 29.18
N GLU C 393 38.30 -15.05 27.93
CA GLU C 393 39.51 -14.43 27.43
C GLU C 393 39.38 -12.92 27.24
N GLU C 394 38.16 -12.40 27.19
CA GLU C 394 37.96 -11.00 26.84
C GLU C 394 38.70 -10.06 27.79
N PRO C 395 38.57 -10.16 29.11
CA PRO C 395 39.39 -9.29 29.97
C PRO C 395 40.86 -9.53 29.79
N LEU C 396 41.27 -10.76 29.54
CA LEU C 396 42.67 -11.04 29.28
C LEU C 396 43.11 -10.44 27.95
N ARG C 397 42.17 -10.04 27.10
CA ARG C 397 42.49 -9.49 25.80
C ARG C 397 42.52 -7.97 25.80
N VAL C 398 41.53 -7.32 26.42
CA VAL C 398 41.39 -5.88 26.28
C VAL C 398 42.64 -5.16 26.75
N HIS C 399 43.36 -5.70 27.73
CA HIS C 399 44.61 -5.10 28.18
C HIS C 399 45.82 -5.65 27.44
N HIS C 400 45.61 -6.53 26.46
CA HIS C 400 46.68 -7.06 25.61
C HIS C 400 47.76 -7.76 26.43
N VAL C 401 47.35 -8.84 27.09
CA VAL C 401 48.28 -9.68 27.84
C VAL C 401 48.02 -11.14 27.47
N GLY C 402 49.09 -11.88 27.21
CA GLY C 402 48.98 -13.22 26.66
C GLY C 402 48.82 -13.29 25.16
N ASP C 403 49.80 -13.87 24.45
CA ASP C 403 49.95 -13.61 23.03
C ASP C 403 48.94 -14.33 22.14
N ARG C 404 49.00 -15.66 22.10
CA ARG C 404 47.91 -16.41 21.48
C ARG C 404 47.55 -17.66 22.25
N ARG C 405 48.56 -18.35 22.77
CA ARG C 405 48.37 -19.65 23.39
C ARG C 405 48.53 -19.62 24.90
N GLN C 406 49.36 -18.73 25.42
CA GLN C 406 49.38 -18.51 26.86
C GLN C 406 48.00 -18.08 27.34
N ARG C 407 47.16 -17.58 26.45
CA ARG C 407 45.75 -17.38 26.77
C ARG C 407 45.08 -18.71 27.09
N GLN C 408 45.32 -19.73 26.26
CA GLN C 408 44.79 -21.06 26.56
C GLN C 408 45.38 -21.60 27.85
N ARG C 409 46.63 -21.27 28.12
CA ARG C 409 47.25 -21.68 29.38
C ARG C 409 46.51 -21.08 30.57
N ALA C 410 46.29 -19.77 30.54
CA ALA C 410 45.60 -19.11 31.64
C ALA C 410 44.16 -19.59 31.76
N VAL C 411 43.52 -19.88 30.64
CA VAL C 411 42.14 -20.36 30.70
C VAL C 411 42.10 -21.76 31.30
N ARG C 412 43.04 -22.62 30.93
CA ARG C 412 43.06 -23.96 31.49
C ARG C 412 43.44 -23.96 32.96
N GLU C 413 44.19 -22.96 33.41
CA GLU C 413 44.43 -22.88 34.84
C GLU C 413 43.21 -22.32 35.57
N LEU C 414 42.53 -21.34 34.97
CA LEU C 414 41.39 -20.72 35.64
C LEU C 414 40.22 -21.69 35.74
N VAL C 415 39.92 -22.41 34.67
CA VAL C 415 38.79 -23.32 34.66
C VAL C 415 38.93 -24.43 35.69
N ASP C 416 40.10 -24.53 36.34
CA ASP C 416 40.26 -25.49 37.42
C ASP C 416 40.22 -24.84 38.79
N GLN C 417 40.39 -23.52 38.87
CA GLN C 417 40.19 -22.86 40.16
C GLN C 417 38.75 -22.92 40.61
N VAL C 418 37.81 -22.77 39.69
CA VAL C 418 36.45 -23.21 39.90
C VAL C 418 36.35 -24.62 39.32
N ALA C 419 35.30 -25.34 39.70
CA ALA C 419 35.26 -26.76 39.36
C ALA C 419 35.26 -26.98 37.86
N LEU C 420 34.15 -26.63 37.18
CA LEU C 420 34.04 -26.50 35.74
C LEU C 420 34.85 -27.54 34.97
N PRO C 421 34.42 -28.81 34.95
CA PRO C 421 35.17 -29.84 34.19
C PRO C 421 35.59 -29.37 32.81
N SER C 422 36.88 -29.52 32.49
CA SER C 422 37.52 -28.81 31.38
C SER C 422 37.01 -29.23 30.01
N SER C 423 36.02 -30.12 29.90
CA SER C 423 35.34 -30.34 28.64
C SER C 423 34.24 -29.32 28.38
N ILE C 424 34.10 -28.32 29.25
CA ILE C 424 33.03 -27.36 29.13
C ILE C 424 33.36 -26.27 28.11
N LEU C 425 34.61 -26.21 27.65
CA LEU C 425 35.02 -25.19 26.69
C LEU C 425 34.21 -25.30 25.41
N GLY C 426 34.18 -24.20 24.65
CA GLY C 426 33.52 -24.18 23.37
C GLY C 426 32.02 -24.22 23.41
N ARG C 427 31.42 -24.26 24.61
CA ARG C 427 29.96 -24.30 24.72
C ARG C 427 29.38 -22.89 24.64
N ARG C 428 28.05 -22.82 24.73
CA ARG C 428 27.30 -21.58 24.68
C ARG C 428 26.50 -21.43 25.97
N PRO C 429 26.22 -20.19 26.39
CA PRO C 429 25.40 -20.01 27.59
C PRO C 429 24.05 -20.68 27.52
N ARG C 430 23.44 -20.79 26.34
CA ARG C 430 22.13 -21.38 26.22
C ARG C 430 22.09 -22.86 26.57
N GLU C 431 23.24 -23.52 26.71
CA GLU C 431 23.29 -24.95 26.93
C GLU C 431 23.96 -25.30 28.26
N LEU C 432 23.97 -24.36 29.19
CA LEU C 432 24.56 -24.57 30.50
C LEU C 432 23.46 -24.62 31.55
N SER C 433 23.83 -25.12 32.73
CA SER C 433 22.92 -25.14 33.86
C SER C 433 23.03 -23.82 34.62
N GLY C 434 22.37 -23.73 35.77
CA GLY C 434 22.34 -22.48 36.51
C GLY C 434 23.65 -22.14 37.18
N GLY C 435 24.11 -23.00 38.10
CA GLY C 435 25.31 -22.69 38.85
C GLY C 435 26.54 -22.51 38.00
N GLN C 436 26.63 -23.23 36.88
CA GLN C 436 27.80 -23.08 36.02
C GLN C 436 27.89 -21.67 35.45
N ARG C 437 26.77 -21.01 35.23
CA ARG C 437 26.81 -19.64 34.74
C ARG C 437 27.48 -18.72 35.76
N GLN C 438 27.10 -18.83 37.03
CA GLN C 438 27.73 -18.01 38.06
C GLN C 438 29.20 -18.39 38.23
N ARG C 439 29.51 -19.67 38.10
CA ARG C 439 30.91 -20.08 38.20
C ARG C 439 31.73 -19.46 37.07
N VAL C 440 31.18 -19.42 35.86
CA VAL C 440 31.89 -18.80 34.74
C VAL C 440 32.05 -17.31 34.97
N ALA C 441 31.00 -16.67 35.49
CA ALA C 441 31.10 -15.24 35.78
C ALA C 441 32.21 -14.96 36.80
N ILE C 442 32.29 -15.77 37.85
CA ILE C 442 33.31 -15.58 38.86
C ILE C 442 34.70 -15.80 38.27
N ALA C 443 34.84 -16.85 37.45
CA ALA C 443 36.12 -17.07 36.79
C ALA C 443 36.52 -15.87 35.95
N ARG C 444 35.62 -15.37 35.11
CA ARG C 444 35.92 -14.22 34.28
C ARG C 444 36.33 -13.02 35.13
N ALA C 445 35.62 -12.79 36.24
CA ALA C 445 36.00 -11.69 37.12
C ALA C 445 37.37 -11.91 37.74
N LEU C 446 37.79 -13.18 37.86
CA LEU C 446 39.08 -13.51 38.43
C LEU C 446 40.18 -13.61 37.37
N ALA C 447 39.89 -13.19 36.14
CA ALA C 447 40.82 -13.45 35.03
C ALA C 447 42.11 -12.65 35.18
N LEU C 448 42.01 -11.41 35.62
CA LEU C 448 43.14 -10.48 35.57
C LEU C 448 43.65 -10.11 36.96
N ARG C 449 43.65 -11.06 37.89
CA ARG C 449 44.19 -10.88 39.23
C ARG C 449 43.59 -9.68 39.95
N PRO C 450 42.28 -9.65 40.18
CA PRO C 450 41.68 -8.52 40.90
C PRO C 450 42.06 -8.56 42.36
N GLU C 451 41.98 -7.40 43.02
CA GLU C 451 42.25 -7.34 44.44
C GLU C 451 40.99 -7.21 45.27
N VAL C 452 39.90 -6.73 44.67
CA VAL C 452 38.61 -6.65 45.34
C VAL C 452 37.52 -7.07 44.38
N LEU C 453 36.66 -7.97 44.82
CA LEU C 453 35.47 -8.32 44.08
C LEU C 453 34.26 -7.65 44.72
N VAL C 454 33.17 -7.58 43.95
CA VAL C 454 31.94 -6.94 44.40
C VAL C 454 30.80 -7.83 43.93
N CYS C 455 30.22 -8.58 44.86
CA CYS C 455 29.16 -9.54 44.52
C CYS C 455 27.81 -8.86 44.61
N ASP C 456 27.21 -8.56 43.45
CA ASP C 456 25.93 -7.87 43.38
C ASP C 456 24.82 -8.91 43.50
N GLN C 457 24.55 -9.31 44.75
CA GLN C 457 23.51 -10.30 45.04
C GLN C 457 23.75 -11.58 44.25
N ALA C 458 25.01 -12.00 44.21
CA ALA C 458 25.41 -13.13 43.38
C ALA C 458 24.54 -14.35 43.65
N VAL C 459 24.55 -14.82 44.89
CA VAL C 459 23.82 -16.03 45.27
C VAL C 459 22.43 -15.56 45.72
N SER C 460 21.53 -15.39 44.75
CA SER C 460 20.16 -15.02 45.06
C SER C 460 19.11 -15.78 44.27
N ALA C 461 19.42 -16.31 43.10
CA ALA C 461 18.44 -16.98 42.25
C ALA C 461 18.55 -18.50 42.14
N LEU C 462 19.26 -19.13 43.07
CA LEU C 462 19.76 -20.49 42.95
C LEU C 462 19.17 -21.37 44.05
N ASP C 463 19.13 -22.67 43.79
CA ASP C 463 18.66 -23.62 44.78
C ASP C 463 19.68 -23.74 45.90
N VAL C 464 19.24 -24.32 47.02
CA VAL C 464 20.01 -24.25 48.26
C VAL C 464 21.39 -24.90 48.10
N LEU C 465 21.45 -26.00 47.35
CA LEU C 465 22.70 -26.76 47.29
C LEU C 465 23.79 -25.97 46.56
N VAL C 466 23.51 -25.51 45.35
CA VAL C 466 24.49 -24.70 44.65
C VAL C 466 24.76 -23.40 45.39
N GLN C 467 23.77 -22.89 46.11
CA GLN C 467 23.99 -21.71 46.95
C GLN C 467 25.13 -21.95 47.92
N ALA C 468 24.97 -22.93 48.80
CA ALA C 468 26.02 -23.23 49.77
C ALA C 468 27.32 -23.61 49.08
N GLN C 469 27.23 -24.28 47.92
CA GLN C 469 28.45 -24.72 47.25
C GLN C 469 29.26 -23.52 46.77
N ILE C 470 28.62 -22.56 46.09
CA ILE C 470 29.38 -21.42 45.62
C ILE C 470 29.80 -20.53 46.77
N LEU C 471 29.05 -20.52 47.88
CA LEU C 471 29.52 -19.77 49.03
C LEU C 471 30.80 -20.38 49.60
N ASP C 472 30.83 -21.71 49.70
CA ASP C 472 32.06 -22.39 50.10
C ASP C 472 33.21 -22.08 49.15
N LEU C 473 32.92 -22.09 47.84
CA LEU C 473 33.96 -21.79 46.86
C LEU C 473 34.52 -20.39 47.08
N LEU C 474 33.65 -19.41 47.30
CA LEU C 474 34.12 -18.06 47.55
C LEU C 474 34.96 -17.99 48.83
N ALA C 475 34.52 -18.71 49.87
CA ALA C 475 35.29 -18.73 51.10
C ALA C 475 36.71 -19.26 50.85
N ASP C 476 36.80 -20.36 50.11
CA ASP C 476 38.11 -20.91 49.77
C ASP C 476 38.95 -19.91 49.00
N LEU C 477 38.36 -19.28 47.98
CA LEU C 477 39.12 -18.35 47.15
C LEU C 477 39.64 -17.18 47.97
N GLN C 478 38.84 -16.68 48.92
CA GLN C 478 39.35 -15.66 49.82
C GLN C 478 40.51 -16.21 50.64
N ALA C 479 40.36 -17.42 51.17
CA ALA C 479 41.42 -17.98 51.99
C ALA C 479 42.68 -18.28 51.19
N ASP C 480 42.61 -18.23 49.86
CA ASP C 480 43.75 -18.59 49.04
C ASP C 480 44.36 -17.41 48.31
N LEU C 481 43.68 -16.26 48.25
CA LEU C 481 44.19 -15.14 47.47
C LEU C 481 44.29 -13.83 48.24
N GLY C 482 43.67 -13.71 49.41
CA GLY C 482 43.73 -12.46 50.14
C GLY C 482 42.94 -11.34 49.49
N LEU C 483 41.80 -11.65 48.90
CA LEU C 483 40.93 -10.64 48.33
C LEU C 483 40.10 -10.03 49.46
N THR C 484 39.17 -9.14 49.11
CA THR C 484 38.35 -8.46 50.09
C THR C 484 37.02 -8.37 49.38
N TYR C 485 36.03 -9.12 49.85
CA TYR C 485 34.72 -9.11 49.24
C TYR C 485 33.85 -7.98 49.79
N LEU C 486 32.96 -7.48 48.93
CA LEU C 486 31.98 -6.50 49.36
C LEU C 486 30.57 -7.05 49.25
N PHE C 487 30.44 -8.35 49.47
CA PHE C 487 29.24 -9.12 49.19
C PHE C 487 27.99 -8.34 49.58
N ILE C 488 26.95 -8.43 48.76
CA ILE C 488 25.72 -7.66 48.95
C ILE C 488 24.54 -8.62 48.90
N SER C 489 23.61 -8.46 49.83
CA SER C 489 22.46 -9.34 49.90
C SER C 489 21.21 -8.53 50.15
N HIS C 490 20.06 -9.20 50.13
CA HIS C 490 18.80 -8.59 50.51
C HIS C 490 18.21 -9.22 51.76
N ASP C 491 18.85 -10.25 52.31
CA ASP C 491 18.39 -10.89 53.53
C ASP C 491 19.57 -11.00 54.48
N LEU C 492 19.33 -11.64 55.62
CA LEU C 492 20.33 -11.73 56.67
C LEU C 492 20.70 -13.17 57.02
N ALA C 493 20.01 -14.15 56.48
CA ALA C 493 20.26 -15.54 56.82
C ALA C 493 21.53 -16.08 56.18
N VAL C 494 22.03 -15.45 55.13
CA VAL C 494 23.08 -16.02 54.31
C VAL C 494 24.40 -15.29 54.59
N ILE C 495 24.50 -14.69 55.78
CA ILE C 495 25.62 -13.81 56.06
C ILE C 495 26.43 -14.32 57.24
N ARG C 496 25.81 -15.10 58.12
CA ARG C 496 26.41 -15.37 59.42
C ARG C 496 27.67 -16.22 59.31
N GLN C 497 27.72 -17.22 58.44
CA GLN C 497 28.98 -18.01 58.52
C GLN C 497 30.06 -17.46 57.60
N ILE C 498 29.73 -16.52 56.73
CA ILE C 498 30.75 -16.00 55.83
C ILE C 498 31.29 -14.65 56.30
N ALA C 499 30.44 -13.64 56.40
CA ALA C 499 30.94 -12.28 56.59
C ALA C 499 31.47 -12.10 58.00
N ASP C 500 32.03 -10.91 58.25
CA ASP C 500 32.50 -10.52 59.56
C ASP C 500 32.06 -9.13 59.97
N ASP C 501 31.75 -8.25 59.02
CA ASP C 501 31.15 -6.95 59.29
C ASP C 501 29.81 -6.86 58.58
N VAL C 502 28.91 -6.06 59.16
CA VAL C 502 27.57 -5.90 58.61
C VAL C 502 27.23 -4.42 58.58
N LEU C 503 26.42 -4.03 57.60
CA LEU C 503 25.99 -2.65 57.44
C LEU C 503 24.57 -2.65 56.91
N VAL C 504 23.61 -2.31 57.77
CA VAL C 504 22.21 -2.32 57.39
C VAL C 504 21.85 -0.96 56.81
N MET C 505 21.00 -0.97 55.79
CA MET C 505 20.58 0.25 55.12
C MET C 505 19.07 0.27 54.94
N ARG C 506 18.50 1.45 55.08
CA ARG C 506 17.06 1.65 54.87
C ARG C 506 16.82 3.12 54.60
N ALA C 507 15.88 3.41 53.70
CA ALA C 507 15.54 4.78 53.32
C ALA C 507 16.74 5.54 52.78
N GLY C 508 17.66 4.85 52.12
CA GLY C 508 18.83 5.48 51.56
C GLY C 508 19.88 5.83 52.60
N ARG C 509 19.54 5.62 53.87
CA ARG C 509 20.42 6.01 54.96
C ARG C 509 21.05 4.77 55.60
N VAL C 510 21.95 5.04 56.53
CA VAL C 510 22.57 4.00 57.36
C VAL C 510 21.74 3.84 58.62
N VAL C 511 21.55 2.60 59.05
CA VAL C 511 20.77 2.31 60.26
C VAL C 511 21.63 1.63 61.32
N GLU C 512 22.65 0.88 60.90
CA GLU C 512 23.53 0.22 61.85
C GLU C 512 24.79 -0.27 61.16
N HIS C 513 25.89 -0.25 61.90
CA HIS C 513 27.19 -0.68 61.35
C HIS C 513 27.88 -1.25 62.59
N ALA C 514 28.17 -2.55 62.56
CA ALA C 514 28.90 -3.20 63.64
C ALA C 514 29.28 -4.61 63.19
N SER C 515 29.95 -5.33 64.08
CA SER C 515 30.36 -6.68 63.79
C SER C 515 29.19 -7.64 63.93
N THR C 516 29.36 -8.86 63.40
CA THR C 516 28.25 -9.79 63.28
C THR C 516 27.77 -10.27 64.65
N GLU C 517 28.67 -10.33 65.62
CA GLU C 517 28.30 -10.83 66.93
C GLU C 517 27.28 -9.92 67.60
N GLU C 518 27.46 -8.61 67.45
CA GLU C 518 26.50 -7.66 67.98
C GLU C 518 25.24 -7.59 67.15
N VAL C 519 25.19 -8.28 66.02
CA VAL C 519 23.98 -8.32 65.21
C VAL C 519 23.21 -9.58 65.55
N PHE C 520 23.93 -10.63 65.96
CA PHE C 520 23.30 -11.94 66.27
C PHE C 520 22.99 -12.08 67.77
N SER C 521 23.59 -11.23 68.62
CA SER C 521 23.36 -11.35 70.05
C SER C 521 22.55 -10.17 70.59
N ARG C 522 23.04 -8.95 70.41
CA ARG C 522 22.45 -7.77 71.03
C ARG C 522 22.24 -6.68 69.99
N PRO C 523 21.13 -6.72 69.27
CA PRO C 523 20.83 -5.64 68.32
C PRO C 523 20.64 -4.32 69.05
N ARG C 524 20.74 -3.22 68.32
CA ARG C 524 20.64 -1.92 69.03
C ARG C 524 19.62 -1.00 68.35
N HIS C 525 18.81 -1.53 67.45
CA HIS C 525 17.83 -0.70 66.75
C HIS C 525 16.62 -1.57 66.44
N GLU C 526 15.43 -1.03 66.71
CA GLU C 526 14.20 -1.80 66.54
C GLU C 526 14.05 -2.39 65.15
N TYR C 527 14.63 -1.76 64.13
CA TYR C 527 14.64 -2.35 62.80
C TYR C 527 15.49 -3.60 62.72
N THR C 528 16.71 -3.55 63.26
CA THR C 528 17.58 -4.72 63.27
C THR C 528 16.93 -5.91 63.97
N ARG C 529 16.18 -5.65 65.05
CA ARG C 529 15.49 -6.73 65.73
C ARG C 529 14.49 -7.41 64.81
N GLN C 530 13.50 -6.66 64.34
CA GLN C 530 12.45 -7.22 63.49
C GLN C 530 12.98 -7.65 62.13
N LEU C 531 14.25 -7.38 61.83
CA LEU C 531 14.91 -7.99 60.68
C LEU C 531 15.55 -9.32 61.01
N LEU C 532 16.19 -9.45 62.17
CA LEU C 532 16.74 -10.73 62.58
C LEU C 532 15.63 -11.75 62.82
N GLN C 533 14.64 -11.38 63.63
CA GLN C 533 13.57 -12.31 63.97
C GLN C 533 12.61 -12.58 62.82
N ALA C 534 12.91 -12.08 61.63
CA ALA C 534 12.10 -12.36 60.46
C ALA C 534 12.69 -13.47 59.60
N ILE C 535 13.89 -13.95 59.92
CA ILE C 535 14.50 -15.06 59.19
C ILE C 535 13.70 -16.32 59.53
N PRO C 536 13.79 -17.39 58.74
CA PRO C 536 13.05 -18.62 59.01
C PRO C 536 13.44 -19.26 60.35
N GLY C 537 14.27 -18.57 61.13
CA GLY C 537 14.69 -19.10 62.45
C GLY C 537 13.51 -19.21 63.39
N ALA C 538 12.89 -18.06 63.70
CA ALA C 538 11.69 -17.91 64.57
C ALA C 538 11.96 -18.38 66.01
N PRO C 539 12.87 -17.73 66.75
CA PRO C 539 13.16 -18.10 68.15
C PRO C 539 12.34 -17.26 69.12
N CYS D 1 -23.50 10.01 2.25
CA CYS D 1 -24.29 9.59 1.10
C CYS D 1 -24.31 10.67 0.03
N GLY D 2 -24.52 10.25 -1.22
CA GLY D 2 -24.53 11.17 -2.34
C GLY D 2 -23.56 10.77 -3.43
N GLY D 3 -22.56 11.62 -3.66
CA GLY D 3 -21.54 11.37 -4.66
C GLY D 3 -21.52 12.44 -5.71
N GLY D 4 -20.88 12.13 -6.82
CA GLY D 4 -20.87 13.03 -7.96
C GLY D 4 -19.45 13.29 -8.43
N VAL D 5 -19.35 13.67 -9.69
CA VAL D 5 -18.08 13.89 -10.37
C VAL D 5 -18.07 15.32 -10.92
N LEU D 6 -18.67 16.25 -10.17
CA LEU D 6 -19.16 17.53 -10.66
C LEU D 6 -18.32 18.14 -11.77
N SER D 7 -18.98 18.50 -12.87
CA SER D 7 -18.40 18.89 -14.14
C SER D 7 -18.84 20.29 -14.54
N PRO D 8 -18.03 21.01 -15.32
CA PRO D 8 -18.47 22.29 -15.85
C PRO D 8 -19.77 22.15 -16.62
N ASP D 9 -20.43 23.28 -16.83
CA ASP D 9 -21.82 23.32 -17.24
C ASP D 9 -22.01 23.74 -18.69
N VAL D 10 -21.04 23.47 -19.57
CA VAL D 10 -21.29 23.89 -20.94
C VAL D 10 -21.51 22.69 -21.87
N VAL D 11 -20.44 22.02 -22.29
CA VAL D 11 -20.38 20.70 -22.92
C VAL D 11 -18.90 20.40 -23.12
N LEU D 12 -18.50 19.14 -23.06
CA LEU D 12 -17.13 18.75 -23.41
C LEU D 12 -17.18 17.73 -24.54
N VAL D 13 -16.97 18.19 -25.77
CA VAL D 13 -16.94 17.29 -26.91
C VAL D 13 -15.51 17.12 -27.39
N ASN D 14 -15.29 16.13 -28.24
CA ASN D 14 -13.95 15.89 -28.77
C ASN D 14 -13.75 16.65 -30.07
N GLY D 15 -12.49 16.71 -30.50
CA GLY D 15 -12.14 17.33 -31.76
C GLY D 15 -10.67 17.15 -32.06
N GLY D 16 -10.04 18.21 -32.55
CA GLY D 16 -8.62 18.18 -32.79
C GLY D 16 -8.09 19.57 -33.04
N GLU D 17 -6.85 19.64 -33.51
CA GLU D 17 -6.22 20.94 -33.84
C GLU D 17 -6.41 21.20 -35.33
N PRO D 18 -7.26 22.17 -35.75
CA PRO D 18 -7.46 22.45 -37.16
C PRO D 18 -6.17 22.97 -37.79
N PRO D 19 -5.57 22.21 -38.68
CA PRO D 19 -4.24 22.57 -39.20
C PRO D 19 -4.30 23.62 -40.30
N ASN D 20 -5.06 24.68 -40.05
CA ASN D 20 -5.25 25.75 -41.00
C ASN D 20 -5.84 26.97 -40.31
N PRO D 21 -5.61 28.17 -40.82
CA PRO D 21 -6.30 29.34 -40.28
C PRO D 21 -7.79 29.24 -40.50
N LEU D 22 -8.56 29.66 -39.50
CA LEU D 22 -10.02 29.55 -39.55
C LEU D 22 -10.56 30.59 -40.52
N ILE D 23 -10.54 30.23 -41.80
CA ILE D 23 -11.16 31.02 -42.85
C ILE D 23 -12.15 30.10 -43.57
N PRO D 24 -13.36 30.57 -43.89
CA PRO D 24 -14.37 29.66 -44.48
C PRO D 24 -13.86 28.88 -45.68
N THR D 25 -13.38 29.57 -46.70
CA THR D 25 -12.86 28.90 -47.88
C THR D 25 -11.42 28.44 -47.71
N GLY D 26 -10.91 28.39 -46.49
CA GLY D 26 -9.52 28.04 -46.28
C GLY D 26 -9.31 26.71 -45.60
N THR D 27 -10.39 25.97 -45.36
CA THR D 27 -10.33 24.66 -44.72
C THR D 27 -11.15 23.66 -45.52
N ASN D 28 -10.65 22.42 -45.58
CA ASN D 28 -11.30 21.37 -46.35
C ASN D 28 -11.25 20.03 -45.63
N ASP D 29 -11.36 20.03 -44.30
CA ASP D 29 -11.29 18.80 -43.52
C ASP D 29 -12.35 18.81 -42.43
N SER D 30 -12.80 17.61 -42.06
CA SER D 30 -13.80 17.50 -41.00
C SER D 30 -13.28 17.93 -39.64
N ASN D 31 -11.98 17.79 -39.38
CA ASN D 31 -11.42 18.17 -38.10
C ASN D 31 -11.40 19.68 -37.90
N GLY D 32 -11.51 20.44 -38.98
CA GLY D 32 -11.46 21.88 -38.88
C GLY D 32 -12.67 22.55 -39.49
N GLY D 33 -13.62 21.75 -39.94
CA GLY D 33 -14.85 22.30 -40.47
C GLY D 33 -15.97 22.28 -39.46
N ARG D 34 -15.93 21.29 -38.56
CA ARG D 34 -16.98 21.17 -37.55
C ARG D 34 -17.01 22.36 -36.60
N ILE D 35 -15.95 23.16 -36.56
CA ILE D 35 -15.93 24.36 -35.73
C ILE D 35 -16.45 25.57 -36.46
N ILE D 36 -16.16 25.72 -37.75
CA ILE D 36 -16.55 26.91 -38.48
C ILE D 36 -18.01 26.86 -38.94
N ASP D 37 -18.66 25.71 -38.85
CA ASP D 37 -20.08 25.67 -39.15
C ASP D 37 -20.92 26.36 -38.09
N ARG D 38 -20.45 26.41 -36.84
CA ARG D 38 -21.22 27.01 -35.77
C ARG D 38 -21.02 28.51 -35.67
N LEU D 39 -19.99 29.06 -36.31
CA LEU D 39 -19.70 30.48 -36.17
C LEU D 39 -20.35 31.35 -37.23
N PHE D 40 -20.96 30.76 -38.25
CA PHE D 40 -21.53 31.54 -39.34
C PHE D 40 -22.87 30.95 -39.77
N ALA D 41 -23.51 31.65 -40.71
CA ALA D 41 -24.83 31.25 -41.18
C ALA D 41 -24.96 31.72 -42.62
N GLY D 42 -25.18 30.79 -43.54
CA GLY D 42 -25.27 31.09 -44.94
C GLY D 42 -26.70 31.28 -45.40
N LEU D 43 -26.86 31.37 -46.72
CA LEU D 43 -28.17 31.61 -47.30
C LEU D 43 -29.14 30.46 -47.09
N MET D 44 -28.69 29.34 -46.55
CA MET D 44 -29.56 28.21 -46.27
C MET D 44 -29.01 27.45 -45.08
N SER D 45 -29.83 26.56 -44.54
CA SER D 45 -29.42 25.77 -43.39
C SER D 45 -30.00 24.37 -43.51
N TYR D 46 -29.16 23.38 -43.29
CA TYR D 46 -29.55 21.98 -43.34
C TYR D 46 -29.89 21.50 -41.94
N ASP D 47 -31.05 20.88 -41.79
CA ASP D 47 -31.43 20.27 -40.54
C ASP D 47 -30.72 18.93 -40.37
N ALA D 48 -31.18 18.14 -39.40
CA ALA D 48 -30.53 16.86 -39.12
C ALA D 48 -30.68 15.90 -40.29
N VAL D 49 -31.85 15.90 -40.94
CA VAL D 49 -32.06 14.99 -42.06
C VAL D 49 -31.19 15.38 -43.25
N GLY D 50 -31.10 16.67 -43.55
CA GLY D 50 -30.39 17.12 -44.73
C GLY D 50 -31.30 17.84 -45.70
N LYS D 51 -32.32 18.50 -45.18
CA LYS D 51 -33.25 19.28 -45.98
C LYS D 51 -33.01 20.76 -45.74
N PRO D 52 -32.95 21.57 -46.79
CA PRO D 52 -32.58 22.98 -46.61
C PRO D 52 -33.76 23.82 -46.16
N SER D 53 -33.44 25.02 -45.70
CA SER D 53 -34.44 25.99 -45.26
C SER D 53 -33.78 27.36 -45.23
N LEU D 54 -34.51 28.37 -45.72
CA LEU D 54 -33.96 29.72 -45.74
C LEU D 54 -33.57 30.16 -44.35
N GLU D 55 -32.36 30.68 -44.21
CA GLU D 55 -31.88 31.25 -42.96
C GLU D 55 -31.60 32.74 -43.10
N VAL D 56 -30.77 33.14 -44.05
CA VAL D 56 -30.42 34.53 -44.20
C VAL D 56 -31.09 35.14 -45.42
N ALA D 57 -31.02 34.45 -46.56
CA ALA D 57 -31.70 34.93 -47.75
C ALA D 57 -33.19 35.09 -47.48
N GLN D 58 -33.79 36.06 -48.15
CA GLN D 58 -35.20 36.38 -47.95
C GLN D 58 -36.10 35.79 -49.02
N SER D 59 -35.74 35.86 -50.29
CA SER D 59 -36.56 35.29 -51.35
C SER D 59 -35.63 34.82 -52.46
N ILE D 60 -35.76 33.56 -52.84
CA ILE D 60 -34.95 32.97 -53.90
C ILE D 60 -35.91 32.54 -55.00
N GLU D 61 -35.72 33.06 -56.20
CA GLU D 61 -36.52 32.69 -57.35
C GLU D 61 -35.64 32.34 -58.55
N SER D 62 -36.11 31.41 -59.37
CA SER D 62 -35.33 30.92 -60.49
C SER D 62 -36.47 30.71 -61.49
N ALA D 63 -36.46 31.47 -62.58
CA ALA D 63 -37.39 31.24 -63.68
C ALA D 63 -36.91 30.09 -64.56
N ASP D 64 -35.60 29.88 -64.65
CA ASP D 64 -35.05 28.85 -65.52
C ASP D 64 -34.22 27.83 -64.77
N ASN D 65 -33.87 28.09 -63.51
CA ASN D 65 -32.79 27.45 -62.76
C ASN D 65 -31.43 27.93 -63.23
N VAL D 66 -31.39 29.10 -63.85
CA VAL D 66 -30.15 29.71 -64.29
C VAL D 66 -29.94 31.09 -63.69
N ASN D 67 -30.89 32.00 -63.90
CA ASN D 67 -30.78 33.37 -63.41
C ASN D 67 -31.42 33.44 -62.03
N TYR D 68 -30.63 33.16 -61.00
CA TYR D 68 -31.09 33.23 -59.62
C TYR D 68 -31.03 34.67 -59.15
N ARG D 69 -32.10 35.10 -58.49
CA ARG D 69 -32.25 36.48 -58.05
C ARG D 69 -32.59 36.46 -56.57
N ILE D 70 -31.58 36.68 -55.74
CA ILE D 70 -31.63 36.41 -54.31
C ILE D 70 -31.77 37.71 -53.55
N THR D 71 -32.66 37.69 -52.55
CA THR D 71 -32.92 38.84 -51.65
C THR D 71 -32.55 38.42 -50.22
N VAL D 72 -31.92 39.32 -49.46
CA VAL D 72 -31.48 39.02 -48.10
C VAL D 72 -32.27 39.88 -47.11
N LYS D 73 -32.69 39.25 -46.01
CA LYS D 73 -33.46 39.97 -45.01
C LYS D 73 -32.63 41.09 -44.40
N PRO D 74 -33.24 42.25 -44.13
CA PRO D 74 -32.48 43.40 -43.65
C PRO D 74 -31.92 43.24 -42.25
N GLY D 75 -32.76 42.82 -41.31
CA GLY D 75 -32.43 42.90 -39.90
C GLY D 75 -31.45 41.87 -39.39
N TRP D 76 -30.19 41.96 -39.83
CA TRP D 76 -29.15 41.08 -39.34
C TRP D 76 -27.90 41.89 -39.02
N LYS D 77 -26.91 41.21 -38.46
CA LYS D 77 -25.70 41.87 -37.99
C LYS D 77 -24.65 40.82 -37.67
N PHE D 78 -23.39 41.21 -37.80
CA PHE D 78 -22.29 40.37 -37.34
C PHE D 78 -22.04 40.65 -35.87
N THR D 79 -21.13 39.87 -35.27
CA THR D 79 -20.87 40.01 -33.85
C THR D 79 -19.98 41.20 -33.52
N ASP D 80 -19.77 42.11 -34.48
CA ASP D 80 -19.14 43.39 -34.22
C ASP D 80 -20.08 44.54 -34.56
N GLY D 81 -21.35 44.24 -34.81
CA GLY D 81 -22.32 45.26 -35.15
C GLY D 81 -22.25 45.76 -36.58
N SER D 82 -21.73 44.93 -37.50
CA SER D 82 -21.68 45.30 -38.90
C SER D 82 -22.89 44.71 -39.61
N PRO D 83 -23.59 45.47 -40.44
CA PRO D 83 -24.78 44.94 -41.11
C PRO D 83 -24.38 43.94 -42.20
N VAL D 84 -25.12 42.84 -42.27
CA VAL D 84 -24.90 41.87 -43.33
C VAL D 84 -25.66 42.30 -44.57
N THR D 85 -24.90 42.61 -45.63
CA THR D 85 -25.50 43.07 -46.91
C THR D 85 -24.92 42.25 -48.06
N ALA D 86 -25.58 42.30 -49.22
CA ALA D 86 -25.15 41.57 -50.39
C ALA D 86 -23.71 41.85 -50.77
N HIS D 87 -23.17 43.01 -50.40
CA HIS D 87 -21.77 43.30 -50.69
C HIS D 87 -20.85 42.33 -49.96
N SER D 88 -21.27 41.93 -48.75
CA SER D 88 -20.49 40.96 -47.93
C SER D 88 -20.37 39.63 -48.68
N PHE D 89 -21.49 39.14 -49.25
CA PHE D 89 -21.49 37.89 -49.99
C PHE D 89 -20.70 38.01 -51.29
N VAL D 90 -20.91 39.11 -52.01
CA VAL D 90 -20.22 39.29 -53.28
C VAL D 90 -18.71 39.27 -53.07
N ASP D 91 -18.22 40.04 -52.08
CA ASP D 91 -16.79 40.09 -51.84
C ASP D 91 -16.26 38.74 -51.37
N ALA D 92 -17.02 38.03 -50.53
CA ALA D 92 -16.57 36.72 -50.07
C ALA D 92 -16.39 35.77 -51.24
N TRP D 93 -17.39 35.69 -52.12
CA TRP D 93 -17.30 34.76 -53.23
C TRP D 93 -16.19 35.15 -54.20
N ASN D 94 -16.08 36.43 -54.53
CA ASN D 94 -15.01 36.85 -55.42
C ASN D 94 -13.64 36.56 -54.83
N TYR D 95 -13.44 36.83 -53.54
CA TYR D 95 -12.15 36.57 -52.93
C TYR D 95 -11.85 35.08 -52.88
N GLY D 96 -12.88 34.26 -52.71
CA GLY D 96 -12.66 32.83 -52.65
C GLY D 96 -12.34 32.21 -54.00
N ALA D 97 -12.93 32.75 -55.06
CA ALA D 97 -12.82 32.14 -56.38
C ALA D 97 -11.63 32.64 -57.18
N LEU D 98 -10.74 33.42 -56.57
CA LEU D 98 -9.64 34.06 -57.30
C LEU D 98 -8.36 33.26 -57.10
N SER D 99 -7.69 32.96 -58.22
CA SER D 99 -6.52 32.09 -58.19
C SER D 99 -5.36 32.70 -57.41
N THR D 100 -5.13 34.01 -57.54
CA THR D 100 -3.99 34.63 -56.88
C THR D 100 -4.13 34.57 -55.37
N ASN D 101 -5.37 34.51 -54.88
CA ASN D 101 -5.57 34.30 -53.45
C ASN D 101 -5.24 32.88 -53.01
N ALA D 102 -5.30 31.92 -53.93
CA ALA D 102 -4.80 30.56 -53.71
C ALA D 102 -5.48 29.91 -52.50
N GLN D 103 -6.77 29.68 -52.63
CA GLN D 103 -7.56 29.06 -51.59
C GLN D 103 -7.80 27.59 -51.91
N LEU D 104 -8.36 26.85 -50.96
CA LEU D 104 -8.51 25.41 -51.11
C LEU D 104 -9.81 25.06 -51.82
N GLN D 105 -10.93 25.64 -51.36
CA GLN D 105 -12.25 25.27 -51.85
C GLN D 105 -12.61 25.94 -53.16
N GLN D 106 -11.62 26.38 -53.93
CA GLN D 106 -11.89 27.19 -55.11
C GLN D 106 -12.83 26.50 -56.10
N HIS D 107 -12.65 25.19 -56.30
CA HIS D 107 -13.37 24.51 -57.38
C HIS D 107 -14.86 24.46 -57.16
N PHE D 108 -15.33 24.83 -55.96
CA PHE D 108 -16.76 24.98 -55.74
C PHE D 108 -17.41 25.98 -56.68
N PHE D 109 -16.73 27.09 -56.97
CA PHE D 109 -17.30 28.19 -57.72
C PHE D 109 -17.23 27.98 -59.22
N SER D 110 -17.12 26.74 -59.67
CA SER D 110 -17.06 26.47 -61.10
C SER D 110 -18.27 27.01 -61.86
N PRO D 111 -19.52 26.77 -61.42
CA PRO D 111 -20.64 27.17 -62.30
C PRO D 111 -21.16 28.58 -62.04
N ILE D 112 -20.31 29.59 -62.20
CA ILE D 112 -20.73 30.97 -62.03
C ILE D 112 -20.54 31.81 -63.29
N GLU D 113 -20.56 31.20 -64.47
CA GLU D 113 -20.71 31.87 -65.75
C GLU D 113 -19.48 32.68 -66.16
N GLY D 114 -18.49 32.82 -65.28
CA GLY D 114 -17.29 33.55 -65.62
C GLY D 114 -16.08 33.03 -64.91
N PHE D 115 -16.21 31.87 -64.28
CA PHE D 115 -15.19 31.36 -63.36
C PHE D 115 -13.85 31.20 -64.05
N ASP D 116 -13.86 30.82 -65.33
CA ASP D 116 -12.60 30.64 -66.05
C ASP D 116 -11.82 31.94 -66.16
N ASP D 117 -12.52 33.06 -66.31
CA ASP D 117 -11.85 34.34 -66.48
C ASP D 117 -10.92 34.64 -65.30
N VAL D 118 -11.30 34.21 -64.10
CA VAL D 118 -10.51 34.52 -62.91
C VAL D 118 -9.77 33.32 -62.34
N ALA D 119 -10.00 32.12 -62.86
CA ALA D 119 -9.30 30.96 -62.32
C ALA D 119 -8.60 30.11 -63.38
N GLY D 120 -8.54 30.56 -64.62
CA GLY D 120 -7.93 29.76 -65.66
C GLY D 120 -6.44 29.99 -65.84
N ALA D 121 -6.06 31.24 -66.09
CA ALA D 121 -4.67 31.57 -66.40
C ALA D 121 -4.50 33.08 -66.39
N PRO D 122 -3.35 33.59 -65.94
CA PRO D 122 -3.14 35.05 -65.89
C PRO D 122 -2.93 35.67 -67.27
N GLY D 123 -3.93 35.53 -68.12
CA GLY D 123 -3.90 36.16 -69.43
C GLY D 123 -4.86 37.33 -69.47
N ASP D 124 -6.03 37.16 -68.87
CA ASP D 124 -7.04 38.21 -68.79
C ASP D 124 -7.59 38.43 -67.38
N LYS D 125 -6.86 37.92 -66.38
CA LYS D 125 -7.32 37.95 -64.97
C LYS D 125 -7.38 39.40 -64.45
N SER D 126 -7.16 40.38 -65.32
CA SER D 126 -7.11 41.77 -64.87
C SER D 126 -8.41 42.20 -64.20
N ARG D 127 -9.54 41.76 -64.71
CA ARG D 127 -10.82 41.94 -64.02
C ARG D 127 -11.01 40.77 -63.07
N THR D 128 -11.08 41.07 -61.77
CA THR D 128 -11.15 40.04 -60.75
C THR D 128 -12.53 39.92 -60.14
N THR D 129 -13.57 40.12 -60.94
CA THR D 129 -14.95 39.88 -60.52
C THR D 129 -15.65 39.08 -61.60
N MET D 130 -16.17 37.92 -61.22
CA MET D 130 -16.83 37.05 -62.17
C MET D 130 -18.05 37.74 -62.77
N SER D 131 -18.29 37.47 -64.06
CA SER D 131 -19.30 38.17 -64.83
C SER D 131 -20.72 37.77 -64.47
N GLY D 132 -20.90 36.97 -63.42
CA GLY D 132 -22.22 36.53 -63.03
C GLY D 132 -22.83 37.35 -61.92
N LEU D 133 -22.02 37.71 -60.93
CA LEU D 133 -22.53 38.34 -59.72
C LEU D 133 -22.66 39.85 -59.92
N ARG D 134 -23.89 40.32 -60.08
CA ARG D 134 -24.20 41.74 -60.05
C ARG D 134 -24.69 42.11 -58.66
N VAL D 135 -25.13 43.36 -58.52
CA VAL D 135 -25.78 43.84 -57.30
C VAL D 135 -26.84 44.86 -57.69
N VAL D 136 -28.10 44.59 -57.36
CA VAL D 136 -29.17 45.52 -57.68
C VAL D 136 -29.27 46.60 -56.61
N ASN D 137 -29.54 46.19 -55.38
CA ASN D 137 -29.48 47.08 -54.23
C ASN D 137 -28.84 46.29 -53.10
N ASP D 138 -28.54 46.98 -51.99
CA ASP D 138 -27.78 46.37 -50.91
C ASP D 138 -28.45 45.14 -50.31
N LEU D 139 -29.70 44.84 -50.67
CA LEU D 139 -30.38 43.68 -50.12
C LEU D 139 -30.67 42.61 -51.15
N GLU D 140 -30.23 42.78 -52.40
CA GLU D 140 -30.46 41.73 -53.39
C GLU D 140 -29.41 41.83 -54.48
N PHE D 141 -29.28 40.74 -55.25
CA PHE D 141 -28.28 40.66 -56.30
C PHE D 141 -28.69 39.56 -57.27
N THR D 142 -27.81 39.30 -58.24
CA THR D 142 -28.13 38.37 -59.33
C THR D 142 -27.02 37.35 -59.48
N VAL D 143 -27.40 36.09 -59.70
CA VAL D 143 -26.45 35.04 -60.01
C VAL D 143 -26.84 34.43 -61.35
N ARG D 144 -25.83 33.97 -62.09
CA ARG D 144 -26.06 33.37 -63.40
C ARG D 144 -25.08 32.21 -63.57
N LEU D 145 -25.58 31.09 -64.06
CA LEU D 145 -24.77 29.88 -64.17
C LEU D 145 -24.43 29.59 -65.63
N LYS D 146 -23.68 28.52 -65.86
CA LYS D 146 -23.28 28.11 -67.20
C LYS D 146 -24.37 27.27 -67.86
N ALA D 147 -24.92 26.31 -67.14
CA ALA D 147 -25.94 25.42 -67.64
C ALA D 147 -27.04 25.25 -66.60
N PRO D 148 -28.27 24.97 -67.03
CA PRO D 148 -29.35 24.72 -66.08
C PRO D 148 -28.97 23.72 -65.00
N THR D 149 -29.02 24.15 -63.75
CA THR D 149 -28.55 23.35 -62.61
C THR D 149 -29.60 23.41 -61.51
N ILE D 150 -30.53 22.46 -61.53
CA ILE D 150 -31.59 22.43 -60.53
C ILE D 150 -31.07 22.20 -59.13
N ASP D 151 -29.87 21.64 -58.98
CA ASP D 151 -29.33 21.32 -57.67
C ASP D 151 -28.56 22.46 -57.04
N PHE D 152 -28.17 23.48 -57.82
CA PHE D 152 -27.34 24.55 -57.29
C PHE D 152 -28.01 25.24 -56.11
N THR D 153 -29.34 25.31 -56.12
CA THR D 153 -30.06 25.95 -55.02
C THR D 153 -29.86 25.23 -53.69
N LEU D 154 -29.43 23.97 -53.70
CA LEU D 154 -29.25 23.23 -52.46
C LEU D 154 -27.90 23.48 -51.82
N ARG D 155 -26.82 23.48 -52.60
CA ARG D 155 -25.48 23.59 -52.06
C ARG D 155 -25.18 24.96 -51.46
N LEU D 156 -26.11 25.91 -51.55
CA LEU D 156 -25.87 27.25 -51.00
C LEU D 156 -25.55 27.23 -49.52
N GLY D 157 -25.97 26.20 -48.79
CA GLY D 157 -25.71 26.13 -47.37
C GLY D 157 -24.32 25.66 -46.99
N HIS D 158 -23.47 25.39 -47.96
CA HIS D 158 -22.14 24.87 -47.68
C HIS D 158 -21.29 25.91 -46.97
N SER D 159 -20.31 25.44 -46.22
CA SER D 159 -19.46 26.33 -45.44
C SER D 159 -18.58 27.19 -46.27
N SER D 160 -18.58 27.04 -47.59
CA SER D 160 -17.76 27.87 -48.46
C SER D 160 -18.45 29.15 -48.90
N PHE D 161 -19.77 29.11 -49.12
CA PHE D 161 -20.51 30.29 -49.56
C PHE D 161 -20.85 31.23 -48.41
N TYR D 162 -20.29 30.99 -47.23
CA TYR D 162 -20.55 31.85 -46.08
C TYR D 162 -20.06 33.27 -46.34
N PRO D 163 -20.74 34.26 -45.78
CA PRO D 163 -20.27 35.64 -45.92
C PRO D 163 -19.11 35.94 -45.00
N LEU D 164 -18.43 37.05 -45.29
CA LEU D 164 -17.35 37.50 -44.43
C LEU D 164 -17.56 38.96 -44.08
N PRO D 165 -17.22 39.36 -42.86
CA PRO D 165 -17.49 40.74 -42.42
C PRO D 165 -16.66 41.75 -43.19
N ASP D 166 -17.15 42.97 -43.28
CA ASP D 166 -16.53 44.00 -44.10
C ASP D 166 -15.13 44.38 -43.61
N SER D 167 -14.88 44.27 -42.32
CA SER D 167 -13.58 44.63 -41.76
C SER D 167 -12.58 43.49 -41.80
N ALA D 168 -12.78 42.50 -42.65
CA ALA D 168 -11.89 41.34 -42.71
C ALA D 168 -11.14 41.20 -44.02
N PHE D 169 -11.54 41.90 -45.07
CA PHE D 169 -10.93 41.70 -46.38
C PHE D 169 -9.60 42.40 -46.54
N ARG D 170 -9.07 43.03 -45.50
CA ARG D 170 -7.75 43.63 -45.56
C ARG D 170 -6.78 43.02 -44.55
N ASP D 171 -7.29 42.29 -43.55
CA ASP D 171 -6.49 41.73 -42.48
C ASP D 171 -6.74 40.24 -42.36
N MET D 172 -6.67 39.54 -43.50
CA MET D 172 -6.94 38.11 -43.52
C MET D 172 -6.00 37.34 -42.60
N ALA D 173 -4.87 37.92 -42.22
CA ALA D 173 -3.93 37.23 -41.35
C ALA D 173 -4.47 37.05 -39.94
N ALA D 174 -4.76 38.13 -39.23
CA ALA D 174 -5.30 38.02 -37.87
C ALA D 174 -6.74 37.54 -37.85
N PHE D 175 -7.52 37.86 -38.88
CA PHE D 175 -8.83 37.26 -39.02
C PHE D 175 -8.77 35.78 -39.15
N GLY D 176 -7.65 35.26 -39.66
CA GLY D 176 -7.45 33.84 -39.76
C GLY D 176 -7.28 33.13 -38.44
N ARG D 177 -7.15 33.87 -37.33
CA ARG D 177 -7.07 33.28 -36.02
C ARG D 177 -8.10 33.81 -35.04
N ASN D 178 -8.72 34.94 -35.33
CA ASN D 178 -9.80 35.48 -34.48
C ASN D 178 -10.96 35.88 -35.37
N PRO D 179 -11.72 34.91 -35.86
CA PRO D 179 -12.79 35.22 -36.82
C PRO D 179 -13.94 35.95 -36.15
N ILE D 180 -14.81 36.49 -37.00
CA ILE D 180 -15.99 37.24 -36.58
C ILE D 180 -17.17 36.72 -37.39
N GLY D 181 -18.19 36.20 -36.70
CA GLY D 181 -19.26 35.53 -37.40
C GLY D 181 -20.62 35.83 -36.83
N ASN D 182 -21.63 35.71 -37.69
CA ASN D 182 -23.02 35.92 -37.34
C ASN D 182 -23.70 34.69 -36.78
N GLY D 183 -22.99 33.57 -36.68
CA GLY D 183 -23.59 32.30 -36.40
C GLY D 183 -24.26 32.21 -35.05
N PRO D 184 -24.86 31.06 -34.76
CA PRO D 184 -25.55 30.87 -33.48
C PRO D 184 -24.61 30.95 -32.29
N TYR D 185 -23.36 30.58 -32.48
CA TYR D 185 -22.37 30.63 -31.42
C TYR D 185 -21.39 31.77 -31.68
N LYS D 186 -20.43 31.94 -30.79
CA LYS D 186 -19.48 33.04 -30.99
C LYS D 186 -18.30 32.64 -30.14
N LEU D 187 -17.10 32.82 -30.68
CA LEU D 187 -15.89 32.42 -29.93
C LEU D 187 -16.10 32.78 -28.46
N ALA D 188 -15.36 32.11 -27.58
CA ALA D 188 -15.42 32.38 -26.13
C ALA D 188 -14.57 33.61 -25.85
N ASP D 189 -14.82 34.33 -24.76
CA ASP D 189 -13.98 35.52 -24.48
C ASP D 189 -13.96 35.85 -22.99
N GLY D 190 -13.75 34.85 -22.14
CA GLY D 190 -13.71 35.07 -20.68
C GLY D 190 -12.32 35.52 -20.21
N PRO D 191 -11.65 34.75 -19.33
CA PRO D 191 -10.30 35.11 -18.87
C PRO D 191 -9.38 35.40 -20.05
N ALA D 192 -8.66 36.53 -19.99
CA ALA D 192 -7.75 36.95 -21.09
C ALA D 192 -6.81 35.81 -21.50
N GLY D 193 -6.64 35.63 -22.81
CA GLY D 193 -5.79 34.57 -23.39
C GLY D 193 -6.62 33.33 -23.62
N PRO D 194 -7.94 33.49 -23.91
CA PRO D 194 -8.83 32.36 -24.08
C PRO D 194 -8.97 32.02 -25.57
N ALA D 195 -10.22 31.81 -26.01
CA ALA D 195 -10.54 31.50 -27.41
C ALA D 195 -9.68 30.32 -27.87
N TRP D 196 -9.13 30.44 -29.09
CA TRP D 196 -8.26 29.33 -29.57
C TRP D 196 -7.16 29.22 -28.55
N GLU D 197 -7.08 28.10 -27.86
CA GLU D 197 -6.05 27.97 -26.82
C GLU D 197 -4.77 27.38 -27.41
N HIS D 198 -4.83 26.93 -28.66
CA HIS D 198 -3.67 26.36 -29.40
C HIS D 198 -3.39 24.92 -28.96
N ASN D 199 -3.78 23.93 -29.78
CA ASN D 199 -3.50 22.51 -29.46
C ASN D 199 -3.93 22.23 -28.02
N VAL D 200 -5.13 22.67 -27.62
CA VAL D 200 -5.58 22.47 -26.22
C VAL D 200 -7.12 22.41 -26.23
N ARG D 201 -7.76 23.57 -26.43
CA ARG D 201 -9.22 23.57 -26.47
C ARG D 201 -9.71 24.83 -27.16
N ILE D 202 -11.01 24.88 -27.40
CA ILE D 202 -11.68 26.05 -27.97
C ILE D 202 -13.02 26.22 -27.28
N ASP D 203 -13.31 27.45 -26.85
CA ASP D 203 -14.51 27.75 -26.09
C ASP D 203 -15.53 28.47 -26.96
N LEU D 204 -16.80 28.10 -26.79
CA LEU D 204 -17.87 28.71 -27.56
C LEU D 204 -19.06 29.00 -26.64
N VAL D 205 -19.68 30.16 -26.85
CA VAL D 205 -20.85 30.59 -26.07
C VAL D 205 -21.98 30.91 -27.03
N PRO D 206 -23.24 30.91 -26.58
CA PRO D 206 -24.34 31.27 -27.48
C PRO D 206 -24.26 32.72 -27.89
N ASN D 207 -24.74 33.02 -29.08
CA ASN D 207 -24.70 34.38 -29.60
C ASN D 207 -26.05 35.05 -29.40
N PRO D 208 -26.11 36.13 -28.61
CA PRO D 208 -27.37 36.84 -28.40
C PRO D 208 -27.78 37.72 -29.57
N ASP D 209 -27.12 37.62 -30.71
CA ASP D 209 -27.44 38.42 -31.89
C ASP D 209 -27.95 37.53 -33.02
N TYR D 210 -28.53 36.38 -32.68
CA TYR D 210 -28.95 35.40 -33.66
C TYR D 210 -30.45 35.13 -33.55
N HIS D 211 -31.11 35.07 -34.70
CA HIS D 211 -32.53 34.69 -34.78
C HIS D 211 -32.51 33.95 -36.11
N GLY D 212 -32.64 32.63 -36.04
CA GLY D 212 -32.76 31.80 -37.24
C GLY D 212 -33.34 30.45 -36.89
N ASN D 213 -32.86 29.43 -37.58
CA ASN D 213 -33.32 28.06 -37.38
C ASN D 213 -32.59 27.34 -36.27
N ARG D 214 -31.46 27.86 -35.81
CA ARG D 214 -30.57 27.06 -34.97
C ARG D 214 -30.23 27.75 -33.65
N LYS D 215 -31.24 28.26 -32.95
CA LYS D 215 -31.01 28.78 -31.61
C LYS D 215 -30.42 27.68 -30.73
N PRO D 216 -29.35 27.96 -29.99
CA PRO D 216 -28.72 26.91 -29.19
C PRO D 216 -29.52 26.64 -27.93
N ARG D 217 -29.77 25.36 -27.66
CA ARG D 217 -30.52 24.95 -26.49
C ARG D 217 -29.64 24.53 -25.31
N ASN D 218 -28.40 25.00 -25.26
CA ASN D 218 -27.51 24.73 -24.14
C ASN D 218 -26.56 25.91 -23.98
N LYS D 219 -25.59 25.80 -23.07
CA LYS D 219 -24.84 26.95 -22.61
C LYS D 219 -23.56 27.20 -23.39
N GLY D 220 -23.14 26.28 -24.23
CA GLY D 220 -21.94 26.45 -25.03
C GLY D 220 -21.14 25.16 -25.09
N LEU D 221 -20.23 25.11 -26.03
CA LEU D 221 -19.39 23.93 -26.21
C LEU D 221 -17.93 24.26 -25.93
N ARG D 222 -17.16 23.21 -25.66
CA ARG D 222 -15.72 23.34 -25.43
C ARG D 222 -15.07 22.15 -26.11
N PHE D 223 -14.64 22.33 -27.35
CA PHE D 223 -14.04 21.25 -28.12
C PHE D 223 -12.68 20.91 -27.54
N GLU D 224 -12.53 19.69 -27.04
CA GLU D 224 -11.28 19.24 -26.44
C GLU D 224 -10.44 18.57 -27.50
N PHE D 225 -9.27 19.14 -27.78
CA PHE D 225 -8.39 18.61 -28.82
C PHE D 225 -7.80 17.30 -28.33
N TYR D 226 -7.94 16.25 -29.13
CA TYR D 226 -7.51 14.92 -28.72
C TYR D 226 -6.70 14.24 -29.82
N ALA D 227 -6.23 13.05 -29.49
CA ALA D 227 -5.58 12.13 -30.40
C ALA D 227 -5.57 10.77 -29.73
N ASN D 228 -5.49 9.71 -30.54
CA ASN D 228 -5.61 8.35 -30.03
C ASN D 228 -6.95 8.17 -29.32
N LEU D 229 -8.00 8.17 -30.13
CA LEU D 229 -9.39 8.18 -29.68
C LEU D 229 -9.70 7.29 -28.48
N ASP D 230 -8.94 6.20 -28.31
CA ASP D 230 -9.13 5.39 -27.11
C ASP D 230 -8.87 6.21 -25.85
N THR D 231 -7.95 7.17 -25.91
CA THR D 231 -7.77 8.09 -24.79
C THR D 231 -9.06 8.84 -24.49
N ALA D 232 -9.68 9.42 -25.51
CA ALA D 232 -10.93 10.12 -25.30
C ALA D 232 -12.02 9.19 -24.81
N TYR D 233 -12.00 7.93 -25.24
CA TYR D 233 -13.00 6.98 -24.77
C TYR D 233 -12.85 6.70 -23.29
N ALA D 234 -11.60 6.46 -22.84
CA ALA D 234 -11.37 6.29 -21.41
C ALA D 234 -11.76 7.54 -20.64
N ASP D 235 -11.43 8.72 -21.18
CA ASP D 235 -11.81 9.96 -20.54
C ASP D 235 -13.33 10.06 -20.38
N LEU D 236 -14.06 9.72 -21.44
CA LEU D 236 -15.52 9.69 -21.37
C LEU D 236 -16.00 8.75 -20.28
N LEU D 237 -15.45 7.53 -20.25
CA LEU D 237 -15.86 6.57 -19.24
C LEU D 237 -15.60 7.08 -17.84
N SER D 238 -14.54 7.87 -17.66
CA SER D 238 -14.26 8.45 -16.34
C SER D 238 -15.04 9.67 -15.88
N GLY D 239 -16.16 9.94 -16.54
CA GLY D 239 -16.95 11.14 -16.35
C GLY D 239 -16.28 12.46 -16.69
N ASN D 240 -15.38 12.45 -17.67
CA ASN D 240 -14.62 13.66 -18.02
C ASN D 240 -14.95 14.16 -19.42
N LEU D 241 -16.06 13.71 -20.00
CA LEU D 241 -16.44 14.14 -21.33
C LEU D 241 -17.91 13.81 -21.57
N ASP D 242 -18.50 14.49 -22.55
CA ASP D 242 -19.94 14.45 -22.75
C ASP D 242 -20.38 13.77 -24.04
N VAL D 243 -19.61 13.90 -25.12
CA VAL D 243 -19.94 13.27 -26.39
C VAL D 243 -18.65 12.76 -27.01
N LEU D 244 -18.64 11.49 -27.40
CA LEU D 244 -17.41 10.93 -27.96
C LEU D 244 -17.36 11.07 -29.47
N ASP D 245 -18.51 10.94 -30.13
CA ASP D 245 -18.65 11.19 -31.58
C ASP D 245 -17.95 10.14 -32.43
N THR D 246 -17.24 9.21 -31.81
CA THR D 246 -16.62 8.11 -32.55
C THR D 246 -16.26 7.11 -31.47
N ILE D 247 -16.60 5.85 -31.69
CA ILE D 247 -16.13 4.77 -30.84
C ILE D 247 -14.82 4.25 -31.41
N PRO D 248 -13.74 4.19 -30.62
CA PRO D 248 -12.48 3.70 -31.14
C PRO D 248 -12.60 2.25 -31.56
N PRO D 249 -11.81 1.79 -32.53
CA PRO D 249 -12.00 0.44 -33.07
C PRO D 249 -11.74 -0.66 -32.06
N SER D 250 -10.91 -0.41 -31.05
CA SER D 250 -10.57 -1.44 -30.08
C SER D 250 -11.72 -1.78 -29.14
N ALA D 251 -12.80 -1.00 -29.14
CA ALA D 251 -13.83 -1.15 -28.12
C ALA D 251 -15.24 -1.31 -28.67
N LEU D 252 -15.42 -1.29 -29.98
CA LEU D 252 -16.73 -1.27 -30.60
C LEU D 252 -17.47 -2.60 -30.44
N THR D 253 -16.93 -3.52 -29.67
CA THR D 253 -17.57 -4.81 -29.44
C THR D 253 -18.20 -4.94 -28.06
N VAL D 254 -17.91 -4.03 -27.14
CA VAL D 254 -18.49 -4.05 -25.80
C VAL D 254 -19.05 -2.71 -25.38
N TYR D 255 -19.04 -1.72 -26.27
CA TYR D 255 -19.54 -0.39 -25.92
C TYR D 255 -20.96 -0.46 -25.39
N GLN D 256 -21.82 -1.27 -26.01
CA GLN D 256 -23.18 -1.40 -25.53
C GLN D 256 -23.21 -2.03 -24.14
N ARG D 257 -22.44 -3.09 -23.93
CA ARG D 257 -22.46 -3.79 -22.65
C ARG D 257 -22.02 -2.89 -21.52
N ASP D 258 -21.00 -2.06 -21.75
CA ASP D 258 -20.46 -1.24 -20.68
C ASP D 258 -21.00 0.18 -20.67
N LEU D 259 -21.88 0.52 -21.62
CA LEU D 259 -22.46 1.86 -21.66
C LEU D 259 -23.97 1.97 -21.60
N GLY D 260 -24.70 0.87 -21.78
CA GLY D 260 -26.08 0.80 -21.37
C GLY D 260 -27.03 1.83 -21.96
N ASP D 261 -27.16 1.79 -23.28
CA ASP D 261 -28.09 2.58 -24.08
C ASP D 261 -27.81 4.08 -23.97
N HIS D 262 -26.61 4.47 -23.56
CA HIS D 262 -26.13 5.83 -23.71
C HIS D 262 -25.38 5.99 -25.03
N ALA D 263 -25.63 5.09 -25.97
CA ALA D 263 -24.93 5.08 -27.25
C ALA D 263 -25.95 4.84 -28.35
N THR D 264 -25.93 5.69 -29.36
CA THR D 264 -26.82 5.61 -30.50
C THR D 264 -26.03 5.21 -31.74
N SER D 265 -26.74 5.16 -32.88
CA SER D 265 -26.11 4.88 -34.15
C SER D 265 -26.94 5.52 -35.25
N GLY D 266 -26.27 5.81 -36.36
CA GLY D 266 -26.92 6.45 -37.49
C GLY D 266 -26.07 6.40 -38.74
N PRO D 267 -26.73 6.15 -39.90
CA PRO D 267 -26.04 6.11 -41.20
C PRO D 267 -25.41 7.47 -41.50
N ALA D 268 -24.29 7.44 -42.22
CA ALA D 268 -23.56 8.64 -42.59
C ALA D 268 -23.52 8.79 -44.11
N ALA D 269 -22.74 9.75 -44.57
CA ALA D 269 -22.63 10.08 -45.99
C ALA D 269 -21.20 9.90 -46.48
N ILE D 270 -20.60 8.77 -46.13
CA ILE D 270 -19.20 8.48 -46.46
C ILE D 270 -19.11 7.05 -46.95
N ASN D 271 -18.65 6.86 -48.18
CA ASN D 271 -18.38 5.54 -48.69
C ASN D 271 -16.87 5.38 -48.88
N GLN D 272 -16.46 4.21 -49.34
CA GLN D 272 -15.04 3.91 -49.47
C GLN D 272 -14.86 2.84 -50.53
N THR D 273 -13.93 3.10 -51.45
CA THR D 273 -13.78 2.25 -52.63
C THR D 273 -12.31 2.16 -53.00
N LEU D 274 -11.97 1.04 -53.64
CA LEU D 274 -10.64 0.84 -54.20
C LEU D 274 -10.77 0.85 -55.72
N ASP D 275 -9.66 1.15 -56.39
CA ASP D 275 -9.71 1.37 -57.82
C ASP D 275 -8.42 0.92 -58.47
N THR D 276 -8.54 0.52 -59.74
CA THR D 276 -7.40 0.18 -60.59
C THR D 276 -7.39 1.11 -61.78
N PRO D 277 -6.39 1.97 -61.93
CA PRO D 277 -6.32 2.83 -63.11
C PRO D 277 -6.38 2.04 -64.40
N LEU D 278 -6.93 2.65 -65.45
CA LEU D 278 -7.10 1.95 -66.71
C LEU D 278 -5.77 1.76 -67.43
N ARG D 279 -4.69 2.27 -66.84
CA ARG D 279 -3.37 2.25 -67.48
C ARG D 279 -2.68 0.90 -67.39
N LEU D 280 -2.40 0.39 -66.18
CA LEU D 280 -1.50 -0.73 -66.01
C LEU D 280 -2.00 -1.97 -66.76
N PRO D 281 -1.10 -2.85 -67.18
CA PRO D 281 -1.46 -3.86 -68.18
C PRO D 281 -2.46 -4.87 -67.65
N HIS D 282 -3.05 -5.61 -68.59
CA HIS D 282 -4.06 -6.63 -68.30
C HIS D 282 -5.32 -6.02 -67.67
N PHE D 283 -5.59 -4.75 -67.98
CA PHE D 283 -6.75 -4.08 -67.41
C PHE D 283 -7.49 -3.19 -68.39
N GLY D 284 -7.14 -3.19 -69.67
CA GLY D 284 -7.77 -2.31 -70.62
C GLY D 284 -8.83 -3.00 -71.45
N GLY D 285 -9.51 -2.21 -72.28
CA GLY D 285 -10.48 -2.75 -73.22
C GLY D 285 -11.59 -3.52 -72.54
N GLU D 286 -12.24 -4.38 -73.34
CA GLU D 286 -13.37 -5.22 -72.85
C GLU D 286 -12.87 -6.18 -71.78
N GLU D 287 -11.66 -6.74 -71.97
CA GLU D 287 -11.11 -7.66 -70.97
C GLU D 287 -10.86 -6.95 -69.66
N GLY D 288 -10.54 -5.65 -69.71
CA GLY D 288 -10.35 -4.91 -68.48
C GLY D 288 -11.65 -4.66 -67.75
N ARG D 289 -12.70 -4.31 -68.48
CA ARG D 289 -14.03 -4.21 -67.87
C ARG D 289 -14.43 -5.53 -67.23
N LEU D 290 -14.17 -6.64 -67.90
CA LEU D 290 -14.49 -7.94 -67.33
C LEU D 290 -13.63 -8.22 -66.10
N ARG D 291 -12.36 -7.82 -66.14
CA ARG D 291 -11.49 -7.96 -64.98
C ARG D 291 -12.07 -7.25 -63.77
N ARG D 292 -12.46 -5.98 -63.95
CA ARG D 292 -13.01 -5.21 -62.86
C ARG D 292 -14.33 -5.78 -62.38
N LEU D 293 -15.18 -6.24 -63.30
CA LEU D 293 -16.47 -6.77 -62.89
C LEU D 293 -16.28 -8.05 -62.08
N ALA D 294 -15.35 -8.91 -62.49
CA ALA D 294 -15.07 -10.13 -61.74
C ALA D 294 -14.52 -9.81 -60.36
N LEU D 295 -13.50 -8.96 -60.30
CA LEU D 295 -12.98 -8.53 -59.02
C LEU D 295 -14.08 -7.98 -58.13
N SER D 296 -15.04 -7.26 -58.70
CA SER D 296 -16.17 -6.76 -57.93
C SER D 296 -17.00 -7.92 -57.39
N ALA D 297 -17.34 -8.87 -58.26
CA ALA D 297 -18.24 -9.95 -57.87
C ALA D 297 -17.57 -11.02 -57.04
N ALA D 298 -16.27 -10.92 -56.76
CA ALA D 298 -15.58 -11.92 -55.96
C ALA D 298 -15.17 -11.42 -54.59
N ILE D 299 -15.98 -10.59 -53.94
CA ILE D 299 -15.65 -9.99 -52.65
C ILE D 299 -16.76 -10.32 -51.66
N ASN D 300 -16.37 -10.80 -50.48
CA ASN D 300 -17.33 -11.17 -49.44
C ASN D 300 -17.52 -9.98 -48.51
N ARG D 301 -18.29 -8.99 -48.96
CA ARG D 301 -18.52 -7.77 -48.19
C ARG D 301 -19.24 -8.02 -46.85
N PRO D 302 -20.32 -8.81 -46.81
CA PRO D 302 -21.00 -8.98 -45.52
C PRO D 302 -20.15 -9.64 -44.48
N GLN D 303 -19.34 -10.61 -44.88
CA GLN D 303 -18.47 -11.27 -43.91
C GLN D 303 -17.50 -10.28 -43.28
N ILE D 304 -16.86 -9.44 -44.08
CA ILE D 304 -15.93 -8.47 -43.53
C ILE D 304 -16.67 -7.49 -42.62
N CYS D 305 -17.80 -6.95 -43.10
CA CYS D 305 -18.56 -5.99 -42.31
C CYS D 305 -18.97 -6.57 -40.97
N GLN D 306 -19.26 -7.87 -40.91
CA GLN D 306 -19.62 -8.48 -39.64
C GLN D 306 -18.42 -8.79 -38.77
N GLN D 307 -17.34 -9.31 -39.35
CA GLN D 307 -16.18 -9.74 -38.56
C GLN D 307 -15.40 -8.56 -38.02
N ILE D 308 -14.89 -7.71 -38.92
CA ILE D 308 -13.87 -6.75 -38.52
C ILE D 308 -14.50 -5.49 -37.95
N PHE D 309 -15.28 -4.78 -38.76
CA PHE D 309 -15.94 -3.57 -38.29
C PHE D 309 -17.06 -3.88 -37.31
N ALA D 310 -17.61 -5.10 -37.34
CA ALA D 310 -18.58 -5.56 -36.35
C ALA D 310 -19.79 -4.63 -36.27
N GLY D 311 -20.25 -4.16 -37.42
CA GLY D 311 -21.50 -3.44 -37.50
C GLY D 311 -21.41 -1.94 -37.64
N THR D 312 -20.21 -1.37 -37.75
CA THR D 312 -20.06 0.05 -38.03
C THR D 312 -19.85 0.30 -39.52
N ARG D 313 -20.14 -0.70 -40.34
CA ARG D 313 -20.08 -0.61 -41.79
C ARG D 313 -21.28 -1.35 -42.36
N SER D 314 -21.47 -1.25 -43.67
CA SER D 314 -22.63 -1.89 -44.26
C SER D 314 -22.42 -2.02 -45.76
N PRO D 315 -22.65 -3.20 -46.34
CA PRO D 315 -22.42 -3.39 -47.77
C PRO D 315 -23.16 -2.36 -48.61
N ALA D 316 -22.60 -2.06 -49.77
CA ALA D 316 -23.12 -1.01 -50.64
C ALA D 316 -24.12 -1.61 -51.61
N ARG D 317 -25.24 -0.93 -51.82
CA ARG D 317 -26.21 -1.32 -52.84
C ARG D 317 -26.10 -0.49 -54.10
N ASP D 318 -25.34 0.60 -54.07
CA ASP D 318 -25.07 1.43 -55.23
C ASP D 318 -23.95 2.38 -54.84
N PHE D 319 -23.53 3.24 -55.75
CA PHE D 319 -22.32 4.03 -55.60
C PHE D 319 -22.42 5.08 -54.51
N THR D 320 -23.65 5.38 -54.08
CA THR D 320 -23.87 6.46 -53.08
C THR D 320 -23.86 5.89 -51.66
N ALA D 321 -24.24 6.71 -50.68
CA ALA D 321 -24.22 6.29 -49.26
C ALA D 321 -25.66 6.13 -48.79
N ARG D 322 -25.83 5.85 -47.49
CA ARG D 322 -27.11 5.35 -46.95
C ARG D 322 -28.18 6.43 -46.89
N SER D 323 -27.97 7.46 -46.10
CA SER D 323 -28.97 8.54 -45.96
C SER D 323 -28.72 9.60 -47.04
N LEU D 324 -28.95 9.26 -48.31
CA LEU D 324 -28.84 10.29 -49.36
C LEU D 324 -30.33 10.54 -49.61
N PRO D 325 -30.77 11.82 -49.52
CA PRO D 325 -32.16 12.21 -49.76
C PRO D 325 -32.51 11.84 -51.20
N GLY D 326 -33.12 10.67 -51.35
CA GLY D 326 -33.50 10.10 -52.65
C GLY D 326 -32.59 8.94 -53.00
N PHE D 327 -32.46 7.97 -52.10
CA PHE D 327 -31.63 6.83 -52.40
C PHE D 327 -32.47 5.56 -52.44
N ASP D 328 -32.36 4.81 -53.52
CA ASP D 328 -33.21 3.61 -53.67
C ASP D 328 -32.37 2.35 -53.45
N PRO D 329 -32.61 1.62 -52.34
CA PRO D 329 -31.78 0.48 -51.97
C PRO D 329 -31.70 -0.58 -53.05
N ASN D 330 -32.86 -1.07 -53.50
CA ASN D 330 -32.90 -2.17 -54.47
C ASN D 330 -33.11 -1.64 -55.89
N LEU D 331 -32.09 -0.97 -56.39
CA LEU D 331 -32.10 -0.52 -57.78
C LEU D 331 -32.00 -1.72 -58.71
N PRO D 332 -32.93 -1.90 -59.65
CA PRO D 332 -32.87 -3.05 -60.55
C PRO D 332 -31.57 -3.13 -61.32
N GLY D 333 -30.91 -4.29 -61.27
CA GLY D 333 -29.59 -4.47 -61.83
C GLY D 333 -28.48 -4.47 -60.82
N ASN D 334 -28.81 -4.50 -59.52
CA ASN D 334 -27.85 -4.46 -58.43
C ASN D 334 -27.02 -5.73 -58.30
N GLU D 335 -27.49 -6.82 -58.92
CA GLU D 335 -26.88 -8.17 -58.81
C GLU D 335 -25.45 -8.24 -59.36
N VAL D 336 -25.03 -7.25 -60.15
CA VAL D 336 -23.69 -7.27 -60.75
C VAL D 336 -22.63 -7.24 -59.67
N LEU D 337 -22.83 -6.44 -58.63
CA LEU D 337 -21.93 -6.43 -57.50
C LEU D 337 -22.42 -7.19 -56.27
N ASP D 338 -21.88 -8.39 -56.07
CA ASP D 338 -22.33 -9.31 -55.03
C ASP D 338 -21.25 -10.38 -54.92
N TYR D 339 -21.49 -11.37 -54.05
CA TYR D 339 -20.47 -12.37 -53.71
C TYR D 339 -20.93 -13.73 -54.19
N ASP D 340 -20.60 -14.07 -55.44
CA ASP D 340 -20.95 -15.37 -56.03
C ASP D 340 -19.74 -15.92 -56.76
N PRO D 341 -18.92 -16.74 -56.08
CA PRO D 341 -17.75 -17.32 -56.75
C PRO D 341 -18.06 -18.06 -58.03
N GLN D 342 -19.28 -18.58 -58.19
CA GLN D 342 -19.70 -19.16 -59.46
C GLN D 342 -19.61 -18.12 -60.58
N ARG D 343 -20.29 -16.99 -60.40
CA ARG D 343 -20.20 -15.91 -61.37
C ARG D 343 -18.75 -15.46 -61.55
N ALA D 344 -18.00 -15.37 -60.46
CA ALA D 344 -16.65 -14.85 -60.54
C ALA D 344 -15.77 -15.76 -61.41
N ARG D 345 -15.83 -17.06 -61.18
CA ARG D 345 -15.01 -17.99 -61.96
C ARG D 345 -15.48 -18.06 -63.41
N ARG D 346 -16.80 -18.10 -63.63
CA ARG D 346 -17.28 -18.13 -65.01
C ARG D 346 -16.89 -16.87 -65.75
N LEU D 347 -16.85 -15.73 -65.06
CA LEU D 347 -16.50 -14.48 -65.71
C LEU D 347 -14.99 -14.38 -65.97
N TRP D 348 -14.18 -14.85 -65.03
CA TRP D 348 -12.74 -14.91 -65.30
C TRP D 348 -12.46 -15.84 -66.47
N ALA D 349 -13.24 -16.92 -66.59
CA ALA D 349 -13.09 -17.81 -67.74
C ALA D 349 -13.46 -17.11 -69.03
N GLN D 350 -14.56 -16.36 -69.04
CA GLN D 350 -14.95 -15.61 -70.22
C GLN D 350 -14.04 -14.42 -70.48
N ALA D 351 -13.21 -14.07 -69.49
CA ALA D 351 -12.39 -12.87 -69.58
C ALA D 351 -10.97 -13.14 -70.04
N ASP D 352 -10.31 -14.17 -69.51
CA ASP D 352 -8.90 -14.36 -69.82
C ASP D 352 -8.68 -14.89 -71.23
N ALA D 353 -9.70 -14.91 -72.08
CA ALA D 353 -9.51 -15.29 -73.47
C ALA D 353 -8.68 -14.29 -74.26
N ILE D 354 -8.51 -13.07 -73.74
CA ILE D 354 -7.70 -12.06 -74.41
C ILE D 354 -6.30 -12.04 -73.81
N SER D 355 -6.23 -12.15 -72.49
CA SER D 355 -4.97 -12.18 -71.77
C SER D 355 -5.09 -13.20 -70.64
N PRO D 356 -4.25 -14.23 -70.62
CA PRO D 356 -4.41 -15.29 -69.62
C PRO D 356 -4.22 -14.78 -68.20
N TRP D 357 -3.05 -14.23 -67.91
CA TRP D 357 -2.76 -13.54 -66.67
C TRP D 357 -1.34 -12.99 -66.76
N SER D 358 -1.08 -11.92 -66.02
CA SER D 358 0.22 -11.26 -66.01
C SER D 358 1.07 -11.66 -64.82
N GLY D 359 0.55 -11.47 -63.60
CA GLY D 359 1.30 -11.74 -62.41
C GLY D 359 0.60 -11.21 -61.18
N ARG D 360 1.33 -10.46 -60.36
CA ARG D 360 0.78 -9.95 -59.11
C ARG D 360 -0.28 -8.89 -59.35
N TYR D 361 -1.09 -8.65 -58.31
CA TYR D 361 -2.02 -7.53 -58.31
C TYR D 361 -1.79 -7.12 -56.85
N ALA D 362 -1.16 -5.96 -56.66
CA ALA D 362 -0.94 -5.43 -55.32
C ALA D 362 -1.87 -4.25 -55.06
N ILE D 363 -2.03 -3.94 -53.78
CA ILE D 363 -2.88 -2.83 -53.35
C ILE D 363 -2.02 -1.88 -52.53
N ALA D 364 -1.82 -0.68 -53.04
CA ALA D 364 -1.15 0.38 -52.31
C ALA D 364 -2.15 1.04 -51.38
N TYR D 365 -1.70 1.37 -50.18
CA TYR D 365 -2.60 1.96 -49.20
C TYR D 365 -1.80 2.63 -48.11
N ASN D 366 -2.29 3.78 -47.67
CA ASN D 366 -1.75 4.42 -46.47
C ASN D 366 -1.84 3.45 -45.30
N ALA D 367 -0.78 3.38 -44.52
CA ALA D 367 -0.68 2.39 -43.45
C ALA D 367 -0.58 2.87 -42.00
N ASP D 368 -1.02 4.10 -41.74
CA ASP D 368 -0.88 4.68 -40.43
C ASP D 368 -2.20 4.88 -39.71
N ALA D 369 -3.26 5.25 -40.43
CA ALA D 369 -4.58 5.39 -39.82
C ALA D 369 -5.18 4.06 -39.41
N GLY D 370 -4.71 2.96 -40.00
CA GLY D 370 -5.20 1.64 -39.66
C GLY D 370 -6.11 0.82 -40.55
N HIS D 371 -5.53 0.23 -41.58
CA HIS D 371 -6.28 -0.48 -42.59
C HIS D 371 -5.89 -1.94 -42.72
N ARG D 372 -4.81 -2.37 -42.05
CA ARG D 372 -4.24 -3.69 -42.23
C ARG D 372 -5.31 -4.78 -42.16
N ASP D 373 -6.20 -4.69 -41.19
CA ASP D 373 -7.18 -5.75 -40.97
C ASP D 373 -8.01 -6.01 -42.22
N TRP D 374 -8.78 -5.01 -42.65
CA TRP D 374 -9.66 -5.23 -43.78
C TRP D 374 -8.88 -5.37 -45.08
N VAL D 375 -7.72 -4.71 -45.19
CA VAL D 375 -6.92 -4.86 -46.40
C VAL D 375 -6.50 -6.32 -46.57
N ASP D 376 -5.90 -6.90 -45.52
CA ASP D 376 -5.49 -8.30 -45.60
C ASP D 376 -6.69 -9.22 -45.77
N ALA D 377 -7.80 -8.89 -45.11
CA ALA D 377 -8.98 -9.75 -45.23
C ALA D 377 -9.49 -9.78 -46.67
N VAL D 378 -9.64 -8.63 -47.30
CA VAL D 378 -10.13 -8.60 -48.67
C VAL D 378 -9.09 -9.21 -49.61
N ALA D 379 -7.81 -9.08 -49.26
CA ALA D 379 -6.77 -9.71 -50.07
C ALA D 379 -6.91 -11.22 -50.04
N ASN D 380 -7.13 -11.78 -48.85
CA ASN D 380 -7.32 -13.22 -48.74
C ASN D 380 -8.60 -13.66 -49.44
N SER D 381 -9.65 -12.85 -49.35
CA SER D 381 -10.92 -13.21 -49.98
C SER D 381 -10.87 -13.12 -51.50
N ILE D 382 -10.06 -12.22 -52.05
CA ILE D 382 -9.91 -12.16 -53.50
C ILE D 382 -8.93 -13.22 -54.00
N LYS D 383 -7.85 -13.45 -53.25
CA LYS D 383 -6.90 -14.50 -53.55
C LYS D 383 -7.39 -15.86 -53.05
N ASN D 384 -6.92 -16.92 -53.71
CA ASN D 384 -7.24 -18.31 -53.37
C ASN D 384 -8.71 -18.68 -53.63
N VAL D 385 -9.48 -17.78 -54.22
CA VAL D 385 -10.88 -18.10 -54.51
C VAL D 385 -11.07 -18.13 -56.02
N LEU D 386 -10.23 -17.37 -56.73
CA LEU D 386 -10.26 -17.34 -58.18
C LEU D 386 -8.97 -17.85 -58.79
N GLY D 387 -8.06 -18.39 -58.00
CA GLY D 387 -6.78 -18.80 -58.50
C GLY D 387 -5.93 -17.62 -58.90
N ILE D 388 -5.71 -16.71 -57.95
CA ILE D 388 -4.90 -15.53 -58.15
C ILE D 388 -4.04 -15.32 -56.90
N ASP D 389 -3.21 -14.28 -56.93
CA ASP D 389 -2.16 -14.10 -55.94
C ASP D 389 -2.05 -12.64 -55.50
N ALA D 390 -3.17 -11.99 -55.24
CA ALA D 390 -3.12 -10.61 -54.81
C ALA D 390 -2.64 -10.50 -53.37
N VAL D 391 -1.96 -9.39 -53.08
CA VAL D 391 -1.43 -9.09 -51.74
C VAL D 391 -1.45 -7.58 -51.53
N ALA D 392 -1.21 -7.16 -50.29
CA ALA D 392 -1.14 -5.75 -49.94
C ALA D 392 0.19 -5.14 -50.34
N ALA D 393 0.29 -3.83 -50.17
CA ALA D 393 1.51 -3.09 -50.47
C ALA D 393 1.48 -1.74 -49.77
N PRO D 394 1.81 -1.68 -48.49
CA PRO D 394 1.60 -0.43 -47.73
C PRO D 394 2.57 0.67 -48.12
N GLN D 395 2.11 1.90 -47.96
CA GLN D 395 2.96 3.09 -48.02
C GLN D 395 2.73 3.84 -46.72
N PRO D 396 3.77 4.06 -45.91
CA PRO D 396 3.54 4.61 -44.56
C PRO D 396 3.12 6.06 -44.54
N THR D 397 3.43 6.83 -45.59
CA THR D 397 3.14 8.26 -45.58
C THR D 397 1.91 8.57 -46.43
N PHE D 398 0.97 9.31 -45.84
CA PHE D 398 -0.20 9.77 -46.58
C PHE D 398 0.22 10.77 -47.65
N ALA D 399 1.25 11.56 -47.37
CA ALA D 399 1.76 12.50 -48.37
C ALA D 399 2.23 11.78 -49.62
N GLY D 400 3.08 10.76 -49.46
CA GLY D 400 3.50 9.98 -50.60
C GLY D 400 2.36 9.22 -51.23
N PHE D 401 1.42 8.75 -50.41
CA PHE D 401 0.25 8.05 -50.93
C PHE D 401 -0.57 8.95 -51.85
N ARG D 402 -0.63 10.25 -51.53
CA ARG D 402 -1.39 11.17 -52.37
C ARG D 402 -0.58 11.62 -53.57
N THR D 403 0.73 11.79 -53.40
CA THR D 403 1.56 12.15 -54.54
C THR D 403 1.57 11.04 -55.59
N GLN D 404 1.45 9.78 -55.16
CA GLN D 404 1.39 8.69 -56.11
C GLN D 404 0.23 8.85 -57.08
N ILE D 405 -0.87 9.46 -56.65
CA ILE D 405 -2.03 9.57 -57.51
C ILE D 405 -2.03 10.93 -58.19
N THR D 406 -1.37 11.91 -57.58
CA THR D 406 -1.09 13.11 -58.36
C THR D 406 -0.09 12.84 -59.48
N ASN D 407 0.59 11.70 -59.44
CA ASN D 407 1.47 11.18 -60.48
C ASN D 407 0.70 10.61 -61.67
N ARG D 408 -0.60 10.87 -61.70
CA ARG D 408 -1.47 10.54 -62.83
C ARG D 408 -1.53 9.03 -63.10
N ALA D 409 -2.00 8.30 -62.09
CA ALA D 409 -2.46 6.92 -62.24
C ALA D 409 -1.36 6.03 -62.84
N ILE D 410 -0.32 5.84 -62.03
CA ILE D 410 0.89 5.17 -62.50
C ILE D 410 0.76 3.64 -62.42
N ASP D 411 0.59 3.12 -61.20
CA ASP D 411 0.72 1.68 -60.98
C ASP D 411 0.19 1.38 -59.56
N SER D 412 0.14 0.09 -59.21
CA SER D 412 -0.19 -0.38 -57.87
C SER D 412 -1.58 0.10 -57.43
N ALA D 413 -2.58 -0.45 -58.12
CA ALA D 413 -3.98 -0.15 -57.85
C ALA D 413 -4.26 -0.04 -56.36
N PHE D 414 -5.01 1.00 -55.98
CA PHE D 414 -5.05 1.46 -54.61
C PHE D 414 -6.47 1.78 -54.19
N ARG D 415 -6.63 2.16 -52.92
CA ARG D 415 -7.90 2.50 -52.33
C ARG D 415 -8.01 4.00 -52.11
N ALA D 416 -9.24 4.51 -52.17
CA ALA D 416 -9.50 5.92 -51.95
C ALA D 416 -10.96 5.98 -51.54
N GLY D 417 -11.25 6.67 -50.44
CA GLY D 417 -12.60 6.96 -50.02
C GLY D 417 -12.96 8.39 -50.35
N TRP D 418 -14.25 8.63 -50.60
CA TRP D 418 -14.73 9.95 -51.03
C TRP D 418 -15.81 10.43 -50.08
N ARG D 419 -15.46 11.36 -49.21
CA ARG D 419 -16.44 11.96 -48.32
C ARG D 419 -17.38 12.86 -49.11
N GLY D 420 -18.53 13.18 -48.53
CA GLY D 420 -19.48 14.05 -49.18
C GLY D 420 -19.57 15.45 -48.62
N ALA D 421 -20.05 16.37 -49.45
CA ALA D 421 -20.08 17.79 -49.11
C ALA D 421 -21.46 18.28 -48.72
N TYR D 422 -22.48 17.93 -49.48
CA TYR D 422 -23.86 18.30 -49.18
C TYR D 422 -24.78 17.19 -49.67
N PRO D 423 -26.00 17.11 -49.13
CA PRO D 423 -26.81 15.91 -49.38
C PRO D 423 -27.35 15.81 -50.80
N SER D 424 -26.53 15.32 -51.73
CA SER D 424 -26.97 15.08 -53.08
C SER D 424 -26.10 14.01 -53.72
N MET D 425 -26.76 13.04 -54.36
CA MET D 425 -26.02 11.96 -55.03
C MET D 425 -25.23 12.48 -56.22
N ILE D 426 -25.69 13.57 -56.82
CA ILE D 426 -24.95 14.16 -57.93
C ILE D 426 -23.56 14.58 -57.49
N GLU D 427 -23.41 14.96 -56.21
CA GLU D 427 -22.08 15.30 -55.72
C GLU D 427 -21.23 14.07 -55.46
N PHE D 428 -21.85 12.89 -55.30
CA PHE D 428 -21.06 11.66 -55.29
C PHE D 428 -20.68 11.20 -56.69
N LEU D 429 -21.47 11.57 -57.70
CA LEU D 429 -21.18 11.05 -59.04
C LEU D 429 -20.28 11.99 -59.83
N ALA D 430 -20.73 13.23 -60.04
CA ALA D 430 -20.04 14.12 -60.97
C ALA D 430 -18.56 14.32 -60.66
N PRO D 431 -18.14 14.66 -59.45
CA PRO D 431 -16.72 14.97 -59.23
C PRO D 431 -15.79 13.80 -59.44
N LEU D 432 -16.28 12.57 -59.40
CA LEU D 432 -15.42 11.40 -59.55
C LEU D 432 -15.56 10.74 -60.91
N PHE D 433 -16.76 10.70 -61.47
CA PHE D 433 -17.02 10.04 -62.73
C PHE D 433 -17.38 11.12 -63.76
N THR D 434 -16.33 11.74 -64.31
CA THR D 434 -16.48 12.83 -65.31
C THR D 434 -15.22 12.86 -66.17
N ALA D 435 -15.38 13.21 -67.45
CA ALA D 435 -14.24 13.25 -68.37
C ALA D 435 -13.01 13.93 -67.77
N GLY D 436 -13.19 15.12 -67.21
CA GLY D 436 -12.04 15.87 -66.72
C GLY D 436 -12.27 16.68 -65.46
N ALA D 437 -13.28 16.31 -64.67
CA ALA D 437 -13.64 17.09 -63.48
C ALA D 437 -12.69 16.79 -62.33
N GLY D 438 -11.42 17.12 -62.54
CA GLY D 438 -10.43 16.99 -61.50
C GLY D 438 -10.03 15.62 -61.00
N SER D 439 -10.60 15.19 -59.86
CA SER D 439 -10.29 13.89 -59.29
C SER D 439 -11.08 12.81 -60.03
N ASN D 440 -10.45 12.28 -61.07
CA ASN D 440 -10.97 11.16 -61.85
C ASN D 440 -9.88 10.11 -62.02
N ASP D 441 -9.32 9.68 -60.91
CA ASP D 441 -8.04 8.98 -60.81
C ASP D 441 -7.99 7.69 -61.57
N VAL D 442 -9.04 7.25 -62.24
CA VAL D 442 -8.95 6.14 -63.18
C VAL D 442 -9.18 6.60 -64.61
N GLY D 443 -9.42 7.89 -64.82
CA GLY D 443 -9.62 8.41 -66.15
C GLY D 443 -10.79 7.82 -66.90
N TYR D 444 -11.91 7.58 -66.21
CA TYR D 444 -13.08 7.00 -66.85
C TYR D 444 -13.62 7.96 -67.89
N ILE D 445 -13.74 7.50 -69.13
CA ILE D 445 -14.23 8.32 -70.23
C ILE D 445 -15.52 7.72 -70.76
N ASN D 446 -16.61 8.46 -70.62
CA ASN D 446 -17.88 8.06 -71.21
C ASN D 446 -18.75 9.29 -71.43
N PRO D 447 -18.62 9.94 -72.59
CA PRO D 447 -19.49 11.08 -72.88
C PRO D 447 -20.97 10.73 -72.83
N GLU D 448 -21.33 9.48 -73.12
CA GLU D 448 -22.72 9.06 -72.93
C GLU D 448 -23.15 9.23 -71.48
N PHE D 449 -22.31 8.76 -70.55
CA PHE D 449 -22.62 8.89 -69.13
C PHE D 449 -22.64 10.35 -68.69
N ASP D 450 -21.70 11.15 -69.19
CA ASP D 450 -21.69 12.56 -68.83
C ASP D 450 -22.93 13.27 -69.38
N ALA D 451 -23.39 12.88 -70.56
CA ALA D 451 -24.63 13.43 -71.10
C ALA D 451 -25.82 12.99 -70.26
N ALA D 452 -25.79 11.76 -69.76
CA ALA D 452 -26.85 11.31 -68.86
C ALA D 452 -26.90 12.19 -67.61
N LEU D 453 -25.75 12.45 -67.00
CA LEU D 453 -25.71 13.36 -65.86
C LEU D 453 -26.20 14.76 -66.22
N ALA D 454 -25.79 15.26 -67.38
CA ALA D 454 -26.21 16.59 -67.80
C ALA D 454 -27.72 16.67 -67.93
N ALA D 455 -28.31 15.68 -68.61
CA ALA D 455 -29.76 15.64 -68.74
C ALA D 455 -30.44 15.47 -67.39
N ALA D 456 -29.82 14.72 -66.48
CA ALA D 456 -30.39 14.55 -65.15
C ALA D 456 -30.45 15.87 -64.40
N GLU D 457 -29.36 16.62 -64.42
CA GLU D 457 -29.40 17.95 -63.81
C GLU D 457 -30.33 18.88 -64.56
N ALA D 458 -30.54 18.63 -65.84
CA ALA D 458 -31.50 19.39 -66.64
C ALA D 458 -32.91 18.83 -66.47
N ALA D 459 -33.47 19.06 -65.28
CA ALA D 459 -34.81 18.58 -65.01
C ALA D 459 -35.65 19.69 -64.37
N PRO D 460 -36.96 19.72 -64.65
CA PRO D 460 -37.79 20.77 -64.03
C PRO D 460 -38.02 20.56 -62.55
N THR D 461 -38.33 19.34 -62.13
CA THR D 461 -38.62 19.03 -60.74
C THR D 461 -37.48 18.21 -60.15
N LEU D 462 -37.57 17.93 -58.85
CA LEU D 462 -36.48 17.31 -58.12
C LEU D 462 -36.62 15.79 -58.03
N THR D 463 -37.84 15.29 -57.87
CA THR D 463 -38.05 13.85 -57.89
C THR D 463 -37.73 13.24 -59.25
N GLU D 464 -38.11 13.94 -60.33
CA GLU D 464 -37.74 13.49 -61.67
C GLU D 464 -36.23 13.38 -61.81
N SER D 465 -35.50 14.39 -61.35
CA SER D 465 -34.04 14.32 -61.40
C SER D 465 -33.52 13.17 -60.55
N HIS D 466 -34.20 12.92 -59.45
CA HIS D 466 -33.78 11.75 -58.67
C HIS D 466 -33.83 10.58 -59.64
N GLU D 467 -35.03 10.28 -60.13
CA GLU D 467 -35.22 9.10 -60.97
C GLU D 467 -34.18 9.06 -62.09
N LEU D 468 -33.88 10.21 -62.67
CA LEU D 468 -32.94 10.27 -63.78
C LEU D 468 -31.53 9.89 -63.31
N VAL D 469 -31.12 10.37 -62.15
CA VAL D 469 -29.80 10.00 -61.65
C VAL D 469 -29.78 8.54 -61.24
N ASN D 470 -30.92 8.00 -60.82
CA ASN D 470 -30.98 6.56 -60.55
C ASN D 470 -30.74 5.76 -61.82
N ASP D 471 -31.41 6.12 -62.91
CA ASP D 471 -31.20 5.40 -64.16
C ASP D 471 -29.79 5.61 -64.70
N ALA D 472 -29.25 6.82 -64.57
CA ALA D 472 -27.87 7.06 -64.94
C ALA D 472 -26.91 6.21 -64.13
N GLN D 473 -27.15 6.06 -62.84
CA GLN D 473 -26.35 5.17 -62.01
C GLN D 473 -26.44 3.74 -62.50
N ARG D 474 -27.65 3.30 -62.85
CA ARG D 474 -27.81 1.96 -63.42
C ARG D 474 -26.98 1.80 -64.68
N ILE D 475 -26.88 2.87 -65.47
CA ILE D 475 -26.05 2.84 -66.67
C ILE D 475 -24.59 2.58 -66.32
N LEU D 476 -24.12 3.07 -65.18
CA LEU D 476 -22.74 2.81 -64.78
C LEU D 476 -22.48 1.34 -64.51
N PHE D 477 -23.49 0.60 -64.03
CA PHE D 477 -23.28 -0.81 -63.72
C PHE D 477 -22.70 -1.58 -64.89
N HIS D 478 -22.94 -1.12 -66.12
CA HIS D 478 -22.36 -1.79 -67.27
C HIS D 478 -20.85 -1.57 -67.37
N ASP D 479 -20.31 -0.59 -66.64
CA ASP D 479 -18.85 -0.32 -66.75
C ASP D 479 -18.12 -0.54 -65.42
N MET D 480 -18.64 0.05 -64.33
CA MET D 480 -18.00 -0.02 -63.02
C MET D 480 -16.52 0.37 -63.14
N PRO D 481 -16.22 1.64 -63.35
CA PRO D 481 -14.81 2.06 -63.39
C PRO D 481 -14.11 1.76 -62.07
N VAL D 482 -14.82 1.90 -60.97
CA VAL D 482 -14.32 1.53 -59.65
C VAL D 482 -15.29 0.56 -59.02
N VAL D 483 -14.83 -0.10 -57.97
CA VAL D 483 -15.63 -1.09 -57.25
C VAL D 483 -15.98 -0.53 -55.88
N PRO D 484 -17.26 -0.32 -55.58
CA PRO D 484 -17.62 0.13 -54.23
C PRO D 484 -17.46 -0.98 -53.21
N LEU D 485 -17.21 -0.62 -51.96
CA LEU D 485 -17.10 -1.60 -50.90
C LEU D 485 -18.22 -1.44 -49.87
N TRP D 486 -18.35 -0.26 -49.30
CA TRP D 486 -19.36 -0.04 -48.28
C TRP D 486 -19.42 1.43 -47.92
N ASP D 487 -20.42 1.79 -47.12
CA ASP D 487 -20.59 3.12 -46.59
C ASP D 487 -20.29 3.13 -45.10
N TYR D 488 -20.19 4.32 -44.54
CA TYR D 488 -19.90 4.45 -43.13
C TYR D 488 -21.18 4.46 -42.31
N ILE D 489 -21.07 4.00 -41.07
CA ILE D 489 -22.12 4.09 -40.07
C ILE D 489 -21.48 4.44 -38.75
N SER D 490 -21.81 5.61 -38.21
CA SER D 490 -21.17 6.10 -37.01
C SER D 490 -21.97 5.70 -35.77
N VAL D 491 -21.29 5.73 -34.63
CA VAL D 491 -21.89 5.45 -33.34
C VAL D 491 -21.42 6.51 -32.35
N VAL D 492 -22.36 7.11 -31.63
CA VAL D 492 -22.09 8.26 -30.78
C VAL D 492 -22.56 7.94 -29.37
N GLY D 493 -21.73 8.25 -28.38
CA GLY D 493 -22.08 7.98 -27.00
C GLY D 493 -22.07 9.20 -26.11
N TRP D 494 -23.22 9.53 -25.53
CA TRP D 494 -23.34 10.62 -24.60
C TRP D 494 -23.21 10.07 -23.18
N SER D 495 -22.80 10.93 -22.24
CA SER D 495 -22.27 10.37 -21.02
C SER D 495 -23.30 10.14 -19.92
N SER D 496 -23.79 11.20 -19.28
CA SER D 496 -24.77 10.99 -18.22
C SER D 496 -25.83 12.09 -18.14
N GLN D 497 -25.55 13.25 -18.72
CA GLN D 497 -26.38 14.41 -18.47
C GLN D 497 -26.99 14.99 -19.74
N VAL D 498 -26.20 15.12 -20.80
CA VAL D 498 -26.80 15.50 -22.08
C VAL D 498 -27.69 14.40 -22.66
N SER D 499 -28.87 14.79 -23.12
CA SER D 499 -29.97 13.87 -23.35
C SER D 499 -30.60 13.90 -24.74
N ASN D 500 -30.27 14.87 -25.58
CA ASN D 500 -30.99 15.06 -26.83
C ASN D 500 -30.03 15.04 -28.01
N VAL D 501 -29.15 14.07 -28.04
CA VAL D 501 -28.19 13.92 -29.13
C VAL D 501 -28.83 13.15 -30.27
N THR D 502 -28.44 13.48 -31.50
CA THR D 502 -28.85 12.72 -32.67
C THR D 502 -27.78 12.84 -33.74
N VAL D 503 -27.46 11.70 -34.35
CA VAL D 503 -26.54 11.64 -35.49
C VAL D 503 -27.28 12.17 -36.70
N THR D 504 -26.78 13.27 -37.29
CA THR D 504 -27.63 13.97 -38.24
C THR D 504 -27.63 13.34 -39.62
N TRP D 505 -26.54 13.49 -40.37
CA TRP D 505 -26.47 12.82 -41.66
C TRP D 505 -25.06 12.37 -41.99
N ASN D 506 -24.07 12.85 -41.25
CA ASN D 506 -22.68 12.53 -41.52
C ASN D 506 -21.84 12.02 -40.35
N GLY D 507 -22.48 11.70 -39.23
CA GLY D 507 -21.78 11.33 -38.02
C GLY D 507 -21.73 12.41 -36.96
N LEU D 508 -21.61 13.66 -37.34
CA LEU D 508 -21.59 14.73 -36.37
C LEU D 508 -22.94 14.84 -35.67
N PRO D 509 -22.97 14.75 -34.35
CA PRO D 509 -24.23 14.92 -33.63
C PRO D 509 -24.75 16.34 -33.76
N ASP D 510 -26.02 16.55 -33.46
CA ASP D 510 -26.64 17.87 -33.60
C ASP D 510 -26.17 18.74 -32.43
N TYR D 511 -24.98 19.31 -32.59
CA TYR D 511 -24.36 20.06 -31.50
C TYR D 511 -25.21 21.27 -31.09
N GLU D 512 -26.19 21.64 -31.90
CA GLU D 512 -26.93 22.87 -31.64
C GLU D 512 -27.99 22.68 -30.56
N ASN D 513 -28.62 21.51 -30.48
CA ASN D 513 -29.75 21.28 -29.58
C ASN D 513 -29.56 20.21 -28.52
N ILE D 514 -28.31 19.97 -28.14
CA ILE D 514 -28.00 18.96 -27.14
C ILE D 514 -28.16 19.64 -25.79
N VAL D 515 -29.24 19.29 -25.09
CA VAL D 515 -29.56 19.93 -23.82
C VAL D 515 -28.83 19.23 -22.70
N LYS D 516 -28.16 20.01 -21.85
CA LYS D 516 -27.47 19.48 -20.68
C LYS D 516 -28.13 20.03 -19.43
N ALA D 517 -28.65 19.12 -18.60
CA ALA D 517 -29.29 19.51 -17.36
C ALA D 517 -28.40 19.19 -16.16
PG ATP E . 17.44 -3.82 44.89
O1G ATP E . 16.39 -3.40 45.89
O2G ATP E . 16.85 -4.21 43.56
O3G ATP E . 18.38 -4.87 45.45
PB ATP E . 18.01 -0.95 44.57
O1B ATP E . 16.78 -0.71 45.37
O2B ATP E . 19.26 -0.19 44.88
O3B ATP E . 18.35 -2.52 44.61
PA ATP E . 16.47 -0.01 42.25
O1A ATP E . 16.44 -0.48 40.83
O2A ATP E . 15.23 -0.14 43.08
O3A ATP E . 17.68 -0.76 43.02
O5' ATP E . 16.98 1.51 42.31
C5' ATP E . 17.43 2.05 43.57
C4' ATP E . 16.40 3.02 44.09
O4' ATP E . 16.80 4.38 43.74
C3' ATP E . 14.99 2.85 43.54
O3' ATP E . 14.18 2.05 44.41
C2' ATP E . 14.47 4.30 43.49
O2' ATP E . 13.98 4.76 44.72
C1' ATP E . 15.75 5.03 43.08
N9 ATP E . 16.02 5.01 41.64
C8 ATP E . 16.73 4.08 40.94
N7 ATP E . 16.79 4.35 39.66
C5 ATP E . 16.05 5.51 39.51
C6 ATP E . 15.73 6.31 38.39
N6 ATP E . 16.13 6.03 37.15
N1 ATP E . 14.98 7.41 38.61
C2 ATP E . 14.58 7.68 39.86
N3 ATP E . 14.82 7.02 40.98
C4 ATP E . 15.57 5.93 40.73
PG ATP F . 10.06 -24.55 41.52
O1G ATP F . 8.73 -24.91 42.12
O2G ATP F . 11.26 -25.05 42.30
O3G ATP F . 10.17 -23.13 41.03
PB ATP F . 9.13 -25.04 38.95
O1B ATP F . 7.79 -24.64 39.51
O2B ATP F . 9.85 -24.10 38.01
O3B ATP F . 10.11 -25.41 40.16
PA ATP F . 8.63 -27.77 39.10
O1A ATP F . 7.27 -27.58 39.71
O2A ATP F . 9.81 -28.14 39.97
O3A ATP F . 8.99 -26.46 38.24
O5' ATP F . 8.54 -28.85 37.91
C5' ATP F . 8.33 -28.38 36.59
C4' ATP F . 9.06 -29.27 35.60
O4' ATP F . 8.13 -29.72 34.61
C3' ATP F . 10.15 -28.50 34.89
O3' ATP F . 11.42 -29.10 35.17
C2' ATP F . 9.86 -28.61 33.41
O2' ATP F . 10.97 -29.19 32.73
C1' ATP F . 8.64 -29.51 33.29
N9 ATP F . 7.60 -28.84 32.47
C8 ATP F . 6.63 -28.06 32.95
N7 ATP F . 5.84 -27.59 31.94
C5 ATP F . 6.32 -28.09 30.79
C6 ATP F . 5.95 -28.00 29.36
N6 ATP F . 4.89 -27.26 28.96
N1 ATP F . 6.71 -28.67 28.48
C2 ATP F . 7.77 -29.41 28.87
N3 ATP F . 8.15 -29.54 30.15
C4 ATP F . 7.48 -28.91 31.14
#